data_2EDR
#
_entry.id   2EDR
#
_entity_poly.entity_id   1
_entity_poly.type   'polypeptide(L)'
_entity_poly.pdbx_seq_one_letter_code
;GSSGSSGPAHFIGRLRHQESIEGATATLRCELSKAAPVEWRKGRESLRDGDRHSLRQDGAVCELQICGLAVADAGEYSCV
CGEERTSATLTVKALPSGPSSG
;
_entity_poly.pdbx_strand_id   A
#
# COMPACT_ATOMS: atom_id res chain seq x y z
N GLY A 1 -32.33 2.70 0.27
CA GLY A 1 -33.11 2.90 -0.95
C GLY A 1 -33.71 4.28 -1.02
N SER A 2 -32.86 5.30 -0.96
CA SER A 2 -33.32 6.69 -1.01
C SER A 2 -32.84 7.37 -2.29
N SER A 3 -33.50 8.45 -2.67
CA SER A 3 -33.14 9.20 -3.87
C SER A 3 -31.63 9.45 -3.92
N GLY A 4 -31.13 9.70 -5.13
CA GLY A 4 -29.70 9.95 -5.29
C GLY A 4 -28.87 8.73 -4.97
N SER A 5 -27.60 8.96 -4.62
CA SER A 5 -26.68 7.87 -4.29
C SER A 5 -25.67 8.31 -3.24
N SER A 6 -24.86 7.36 -2.79
CA SER A 6 -23.84 7.65 -1.77
C SER A 6 -22.48 7.89 -2.42
N GLY A 7 -22.07 6.95 -3.27
CA GLY A 7 -20.79 7.07 -3.94
C GLY A 7 -19.90 5.85 -3.73
N PRO A 8 -18.60 6.01 -3.97
CA PRO A 8 -17.62 4.93 -3.82
C PRO A 8 -17.40 4.55 -2.35
N ALA A 9 -16.52 3.59 -2.13
CA ALA A 9 -16.22 3.14 -0.77
C ALA A 9 -15.31 4.14 -0.06
N HIS A 10 -15.78 4.63 1.09
CA HIS A 10 -15.02 5.59 1.87
C HIS A 10 -14.04 4.88 2.80
N PHE A 11 -12.75 5.06 2.55
CA PHE A 11 -11.71 4.45 3.37
C PHE A 11 -12.06 4.54 4.86
N ILE A 12 -12.35 3.40 5.46
CA ILE A 12 -12.70 3.36 6.89
C ILE A 12 -11.47 3.04 7.74
N GLY A 13 -10.59 2.20 7.20
CA GLY A 13 -9.39 1.83 7.93
C GLY A 13 -8.12 2.31 7.24
N ARG A 14 -7.99 3.62 7.10
CA ARG A 14 -6.82 4.20 6.45
C ARG A 14 -5.56 3.41 6.79
N LEU A 15 -4.58 3.45 5.89
CA LEU A 15 -3.34 2.72 6.09
C LEU A 15 -2.70 3.11 7.43
N ARG A 16 -1.52 2.56 7.69
CA ARG A 16 -0.81 2.84 8.93
C ARG A 16 0.70 2.73 8.74
N HIS A 17 1.41 3.83 8.98
CA HIS A 17 2.86 3.85 8.83
C HIS A 17 3.47 2.51 9.22
N GLN A 18 4.00 1.79 8.23
CA GLN A 18 4.61 0.48 8.48
C GLN A 18 6.10 0.53 8.19
N GLU A 19 6.87 -0.25 8.95
CA GLU A 19 8.31 -0.30 8.78
C GLU A 19 8.76 -1.69 8.34
N SER A 20 9.39 -1.76 7.17
CA SER A 20 9.86 -3.03 6.64
C SER A 20 11.38 -3.05 6.56
N ILE A 21 11.93 -4.15 6.04
CA ILE A 21 13.38 -4.30 5.91
C ILE A 21 13.80 -4.24 4.45
N GLU A 22 15.01 -3.73 4.22
CA GLU A 22 15.54 -3.62 2.86
C GLU A 22 15.74 -4.99 2.23
N GLY A 23 15.30 -5.14 0.98
CA GLY A 23 15.43 -6.42 0.30
C GLY A 23 14.23 -7.32 0.51
N ALA A 24 13.57 -7.15 1.66
CA ALA A 24 12.41 -7.97 1.98
C ALA A 24 11.21 -7.58 1.12
N THR A 25 10.06 -8.18 1.40
CA THR A 25 8.84 -7.89 0.65
C THR A 25 7.80 -7.21 1.53
N ALA A 26 7.63 -5.91 1.33
CA ALA A 26 6.66 -5.14 2.10
C ALA A 26 5.23 -5.55 1.76
N THR A 27 4.36 -5.51 2.76
CA THR A 27 2.96 -5.87 2.56
C THR A 27 2.03 -4.93 3.33
N LEU A 28 1.30 -4.10 2.58
CA LEU A 28 0.37 -3.16 3.19
C LEU A 28 -1.04 -3.73 3.21
N ARG A 29 -1.90 -3.13 4.04
CA ARG A 29 -3.28 -3.57 4.16
C ARG A 29 -4.19 -2.41 4.57
N CYS A 30 -5.39 -2.38 3.99
CA CYS A 30 -6.35 -1.33 4.29
C CYS A 30 -7.78 -1.86 4.22
N GLU A 31 -8.74 -0.99 4.52
CA GLU A 31 -10.15 -1.38 4.50
C GLU A 31 -10.99 -0.32 3.79
N LEU A 32 -12.05 -0.77 3.14
CA LEU A 32 -12.95 0.14 2.42
C LEU A 32 -14.39 -0.07 2.84
N SER A 33 -15.17 1.02 2.84
CA SER A 33 -16.57 0.95 3.22
C SER A 33 -17.27 -0.25 2.56
N LYS A 34 -16.69 -0.72 1.47
CA LYS A 34 -17.24 -1.86 0.74
C LYS A 34 -16.32 -2.29 -0.38
N ALA A 35 -16.24 -3.60 -0.62
CA ALA A 35 -15.38 -4.14 -1.68
C ALA A 35 -15.40 -3.25 -2.90
N ALA A 36 -14.27 -2.62 -3.19
CA ALA A 36 -14.16 -1.73 -4.34
C ALA A 36 -12.73 -1.69 -4.88
N PRO A 37 -12.59 -1.42 -6.18
CA PRO A 37 -11.28 -1.36 -6.84
C PRO A 37 -10.47 -0.14 -6.40
N VAL A 38 -9.18 -0.35 -6.17
CA VAL A 38 -8.30 0.73 -5.74
C VAL A 38 -6.99 0.71 -6.53
N GLU A 39 -6.15 1.72 -6.29
CA GLU A 39 -4.88 1.82 -6.99
C GLU A 39 -3.81 2.43 -6.07
N TRP A 40 -2.87 1.60 -5.62
CA TRP A 40 -1.80 2.06 -4.74
C TRP A 40 -0.82 2.95 -5.50
N ARG A 41 -0.18 3.87 -4.78
CA ARG A 41 0.77 4.79 -5.38
C ARG A 41 1.97 4.99 -4.47
N LYS A 42 3.16 4.74 -5.00
CA LYS A 42 4.39 4.91 -4.23
C LYS A 42 5.08 6.23 -4.58
N GLY A 43 4.73 7.28 -3.85
CA GLY A 43 5.33 8.58 -4.10
C GLY A 43 5.20 9.01 -5.54
N ARG A 44 4.22 9.88 -5.82
CA ARG A 44 3.99 10.37 -7.18
C ARG A 44 4.17 9.24 -8.20
N GLU A 45 3.82 8.02 -7.80
CA GLU A 45 3.96 6.87 -8.69
C GLU A 45 2.67 6.06 -8.71
N SER A 46 2.53 5.20 -9.73
CA SER A 46 1.34 4.37 -9.86
C SER A 46 1.69 2.90 -9.70
N LEU A 47 1.09 2.26 -8.71
CA LEU A 47 1.33 0.85 -8.44
C LEU A 47 0.19 -0.02 -8.97
N ARG A 48 0.51 -0.91 -9.90
CA ARG A 48 -0.49 -1.79 -10.48
C ARG A 48 0.01 -3.23 -10.51
N ASP A 49 -0.93 -4.18 -10.49
CA ASP A 49 -0.58 -5.59 -10.52
C ASP A 49 0.16 -5.96 -11.81
N GLY A 50 1.36 -6.52 -11.66
CA GLY A 50 2.15 -6.89 -12.82
C GLY A 50 3.22 -7.91 -12.48
N ASP A 51 4.48 -7.53 -12.68
CA ASP A 51 5.59 -8.42 -12.40
C ASP A 51 5.63 -8.79 -10.92
N ARG A 52 5.98 -7.82 -10.08
CA ARG A 52 6.06 -8.04 -8.64
C ARG A 52 4.89 -7.38 -7.92
N HIS A 53 4.49 -6.21 -8.41
CA HIS A 53 3.39 -5.47 -7.81
C HIS A 53 2.19 -6.39 -7.57
N SER A 54 1.82 -6.57 -6.31
CA SER A 54 0.70 -7.41 -5.94
C SER A 54 -0.40 -6.61 -5.26
N LEU A 55 -1.57 -6.59 -5.89
CA LEU A 55 -2.71 -5.86 -5.34
C LEU A 55 -3.89 -6.79 -5.08
N ARG A 56 -3.65 -7.82 -4.28
CA ARG A 56 -4.69 -8.79 -3.95
C ARG A 56 -5.75 -8.15 -3.05
N GLN A 57 -7.01 -8.51 -3.29
CA GLN A 57 -8.12 -7.99 -2.50
C GLN A 57 -8.91 -9.11 -1.85
N ASP A 58 -9.41 -8.85 -0.64
CA ASP A 58 -10.19 -9.85 0.09
C ASP A 58 -11.44 -9.22 0.67
N GLY A 59 -12.38 -8.86 -0.21
CA GLY A 59 -13.62 -8.26 0.24
C GLY A 59 -13.39 -7.02 1.09
N ALA A 60 -13.55 -5.84 0.49
CA ALA A 60 -13.36 -4.58 1.19
C ALA A 60 -12.03 -4.57 1.93
N VAL A 61 -11.03 -5.23 1.36
CA VAL A 61 -9.70 -5.29 1.97
C VAL A 61 -8.62 -5.40 0.91
N CYS A 62 -7.86 -4.32 0.73
CA CYS A 62 -6.79 -4.29 -0.26
C CYS A 62 -5.43 -4.51 0.41
N GLU A 63 -4.52 -5.15 -0.30
CA GLU A 63 -3.19 -5.43 0.22
C GLU A 63 -2.13 -5.30 -0.87
N LEU A 64 -1.21 -4.36 -0.69
CA LEU A 64 -0.15 -4.14 -1.67
C LEU A 64 1.14 -4.85 -1.25
N GLN A 65 1.62 -5.75 -2.10
CA GLN A 65 2.84 -6.50 -1.81
C GLN A 65 3.94 -6.13 -2.81
N ILE A 66 5.00 -5.49 -2.30
CA ILE A 66 6.11 -5.10 -3.14
C ILE A 66 7.37 -5.87 -2.79
N CYS A 67 7.78 -6.77 -3.69
CA CYS A 67 8.97 -7.58 -3.48
C CYS A 67 10.24 -6.79 -3.80
N GLY A 68 11.36 -7.22 -3.23
CA GLY A 68 12.61 -6.54 -3.47
C GLY A 68 12.63 -5.12 -2.92
N LEU A 69 12.29 -4.99 -1.64
CA LEU A 69 12.26 -3.68 -0.99
C LEU A 69 13.59 -2.97 -1.13
N ALA A 70 13.61 -1.68 -0.83
CA ALA A 70 14.83 -0.88 -0.92
C ALA A 70 14.71 0.40 -0.09
N VAL A 71 15.71 0.64 0.75
CA VAL A 71 15.73 1.83 1.60
C VAL A 71 15.26 3.06 0.82
N ALA A 72 15.47 3.04 -0.48
CA ALA A 72 15.06 4.15 -1.35
C ALA A 72 13.56 4.14 -1.57
N ASP A 73 12.98 2.96 -1.72
CA ASP A 73 11.55 2.82 -1.95
C ASP A 73 10.76 3.54 -0.87
N ALA A 74 11.31 3.58 0.34
CA ALA A 74 10.66 4.24 1.46
C ALA A 74 10.22 5.65 1.09
N GLY A 75 9.08 6.08 1.63
CA GLY A 75 8.57 7.40 1.33
C GLY A 75 7.16 7.60 1.84
N GLU A 76 6.19 7.33 0.97
CA GLU A 76 4.78 7.48 1.34
C GLU A 76 3.87 6.84 0.28
N TYR A 77 3.20 5.77 0.67
CA TYR A 77 2.30 5.06 -0.25
C TYR A 77 0.85 5.50 -0.03
N SER A 78 0.12 5.65 -1.12
CA SER A 78 -1.28 6.06 -1.05
C SER A 78 -2.16 5.08 -1.80
N CYS A 79 -3.41 4.95 -1.35
CA CYS A 79 -4.37 4.04 -1.97
C CYS A 79 -5.59 4.80 -2.48
N VAL A 80 -5.69 4.93 -3.80
CA VAL A 80 -6.81 5.65 -4.41
C VAL A 80 -7.91 4.67 -4.83
N CYS A 81 -9.11 4.90 -4.33
CA CYS A 81 -10.26 4.04 -4.66
C CYS A 81 -11.22 4.75 -5.60
N GLY A 82 -11.27 6.08 -5.49
CA GLY A 82 -12.16 6.87 -6.34
C GLY A 82 -12.13 8.34 -5.99
N GLU A 83 -12.91 8.72 -4.98
CA GLU A 83 -12.98 10.12 -4.56
C GLU A 83 -12.06 10.37 -3.36
N GLU A 84 -11.93 9.35 -2.51
CA GLU A 84 -11.08 9.47 -1.33
C GLU A 84 -9.81 8.63 -1.48
N ARG A 85 -8.81 8.93 -0.67
CA ARG A 85 -7.55 8.20 -0.72
C ARG A 85 -6.77 8.36 0.59
N THR A 86 -6.09 7.30 1.00
CA THR A 86 -5.31 7.32 2.24
C THR A 86 -3.84 7.09 1.96
N SER A 87 -2.98 7.72 2.76
CA SER A 87 -1.54 7.58 2.60
C SER A 87 -0.89 7.13 3.91
N ALA A 88 0.17 6.35 3.80
CA ALA A 88 0.89 5.85 4.96
C ALA A 88 2.39 5.82 4.72
N THR A 89 3.14 6.57 5.52
CA THR A 89 4.58 6.63 5.39
C THR A 89 5.22 5.26 5.63
N LEU A 90 6.01 4.81 4.67
CA LEU A 90 6.67 3.51 4.77
C LEU A 90 8.15 3.68 5.10
N THR A 91 8.59 3.05 6.18
CA THR A 91 9.99 3.13 6.60
C THR A 91 10.73 1.84 6.30
N VAL A 92 11.83 1.96 5.55
CA VAL A 92 12.63 0.79 5.19
C VAL A 92 13.89 0.71 6.05
N LYS A 93 14.22 -0.51 6.47
CA LYS A 93 15.40 -0.73 7.29
C LYS A 93 16.53 -1.35 6.48
N ALA A 94 17.74 -1.31 7.02
CA ALA A 94 18.91 -1.87 6.34
C ALA A 94 19.16 -3.30 6.79
N LEU A 95 19.00 -4.24 5.86
CA LEU A 95 19.22 -5.65 6.15
C LEU A 95 20.67 -5.91 6.56
N PRO A 96 20.87 -6.84 7.51
CA PRO A 96 22.19 -7.20 8.00
C PRO A 96 23.01 -7.96 6.95
N SER A 97 23.80 -7.22 6.18
CA SER A 97 24.63 -7.82 5.14
C SER A 97 26.02 -8.16 5.68
N GLY A 98 26.07 -8.69 6.90
CA GLY A 98 27.33 -9.05 7.51
C GLY A 98 27.59 -10.55 7.47
N PRO A 99 28.81 -10.93 7.10
CA PRO A 99 29.22 -12.34 7.03
C PRO A 99 29.32 -12.99 8.40
N SER A 100 28.55 -14.07 8.60
CA SER A 100 28.57 -14.78 9.87
C SER A 100 29.99 -15.10 10.30
N SER A 101 30.17 -15.26 11.61
CA SER A 101 31.49 -15.58 12.16
C SER A 101 31.59 -17.05 12.55
N GLY A 102 32.77 -17.63 12.36
CA GLY A 102 32.98 -19.03 12.69
C GLY A 102 34.21 -19.24 13.55
N GLY A 1 -28.32 13.65 9.27
CA GLY A 1 -28.02 13.35 7.89
C GLY A 1 -26.55 13.10 7.64
N SER A 2 -26.24 12.00 6.97
CA SER A 2 -24.86 11.65 6.67
C SER A 2 -24.50 12.00 5.22
N SER A 3 -23.29 12.49 5.02
CA SER A 3 -22.83 12.86 3.69
C SER A 3 -22.23 11.66 2.96
N GLY A 4 -22.92 11.22 1.92
CA GLY A 4 -22.45 10.08 1.15
C GLY A 4 -23.39 9.70 0.03
N SER A 5 -23.48 10.56 -0.98
CA SER A 5 -24.36 10.31 -2.12
C SER A 5 -23.56 10.15 -3.40
N SER A 6 -24.02 9.24 -4.26
CA SER A 6 -23.33 8.99 -5.52
C SER A 6 -21.82 8.99 -5.35
N GLY A 7 -21.36 8.45 -4.21
CA GLY A 7 -19.94 8.40 -3.92
C GLY A 7 -19.43 6.98 -3.79
N PRO A 8 -18.16 6.77 -4.17
CA PRO A 8 -17.52 5.45 -4.10
C PRO A 8 -17.27 5.00 -2.66
N ALA A 9 -16.72 3.80 -2.51
CA ALA A 9 -16.42 3.27 -1.18
C ALA A 9 -15.44 4.15 -0.43
N HIS A 10 -15.87 4.67 0.72
CA HIS A 10 -15.03 5.54 1.54
C HIS A 10 -14.08 4.71 2.40
N PHE A 11 -12.86 5.22 2.58
CA PHE A 11 -11.85 4.53 3.38
C PHE A 11 -12.24 4.54 4.86
N ILE A 12 -12.57 3.37 5.38
CA ILE A 12 -12.96 3.24 6.78
C ILE A 12 -11.77 2.81 7.64
N GLY A 13 -10.83 2.09 7.03
CA GLY A 13 -9.66 1.64 7.75
C GLY A 13 -8.37 2.15 7.15
N ARG A 14 -8.20 3.47 7.16
CA ARG A 14 -7.01 4.09 6.60
C ARG A 14 -5.78 3.23 6.86
N LEU A 15 -4.82 3.28 5.94
CA LEU A 15 -3.60 2.50 6.07
C LEU A 15 -2.94 2.74 7.43
N ARG A 16 -1.77 2.14 7.63
CA ARG A 16 -1.04 2.29 8.88
C ARG A 16 0.47 2.24 8.65
N HIS A 17 1.16 3.30 9.04
CA HIS A 17 2.60 3.38 8.86
C HIS A 17 3.26 2.06 9.25
N GLN A 18 3.98 1.46 8.31
CA GLN A 18 4.66 0.19 8.54
C GLN A 18 6.15 0.32 8.25
N GLU A 19 6.95 -0.46 8.99
CA GLU A 19 8.41 -0.44 8.81
C GLU A 19 8.91 -1.76 8.24
N SER A 20 9.67 -1.68 7.16
CA SER A 20 10.21 -2.88 6.51
C SER A 20 11.73 -2.81 6.45
N ILE A 21 12.34 -3.81 5.80
CA ILE A 21 13.78 -3.87 5.67
C ILE A 21 14.19 -4.02 4.21
N GLU A 22 15.27 -3.34 3.84
CA GLU A 22 15.77 -3.39 2.47
C GLU A 22 15.94 -4.84 2.01
N GLY A 23 15.33 -5.17 0.87
CA GLY A 23 15.42 -6.52 0.35
C GLY A 23 14.22 -7.37 0.71
N ALA A 24 13.76 -7.24 1.95
CA ALA A 24 12.60 -8.00 2.42
C ALA A 24 11.40 -7.76 1.53
N THR A 25 10.25 -8.33 1.92
CA THR A 25 9.02 -8.18 1.15
C THR A 25 7.96 -7.46 1.97
N ALA A 26 7.71 -6.20 1.61
CA ALA A 26 6.70 -5.40 2.30
C ALA A 26 5.30 -5.87 1.97
N THR A 27 4.33 -5.47 2.80
CA THR A 27 2.94 -5.86 2.60
C THR A 27 1.99 -4.92 3.33
N LEU A 28 1.30 -4.08 2.58
CA LEU A 28 0.36 -3.13 3.15
C LEU A 28 -1.07 -3.68 3.13
N ARG A 29 -1.95 -3.08 3.93
CA ARG A 29 -3.34 -3.51 4.00
C ARG A 29 -4.24 -2.36 4.43
N CYS A 30 -5.41 -2.26 3.79
CA CYS A 30 -6.36 -1.20 4.12
C CYS A 30 -7.79 -1.74 4.10
N GLU A 31 -8.75 -0.85 4.35
CA GLU A 31 -10.16 -1.24 4.35
C GLU A 31 -11.00 -0.23 3.58
N LEU A 32 -12.16 -0.67 3.11
CA LEU A 32 -13.05 0.20 2.35
C LEU A 32 -14.51 0.01 2.81
N SER A 33 -15.31 1.06 2.64
CA SER A 33 -16.71 1.02 3.04
C SER A 33 -17.43 -0.16 2.39
N LYS A 34 -16.89 -0.62 1.26
CA LYS A 34 -17.48 -1.74 0.53
C LYS A 34 -16.55 -2.21 -0.59
N ALA A 35 -16.52 -3.51 -0.82
CA ALA A 35 -15.68 -4.09 -1.87
C ALA A 35 -15.64 -3.19 -3.10
N ALA A 36 -14.54 -2.47 -3.26
CA ALA A 36 -14.38 -1.58 -4.41
C ALA A 36 -12.93 -1.55 -4.89
N PRO A 37 -12.75 -1.26 -6.18
CA PRO A 37 -11.42 -1.20 -6.80
C PRO A 37 -10.61 -0.01 -6.32
N VAL A 38 -9.33 -0.24 -6.03
CA VAL A 38 -8.44 0.82 -5.56
C VAL A 38 -7.20 0.92 -6.44
N GLU A 39 -6.30 1.83 -6.06
CA GLU A 39 -5.06 2.02 -6.82
C GLU A 39 -3.98 2.64 -5.93
N TRP A 40 -3.00 1.82 -5.56
CA TRP A 40 -1.90 2.28 -4.72
C TRP A 40 -1.01 3.27 -5.47
N ARG A 41 -0.41 4.19 -4.72
CA ARG A 41 0.48 5.19 -5.32
C ARG A 41 1.70 5.42 -4.45
N LYS A 42 2.88 5.16 -5.00
CA LYS A 42 4.13 5.35 -4.27
C LYS A 42 4.76 6.69 -4.61
N GLY A 43 4.36 7.74 -3.88
CA GLY A 43 4.90 9.06 -4.12
C GLY A 43 4.63 9.55 -5.54
N ARG A 44 3.62 10.40 -5.69
CA ARG A 44 3.27 10.93 -7.00
C ARG A 44 3.44 9.88 -8.09
N GLU A 45 3.27 8.61 -7.71
CA GLU A 45 3.40 7.51 -8.65
C GLU A 45 2.19 6.58 -8.57
N SER A 46 2.03 5.76 -9.60
CA SER A 46 0.90 4.82 -9.64
C SER A 46 1.41 3.37 -9.59
N LEU A 47 0.76 2.57 -8.76
CA LEU A 47 1.13 1.16 -8.61
C LEU A 47 0.14 0.25 -9.34
N ARG A 48 0.66 -0.81 -9.94
CA ARG A 48 -0.19 -1.76 -10.66
C ARG A 48 0.33 -3.19 -10.49
N ASP A 49 -0.58 -4.15 -10.61
CA ASP A 49 -0.21 -5.56 -10.47
C ASP A 49 0.69 -6.01 -11.60
N GLY A 50 1.90 -6.44 -11.26
CA GLY A 50 2.84 -6.88 -12.27
C GLY A 50 3.71 -8.04 -11.79
N ASP A 51 4.96 -8.04 -12.21
CA ASP A 51 5.89 -9.09 -11.81
C ASP A 51 5.68 -9.50 -10.36
N ARG A 52 6.12 -8.65 -9.43
CA ARG A 52 5.97 -8.92 -8.01
C ARG A 52 4.83 -8.10 -7.41
N HIS A 53 4.83 -6.79 -7.72
CA HIS A 53 3.80 -5.90 -7.21
C HIS A 53 2.43 -6.57 -7.21
N SER A 54 1.99 -7.03 -6.04
CA SER A 54 0.71 -7.69 -5.91
C SER A 54 -0.33 -6.77 -5.28
N LEU A 55 -1.49 -6.66 -5.93
CA LEU A 55 -2.57 -5.81 -5.43
C LEU A 55 -3.81 -6.64 -5.11
N ARG A 56 -3.60 -7.79 -4.49
CA ARG A 56 -4.72 -8.67 -4.13
C ARG A 56 -5.78 -7.91 -3.34
N GLN A 57 -7.04 -8.16 -3.67
CA GLN A 57 -8.15 -7.50 -3.00
C GLN A 57 -9.07 -8.52 -2.34
N ASP A 58 -10.08 -8.02 -1.63
CA ASP A 58 -11.03 -8.89 -0.95
C ASP A 58 -12.24 -8.10 -0.46
N GLY A 59 -13.16 -8.78 0.22
CA GLY A 59 -14.34 -8.13 0.74
C GLY A 59 -14.02 -6.84 1.46
N ALA A 60 -13.97 -5.73 0.73
CA ALA A 60 -13.66 -4.43 1.31
C ALA A 60 -12.30 -4.43 1.98
N VAL A 61 -11.35 -5.14 1.39
CA VAL A 61 -10.00 -5.23 1.93
C VAL A 61 -8.97 -5.33 0.80
N CYS A 62 -7.98 -4.46 0.84
CA CYS A 62 -6.92 -4.45 -0.17
C CYS A 62 -5.56 -4.70 0.46
N GLU A 63 -4.63 -5.23 -0.33
CA GLU A 63 -3.29 -5.51 0.15
C GLU A 63 -2.25 -5.34 -0.96
N LEU A 64 -1.21 -4.59 -0.68
CA LEU A 64 -0.15 -4.34 -1.65
C LEU A 64 1.15 -5.04 -1.24
N GLN A 65 1.60 -5.96 -2.07
CA GLN A 65 2.84 -6.70 -1.79
C GLN A 65 3.97 -6.22 -2.68
N ILE A 66 5.13 -6.00 -2.08
CA ILE A 66 6.30 -5.53 -2.83
C ILE A 66 7.57 -6.25 -2.37
N CYS A 67 8.12 -7.07 -3.24
CA CYS A 67 9.34 -7.81 -2.92
C CYS A 67 10.58 -7.00 -3.27
N GLY A 68 11.75 -7.53 -2.90
CA GLY A 68 12.99 -6.83 -3.17
C GLY A 68 12.98 -5.40 -2.68
N LEU A 69 12.48 -5.19 -1.46
CA LEU A 69 12.41 -3.86 -0.88
C LEU A 69 13.74 -3.12 -1.06
N ALA A 70 13.69 -1.79 -0.93
CA ALA A 70 14.88 -0.97 -1.08
C ALA A 70 14.73 0.35 -0.32
N VAL A 71 15.74 0.69 0.48
CA VAL A 71 15.72 1.92 1.26
C VAL A 71 15.10 3.06 0.46
N ALA A 72 15.24 3.00 -0.86
CA ALA A 72 14.70 4.02 -1.74
C ALA A 72 13.18 3.95 -1.80
N ASP A 73 12.66 2.73 -1.94
CA ASP A 73 11.22 2.52 -2.00
C ASP A 73 10.50 3.23 -0.86
N ALA A 74 11.19 3.34 0.28
CA ALA A 74 10.63 4.00 1.45
C ALA A 74 10.20 5.43 1.13
N GLY A 75 9.11 5.86 1.76
CA GLY A 75 8.61 7.20 1.52
C GLY A 75 7.21 7.40 2.05
N GLU A 76 6.20 7.17 1.20
CA GLU A 76 4.81 7.32 1.61
C GLU A 76 3.88 6.81 0.51
N TYR A 77 3.16 5.73 0.81
CA TYR A 77 2.23 5.14 -0.14
C TYR A 77 0.81 5.64 0.10
N SER A 78 -0.01 5.59 -0.93
CA SER A 78 -1.40 6.05 -0.84
C SER A 78 -2.33 5.13 -1.63
N CYS A 79 -3.52 4.90 -1.10
CA CYS A 79 -4.50 4.05 -1.76
C CYS A 79 -5.70 4.86 -2.25
N VAL A 80 -5.84 4.96 -3.57
CA VAL A 80 -6.94 5.71 -4.15
C VAL A 80 -8.08 4.78 -4.59
N CYS A 81 -9.29 5.09 -4.14
CA CYS A 81 -10.46 4.28 -4.48
C CYS A 81 -11.35 5.01 -5.47
N GLY A 82 -11.41 6.33 -5.36
CA GLY A 82 -12.23 7.12 -6.26
C GLY A 82 -12.19 8.60 -5.94
N GLU A 83 -12.96 9.01 -4.94
CA GLU A 83 -13.01 10.41 -4.54
C GLU A 83 -12.09 10.67 -3.35
N GLU A 84 -11.84 9.63 -2.56
CA GLU A 84 -10.99 9.74 -1.39
C GLU A 84 -9.70 8.94 -1.59
N ARG A 85 -8.72 9.18 -0.71
CA ARG A 85 -7.44 8.48 -0.79
C ARG A 85 -6.66 8.65 0.51
N THR A 86 -6.15 7.54 1.03
CA THR A 86 -5.37 7.57 2.26
C THR A 86 -3.88 7.41 1.99
N SER A 87 -3.07 7.62 3.01
CA SER A 87 -1.62 7.50 2.88
C SER A 87 -1.01 6.86 4.12
N ALA A 88 0.16 6.23 3.93
CA ALA A 88 0.84 5.57 5.03
C ALA A 88 2.36 5.60 4.82
N THR A 89 3.06 6.31 5.71
CA THR A 89 4.51 6.42 5.62
C THR A 89 5.17 5.06 5.74
N LEU A 90 6.05 4.74 4.81
CA LEU A 90 6.76 3.47 4.81
C LEU A 90 8.25 3.67 5.03
N THR A 91 8.77 3.10 6.10
CA THR A 91 10.19 3.22 6.42
C THR A 91 10.93 1.92 6.11
N VAL A 92 12.06 2.05 5.42
CA VAL A 92 12.88 0.90 5.06
C VAL A 92 14.17 0.86 5.86
N LYS A 93 14.76 -0.33 5.97
CA LYS A 93 16.01 -0.49 6.70
C LYS A 93 17.13 -0.97 5.77
N ALA A 94 18.33 -1.10 6.32
CA ALA A 94 19.48 -1.55 5.54
C ALA A 94 19.90 -2.96 5.95
N LEU A 95 19.48 -3.94 5.16
CA LEU A 95 19.82 -5.34 5.43
C LEU A 95 21.32 -5.51 5.62
N PRO A 96 21.71 -6.38 6.55
CA PRO A 96 23.12 -6.66 6.85
C PRO A 96 23.80 -7.43 5.72
N SER A 97 24.49 -6.70 4.85
CA SER A 97 25.18 -7.31 3.72
C SER A 97 26.66 -7.56 4.06
N GLY A 98 27.31 -8.41 3.27
CA GLY A 98 28.70 -8.72 3.50
C GLY A 98 28.90 -10.04 4.20
N PRO A 99 29.53 -10.00 5.39
CA PRO A 99 29.79 -11.19 6.18
C PRO A 99 28.51 -11.80 6.77
N SER A 100 28.60 -13.06 7.20
CA SER A 100 27.45 -13.75 7.77
C SER A 100 27.23 -13.32 9.22
N SER A 101 26.14 -12.60 9.45
CA SER A 101 25.81 -12.12 10.79
C SER A 101 24.99 -13.16 11.56
N GLY A 102 25.12 -13.15 12.87
CA GLY A 102 24.39 -14.10 13.70
C GLY A 102 24.82 -14.06 15.14
N GLY A 1 -25.22 7.46 -13.51
CA GLY A 1 -25.10 6.03 -13.71
C GLY A 1 -26.17 5.24 -12.98
N SER A 2 -25.94 4.99 -11.70
CA SER A 2 -26.88 4.23 -10.88
C SER A 2 -27.22 4.99 -9.60
N SER A 3 -28.35 4.67 -9.01
CA SER A 3 -28.80 5.32 -7.78
C SER A 3 -28.47 4.46 -6.57
N GLY A 4 -28.24 5.12 -5.43
CA GLY A 4 -27.93 4.40 -4.21
C GLY A 4 -26.43 4.38 -3.92
N SER A 5 -25.66 3.85 -4.86
CA SER A 5 -24.21 3.77 -4.70
C SER A 5 -23.51 4.86 -5.52
N SER A 6 -24.09 6.05 -5.52
CA SER A 6 -23.53 7.17 -6.26
C SER A 6 -22.04 7.33 -5.96
N GLY A 7 -21.70 7.43 -4.69
CA GLY A 7 -20.32 7.58 -4.29
C GLY A 7 -19.63 6.25 -4.08
N PRO A 8 -18.31 6.21 -4.37
CA PRO A 8 -17.51 4.99 -4.21
C PRO A 8 -17.31 4.61 -2.75
N ALA A 9 -16.48 3.59 -2.52
CA ALA A 9 -16.20 3.13 -1.17
C ALA A 9 -15.32 4.12 -0.42
N HIS A 10 -15.83 4.62 0.70
CA HIS A 10 -15.09 5.58 1.52
C HIS A 10 -14.14 4.87 2.46
N PHE A 11 -12.84 5.20 2.35
CA PHE A 11 -11.83 4.58 3.20
C PHE A 11 -12.21 4.70 4.67
N ILE A 12 -12.54 3.56 5.28
CA ILE A 12 -12.92 3.53 6.69
C ILE A 12 -11.72 3.19 7.58
N GLY A 13 -10.80 2.41 7.03
CA GLY A 13 -9.62 2.03 7.78
C GLY A 13 -8.33 2.47 7.11
N ARG A 14 -8.09 3.77 7.08
CA ARG A 14 -6.89 4.31 6.46
C ARG A 14 -5.69 3.41 6.72
N LEU A 15 -4.70 3.47 5.83
CA LEU A 15 -3.50 2.65 5.95
C LEU A 15 -2.83 2.88 7.30
N ARG A 16 -1.67 2.25 7.50
CA ARG A 16 -0.93 2.39 8.74
C ARG A 16 0.58 2.31 8.50
N HIS A 17 1.29 3.38 8.84
CA HIS A 17 2.73 3.42 8.66
C HIS A 17 3.36 2.07 8.98
N GLN A 18 3.97 1.45 7.97
CA GLN A 18 4.62 0.16 8.16
C GLN A 18 6.12 0.25 7.92
N GLU A 19 6.89 -0.43 8.75
CA GLU A 19 8.34 -0.43 8.62
C GLU A 19 8.86 -1.78 8.13
N SER A 20 9.32 -1.80 6.88
CA SER A 20 9.84 -3.02 6.28
C SER A 20 11.36 -3.01 6.24
N ILE A 21 11.95 -4.12 5.80
CA ILE A 21 13.40 -4.23 5.72
C ILE A 21 13.87 -4.20 4.27
N GLU A 22 15.11 -3.77 4.07
CA GLU A 22 15.69 -3.70 2.72
C GLU A 22 15.89 -5.09 2.14
N GLY A 23 15.43 -5.28 0.92
CA GLY A 23 15.57 -6.57 0.26
C GLY A 23 14.39 -7.48 0.51
N ALA A 24 13.64 -7.21 1.58
CA ALA A 24 12.48 -8.01 1.94
C ALA A 24 11.28 -7.62 1.08
N THR A 25 10.17 -8.35 1.26
CA THR A 25 8.96 -8.09 0.50
C THR A 25 7.92 -7.37 1.38
N ALA A 26 7.69 -6.09 1.10
CA ALA A 26 6.72 -5.31 1.85
C ALA A 26 5.31 -5.85 1.65
N THR A 27 4.37 -5.37 2.47
CA THR A 27 2.99 -5.80 2.38
C THR A 27 2.06 -4.84 3.12
N LEU A 28 1.29 -4.07 2.37
CA LEU A 28 0.36 -3.10 2.96
C LEU A 28 -1.04 -3.68 3.04
N ARG A 29 -1.91 -3.02 3.80
CA ARG A 29 -3.28 -3.47 3.96
C ARG A 29 -4.17 -2.33 4.45
N CYS A 30 -5.34 -2.20 3.83
CA CYS A 30 -6.29 -1.15 4.19
C CYS A 30 -7.72 -1.68 4.19
N GLU A 31 -8.65 -0.84 4.63
CA GLU A 31 -10.06 -1.23 4.69
C GLU A 31 -10.92 -0.24 3.92
N LEU A 32 -12.04 -0.71 3.40
CA LEU A 32 -12.97 0.13 2.64
C LEU A 32 -14.39 -0.07 3.12
N SER A 33 -15.21 0.98 2.97
CA SER A 33 -16.60 0.93 3.38
C SER A 33 -17.36 -0.14 2.62
N LYS A 34 -16.77 -0.62 1.53
CA LYS A 34 -17.39 -1.65 0.71
C LYS A 34 -16.42 -2.14 -0.37
N ALA A 35 -16.51 -3.42 -0.70
CA ALA A 35 -15.66 -4.01 -1.72
C ALA A 35 -15.61 -3.15 -2.98
N ALA A 36 -14.45 -2.53 -3.22
CA ALA A 36 -14.28 -1.68 -4.39
C ALA A 36 -12.82 -1.64 -4.83
N PRO A 37 -12.60 -1.41 -6.13
CA PRO A 37 -11.24 -1.34 -6.70
C PRO A 37 -10.48 -0.10 -6.24
N VAL A 38 -9.20 -0.29 -5.92
CA VAL A 38 -8.37 0.82 -5.48
C VAL A 38 -7.16 1.01 -6.39
N GLU A 39 -6.35 2.02 -6.11
CA GLU A 39 -5.17 2.30 -6.90
C GLU A 39 -4.03 2.83 -6.02
N TRP A 40 -3.02 1.99 -5.82
CA TRP A 40 -1.88 2.36 -4.99
C TRP A 40 -0.95 3.32 -5.76
N ARG A 41 -0.41 4.29 -5.05
CA ARG A 41 0.49 5.27 -5.65
C ARG A 41 1.67 5.58 -4.72
N LYS A 42 2.86 5.12 -5.12
CA LYS A 42 4.06 5.35 -4.32
C LYS A 42 4.64 6.72 -4.62
N GLY A 43 4.24 7.72 -3.83
CA GLY A 43 4.74 9.07 -4.02
C GLY A 43 4.59 9.55 -5.44
N ARG A 44 3.58 10.38 -5.68
CA ARG A 44 3.32 10.92 -7.00
C ARG A 44 3.61 9.87 -8.08
N GLU A 45 3.42 8.60 -7.73
CA GLU A 45 3.68 7.51 -8.67
C GLU A 45 2.48 6.58 -8.75
N SER A 46 2.43 5.79 -9.81
CA SER A 46 1.33 4.85 -10.02
C SER A 46 1.80 3.41 -9.81
N LEU A 47 1.10 2.70 -8.93
CA LEU A 47 1.44 1.32 -8.63
C LEU A 47 0.36 0.37 -9.14
N ARG A 48 0.75 -0.56 -10.01
CA ARG A 48 -0.19 -1.53 -10.58
C ARG A 48 0.38 -2.94 -10.51
N ASP A 49 -0.51 -3.92 -10.40
CA ASP A 49 -0.10 -5.32 -10.32
C ASP A 49 0.90 -5.65 -11.43
N GLY A 50 2.07 -6.15 -11.04
CA GLY A 50 3.08 -6.50 -12.01
C GLY A 50 3.86 -7.74 -11.62
N ASP A 51 5.13 -7.79 -12.00
CA ASP A 51 5.98 -8.93 -11.68
C ASP A 51 5.62 -9.52 -10.32
N ARG A 52 6.02 -8.83 -9.25
CA ARG A 52 5.73 -9.30 -7.90
C ARG A 52 4.65 -8.43 -7.25
N HIS A 53 4.53 -7.19 -7.71
CA HIS A 53 3.55 -6.27 -7.17
C HIS A 53 2.17 -6.93 -7.10
N SER A 54 1.84 -7.49 -5.96
CA SER A 54 0.56 -8.16 -5.77
C SER A 54 -0.43 -7.23 -5.08
N LEU A 55 -1.54 -6.95 -5.77
CA LEU A 55 -2.57 -6.07 -5.22
C LEU A 55 -3.80 -6.87 -4.79
N ARG A 56 -3.58 -8.12 -4.40
CA ARG A 56 -4.66 -8.99 -3.97
C ARG A 56 -5.72 -8.20 -3.22
N GLN A 57 -6.97 -8.67 -3.31
CA GLN A 57 -8.07 -8.00 -2.63
C GLN A 57 -9.03 -9.01 -2.01
N ASP A 58 -9.64 -8.65 -0.89
CA ASP A 58 -10.57 -9.52 -0.20
C ASP A 58 -11.74 -8.74 0.39
N GLY A 59 -12.92 -8.94 -0.18
CA GLY A 59 -14.10 -8.23 0.29
C GLY A 59 -13.90 -6.73 0.32
N ALA A 60 -13.72 -6.17 1.51
CA ALA A 60 -13.52 -4.74 1.68
C ALA A 60 -12.13 -4.44 2.22
N VAL A 61 -11.19 -5.33 1.95
CA VAL A 61 -9.81 -5.17 2.41
C VAL A 61 -8.83 -5.38 1.27
N CYS A 62 -7.92 -4.42 1.09
CA CYS A 62 -6.92 -4.51 0.03
C CYS A 62 -5.54 -4.77 0.62
N GLU A 63 -4.61 -5.19 -0.24
CA GLU A 63 -3.25 -5.48 0.20
C GLU A 63 -2.26 -5.32 -0.95
N LEU A 64 -1.23 -4.51 -0.74
CA LEU A 64 -0.22 -4.27 -1.76
C LEU A 64 1.11 -4.90 -1.36
N GLN A 65 1.61 -5.79 -2.22
CA GLN A 65 2.88 -6.46 -1.96
C GLN A 65 3.99 -5.90 -2.85
N ILE A 66 5.19 -5.79 -2.30
CA ILE A 66 6.33 -5.27 -3.04
C ILE A 66 7.59 -6.05 -2.71
N CYS A 67 8.15 -6.72 -3.72
CA CYS A 67 9.35 -7.51 -3.54
C CYS A 67 10.61 -6.64 -3.76
N GLY A 68 11.76 -7.18 -3.40
CA GLY A 68 13.00 -6.45 -3.56
C GLY A 68 12.93 -5.05 -2.97
N LEU A 69 12.64 -4.97 -1.67
CA LEU A 69 12.54 -3.70 -0.99
C LEU A 69 13.87 -2.94 -1.04
N ALA A 70 13.81 -1.63 -0.89
CA ALA A 70 15.01 -0.80 -0.90
C ALA A 70 14.80 0.49 -0.11
N VAL A 71 15.81 0.87 0.67
CA VAL A 71 15.74 2.07 1.48
C VAL A 71 15.23 3.25 0.66
N ALA A 72 15.43 3.19 -0.65
CA ALA A 72 14.99 4.26 -1.54
C ALA A 72 13.48 4.20 -1.76
N ASP A 73 12.93 2.99 -1.74
CA ASP A 73 11.49 2.81 -1.93
C ASP A 73 10.70 3.50 -0.82
N ALA A 74 11.31 3.60 0.35
CA ALA A 74 10.66 4.24 1.48
C ALA A 74 10.22 5.66 1.14
N GLY A 75 9.06 6.05 1.64
CA GLY A 75 8.55 7.38 1.38
C GLY A 75 7.12 7.56 1.86
N GLU A 76 6.17 7.30 0.97
CA GLU A 76 4.75 7.43 1.31
C GLU A 76 3.87 6.82 0.23
N TYR A 77 3.07 5.83 0.62
CA TYR A 77 2.18 5.15 -0.32
C TYR A 77 0.74 5.54 -0.06
N SER A 78 0.01 5.84 -1.13
CA SER A 78 -1.39 6.22 -1.03
C SER A 78 -2.29 5.23 -1.76
N CYS A 79 -3.51 5.07 -1.26
CA CYS A 79 -4.46 4.15 -1.88
C CYS A 79 -5.75 4.88 -2.27
N VAL A 80 -5.96 5.01 -3.57
CA VAL A 80 -7.15 5.70 -4.08
C VAL A 80 -8.24 4.69 -4.44
N CYS A 81 -9.47 5.00 -4.05
CA CYS A 81 -10.61 4.13 -4.32
C CYS A 81 -11.59 4.80 -5.28
N GLY A 82 -11.77 6.11 -5.11
CA GLY A 82 -12.68 6.85 -5.96
C GLY A 82 -12.69 8.33 -5.66
N GLU A 83 -13.21 8.69 -4.49
CA GLU A 83 -13.27 10.09 -4.08
C GLU A 83 -12.29 10.37 -2.95
N GLU A 84 -12.16 9.42 -2.03
CA GLU A 84 -11.25 9.57 -0.90
C GLU A 84 -10.01 8.69 -1.07
N ARG A 85 -8.91 9.11 -0.46
CA ARG A 85 -7.66 8.37 -0.55
C ARG A 85 -6.84 8.53 0.72
N THR A 86 -6.15 7.46 1.12
CA THR A 86 -5.33 7.48 2.33
C THR A 86 -3.85 7.36 1.99
N SER A 87 -3.00 7.50 2.99
CA SER A 87 -1.56 7.42 2.80
C SER A 87 -0.88 6.81 4.03
N ALA A 88 0.23 6.11 3.79
CA ALA A 88 0.98 5.49 4.88
C ALA A 88 2.47 5.54 4.62
N THR A 89 3.21 6.18 5.53
CA THR A 89 4.65 6.31 5.41
C THR A 89 5.34 4.96 5.57
N LEU A 90 5.99 4.50 4.51
CA LEU A 90 6.69 3.22 4.53
C LEU A 90 8.16 3.41 4.91
N THR A 91 8.56 2.86 6.05
CA THR A 91 9.94 2.98 6.51
C THR A 91 10.73 1.71 6.19
N VAL A 92 11.85 1.88 5.52
CA VAL A 92 12.70 0.75 5.15
C VAL A 92 13.96 0.70 6.02
N LYS A 93 14.41 -0.51 6.35
CA LYS A 93 15.60 -0.69 7.17
C LYS A 93 16.70 -1.36 6.37
N ALA A 94 17.93 -1.25 6.86
CA ALA A 94 19.09 -1.86 6.20
C ALA A 94 19.34 -3.26 6.72
N LEU A 95 19.04 -4.25 5.90
CA LEU A 95 19.24 -5.65 6.27
C LEU A 95 20.69 -5.90 6.71
N PRO A 96 20.86 -6.75 7.73
CA PRO A 96 22.17 -7.09 8.27
C PRO A 96 23.00 -7.94 7.29
N SER A 97 23.62 -7.27 6.33
CA SER A 97 24.43 -7.97 5.34
C SER A 97 25.69 -8.55 5.97
N GLY A 98 26.26 -9.57 5.32
CA GLY A 98 27.46 -10.19 5.84
C GLY A 98 27.21 -11.60 6.36
N PRO A 99 28.04 -12.55 5.91
CA PRO A 99 27.92 -13.95 6.32
C PRO A 99 28.29 -14.16 7.78
N SER A 100 29.30 -13.42 8.24
CA SER A 100 29.76 -13.53 9.63
C SER A 100 28.59 -13.40 10.60
N SER A 101 27.74 -12.41 10.36
CA SER A 101 26.59 -12.18 11.22
C SER A 101 25.70 -13.41 11.29
N GLY A 102 25.34 -13.81 12.50
CA GLY A 102 24.49 -14.98 12.69
C GLY A 102 25.29 -16.27 12.69
N GLY A 1 -30.36 4.22 -9.52
CA GLY A 1 -29.49 3.12 -9.18
C GLY A 1 -30.07 2.23 -8.09
N SER A 2 -29.81 2.59 -6.84
CA SER A 2 -30.32 1.82 -5.70
C SER A 2 -30.32 2.66 -4.43
N SER A 3 -31.17 2.28 -3.48
CA SER A 3 -31.28 3.00 -2.21
C SER A 3 -30.14 2.62 -1.27
N GLY A 4 -29.71 3.57 -0.45
CA GLY A 4 -28.64 3.31 0.49
C GLY A 4 -27.28 3.68 -0.07
N SER A 5 -26.38 2.71 -0.11
CA SER A 5 -25.02 2.94 -0.62
C SER A 5 -25.02 2.99 -2.15
N SER A 6 -24.67 4.14 -2.70
CA SER A 6 -24.63 4.32 -4.14
C SER A 6 -23.21 4.61 -4.62
N GLY A 7 -22.59 5.64 -4.03
CA GLY A 7 -21.24 6.00 -4.40
C GLY A 7 -20.26 4.87 -4.19
N PRO A 8 -18.96 5.16 -4.37
CA PRO A 8 -17.89 4.17 -4.21
C PRO A 8 -17.70 3.75 -2.75
N ALA A 9 -16.60 3.06 -2.48
CA ALA A 9 -16.30 2.60 -1.13
C ALA A 9 -15.38 3.58 -0.41
N HIS A 10 -15.90 4.19 0.65
CA HIS A 10 -15.12 5.15 1.43
C HIS A 10 -14.10 4.44 2.32
N PHE A 11 -12.90 4.99 2.39
CA PHE A 11 -11.83 4.40 3.20
C PHE A 11 -12.15 4.54 4.68
N ILE A 12 -12.51 3.42 5.31
CA ILE A 12 -12.84 3.41 6.73
C ILE A 12 -11.61 3.12 7.57
N GLY A 13 -10.70 2.32 7.03
CA GLY A 13 -9.48 1.97 7.75
C GLY A 13 -8.23 2.52 7.08
N ARG A 14 -7.91 3.77 7.36
CA ARG A 14 -6.73 4.41 6.77
C ARG A 14 -5.48 3.58 7.02
N LEU A 15 -4.59 3.57 6.05
CA LEU A 15 -3.34 2.81 6.17
C LEU A 15 -2.63 3.13 7.47
N ARG A 16 -1.45 2.55 7.66
CA ARG A 16 -0.67 2.76 8.86
C ARG A 16 0.83 2.62 8.59
N HIS A 17 1.56 3.72 8.73
CA HIS A 17 3.00 3.72 8.48
C HIS A 17 3.63 2.40 8.96
N GLN A 18 4.13 1.62 8.01
CA GLN A 18 4.77 0.35 8.32
C GLN A 18 6.27 0.39 8.07
N GLU A 19 7.04 -0.20 8.97
CA GLU A 19 8.49 -0.22 8.83
C GLU A 19 8.96 -1.56 8.27
N SER A 20 9.21 -1.58 6.96
CA SER A 20 9.67 -2.80 6.30
C SER A 20 11.18 -2.95 6.41
N ILE A 21 11.72 -3.98 5.78
CA ILE A 21 13.15 -4.24 5.81
C ILE A 21 13.71 -4.39 4.40
N GLU A 22 14.97 -4.00 4.22
CA GLU A 22 15.62 -4.09 2.92
C GLU A 22 15.69 -5.53 2.44
N GLY A 23 15.46 -5.74 1.15
CA GLY A 23 15.49 -7.08 0.59
C GLY A 23 14.19 -7.83 0.82
N ALA A 24 13.53 -7.56 1.94
CA ALA A 24 12.27 -8.22 2.26
C ALA A 24 11.18 -7.81 1.29
N THR A 25 9.97 -8.32 1.52
CA THR A 25 8.83 -8.01 0.67
C THR A 25 7.75 -7.24 1.44
N ALA A 26 7.71 -5.93 1.23
CA ALA A 26 6.73 -5.08 1.89
C ALA A 26 5.30 -5.55 1.59
N THR A 27 4.39 -5.29 2.52
CA THR A 27 3.00 -5.68 2.35
C THR A 27 2.07 -4.77 3.16
N LEU A 28 1.37 -3.88 2.46
CA LEU A 28 0.45 -2.95 3.11
C LEU A 28 -0.95 -3.55 3.19
N ARG A 29 -1.78 -2.97 4.04
CA ARG A 29 -3.16 -3.44 4.21
C ARG A 29 -4.07 -2.30 4.65
N CYS A 30 -5.23 -2.21 4.01
CA CYS A 30 -6.20 -1.16 4.33
C CYS A 30 -7.60 -1.73 4.38
N GLU A 31 -8.59 -0.85 4.57
CA GLU A 31 -9.98 -1.27 4.64
C GLU A 31 -10.88 -0.30 3.87
N LEU A 32 -12.00 -0.80 3.37
CA LEU A 32 -12.94 0.01 2.62
C LEU A 32 -14.38 -0.25 3.06
N SER A 33 -15.25 0.73 2.87
CA SER A 33 -16.64 0.60 3.25
C SER A 33 -17.26 -0.65 2.63
N LYS A 34 -16.69 -1.10 1.53
CA LYS A 34 -17.18 -2.29 0.84
C LYS A 34 -16.23 -2.69 -0.29
N ALA A 35 -16.09 -3.99 -0.50
CA ALA A 35 -15.22 -4.51 -1.55
C ALA A 35 -15.28 -3.62 -2.79
N ALA A 36 -14.16 -2.95 -3.09
CA ALA A 36 -14.09 -2.07 -4.25
C ALA A 36 -12.66 -1.95 -4.75
N PRO A 37 -12.50 -1.68 -6.05
CA PRO A 37 -11.18 -1.53 -6.68
C PRO A 37 -10.47 -0.26 -6.23
N VAL A 38 -9.15 -0.36 -6.06
CA VAL A 38 -8.35 0.79 -5.64
C VAL A 38 -7.12 0.96 -6.52
N GLU A 39 -6.35 2.00 -6.26
CA GLU A 39 -5.15 2.28 -7.04
C GLU A 39 -4.06 2.91 -6.16
N TRP A 40 -3.05 2.12 -5.84
CA TRP A 40 -1.95 2.59 -5.00
C TRP A 40 -1.04 3.54 -5.78
N ARG A 41 -0.46 4.50 -5.08
CA ARG A 41 0.44 5.47 -5.70
C ARG A 41 1.63 5.77 -4.81
N LYS A 42 2.80 5.26 -5.20
CA LYS A 42 4.02 5.47 -4.44
C LYS A 42 4.65 6.82 -4.79
N GLY A 43 4.31 7.85 -4.01
CA GLY A 43 4.85 9.17 -4.25
C GLY A 43 4.60 9.66 -5.66
N ARG A 44 3.58 10.50 -5.82
CA ARG A 44 3.23 11.03 -7.13
C ARG A 44 3.47 10.00 -8.23
N GLU A 45 3.28 8.73 -7.88
CA GLU A 45 3.47 7.64 -8.84
C GLU A 45 2.25 6.74 -8.90
N SER A 46 2.14 5.96 -9.97
CA SER A 46 1.01 5.06 -10.15
C SER A 46 1.44 3.61 -10.00
N LEU A 47 0.82 2.91 -9.05
CA LEU A 47 1.15 1.51 -8.80
C LEU A 47 0.03 0.60 -9.27
N ARG A 48 0.39 -0.48 -9.94
CA ARG A 48 -0.58 -1.44 -10.45
C ARG A 48 0.00 -2.85 -10.50
N ASP A 49 -0.88 -3.85 -10.45
CA ASP A 49 -0.44 -5.24 -10.50
C ASP A 49 0.49 -5.48 -11.69
N GLY A 50 1.64 -6.09 -11.42
CA GLY A 50 2.60 -6.36 -12.47
C GLY A 50 3.56 -7.48 -12.10
N ASP A 51 4.83 -7.31 -12.48
CA ASP A 51 5.85 -8.31 -12.18
C ASP A 51 5.60 -8.97 -10.83
N ARG A 52 5.89 -8.23 -9.76
CA ARG A 52 5.70 -8.74 -8.40
C ARG A 52 4.56 -7.99 -7.71
N HIS A 53 4.49 -6.68 -7.93
CA HIS A 53 3.45 -5.87 -7.32
C HIS A 53 2.11 -6.60 -7.31
N SER A 54 1.64 -6.97 -6.14
CA SER A 54 0.38 -7.68 -5.99
C SER A 54 -0.67 -6.80 -5.32
N LEU A 55 -1.80 -6.60 -5.99
CA LEU A 55 -2.88 -5.79 -5.46
C LEU A 55 -4.09 -6.64 -5.12
N ARG A 56 -3.84 -7.81 -4.53
CA ARG A 56 -4.92 -8.71 -4.15
C ARG A 56 -5.80 -8.09 -3.07
N GLN A 57 -7.06 -8.52 -3.02
CA GLN A 57 -8.00 -8.00 -2.03
C GLN A 57 -8.75 -9.14 -1.35
N ASP A 58 -9.19 -8.90 -0.12
CA ASP A 58 -9.92 -9.92 0.64
C ASP A 58 -11.14 -9.30 1.33
N GLY A 59 -12.10 -8.84 0.52
CA GLY A 59 -13.30 -8.23 1.06
C GLY A 59 -13.03 -6.87 1.68
N ALA A 60 -13.29 -5.82 0.92
CA ALA A 60 -13.08 -4.46 1.40
C ALA A 60 -11.72 -4.32 2.08
N VAL A 61 -10.79 -5.19 1.70
CA VAL A 61 -9.45 -5.16 2.27
C VAL A 61 -8.39 -5.35 1.19
N CYS A 62 -7.72 -4.25 0.83
CA CYS A 62 -6.68 -4.30 -0.19
C CYS A 62 -5.30 -4.51 0.44
N GLU A 63 -4.39 -5.10 -0.33
CA GLU A 63 -3.04 -5.35 0.16
C GLU A 63 -2.02 -5.23 -0.98
N LEU A 64 -1.13 -4.25 -0.85
CA LEU A 64 -0.10 -4.02 -1.86
C LEU A 64 1.19 -4.73 -1.49
N GLN A 65 1.53 -5.76 -2.25
CA GLN A 65 2.75 -6.52 -2.00
C GLN A 65 3.88 -6.06 -2.90
N ILE A 66 5.02 -5.71 -2.30
CA ILE A 66 6.17 -5.25 -3.05
C ILE A 66 7.41 -6.06 -2.71
N CYS A 67 7.93 -6.81 -3.68
CA CYS A 67 9.12 -7.62 -3.48
C CYS A 67 10.38 -6.82 -3.76
N GLY A 68 11.51 -7.33 -3.30
CA GLY A 68 12.78 -6.65 -3.52
C GLY A 68 12.79 -5.26 -2.92
N LEU A 69 12.46 -5.15 -1.65
CA LEU A 69 12.44 -3.86 -0.96
C LEU A 69 13.78 -3.17 -1.07
N ALA A 70 13.77 -1.84 -0.89
CA ALA A 70 15.00 -1.05 -0.97
C ALA A 70 14.89 0.21 -0.12
N VAL A 71 15.86 0.40 0.77
CA VAL A 71 15.87 1.56 1.65
C VAL A 71 15.41 2.82 0.90
N ALA A 72 15.62 2.82 -0.41
CA ALA A 72 15.23 3.96 -1.24
C ALA A 72 13.73 3.97 -1.49
N ASP A 73 13.18 2.79 -1.79
CA ASP A 73 11.75 2.65 -2.06
C ASP A 73 10.93 3.40 -1.01
N ALA A 74 11.42 3.40 0.23
CA ALA A 74 10.73 4.09 1.32
C ALA A 74 10.32 5.50 0.91
N GLY A 75 9.16 5.93 1.40
CA GLY A 75 8.67 7.25 1.08
C GLY A 75 7.27 7.49 1.62
N GLU A 76 6.27 7.35 0.74
CA GLU A 76 4.88 7.56 1.12
C GLU A 76 3.93 6.98 0.08
N TYR A 77 3.22 5.92 0.47
CA TYR A 77 2.28 5.27 -0.44
C TYR A 77 0.85 5.70 -0.13
N SER A 78 0.04 5.82 -1.18
CA SER A 78 -1.34 6.23 -1.03
C SER A 78 -2.27 5.30 -1.80
N CYS A 79 -3.41 4.96 -1.19
CA CYS A 79 -4.38 4.08 -1.83
C CYS A 79 -5.66 4.83 -2.15
N VAL A 80 -5.95 4.96 -3.45
CA VAL A 80 -7.15 5.65 -3.90
C VAL A 80 -8.23 4.67 -4.34
N CYS A 81 -9.46 4.91 -3.92
CA CYS A 81 -10.58 4.05 -4.27
C CYS A 81 -11.73 4.85 -4.85
N GLY A 82 -12.33 5.71 -4.02
CA GLY A 82 -13.44 6.52 -4.48
C GLY A 82 -13.49 7.87 -3.79
N GLU A 83 -13.24 8.94 -4.55
CA GLU A 83 -13.26 10.29 -4.00
C GLU A 83 -12.49 10.35 -2.68
N GLU A 84 -11.54 9.42 -2.51
CA GLU A 84 -10.74 9.37 -1.30
C GLU A 84 -9.34 8.83 -1.60
N ARG A 85 -8.44 8.98 -0.63
CA ARG A 85 -7.07 8.53 -0.79
C ARG A 85 -6.31 8.62 0.53
N THR A 86 -5.91 7.48 1.07
CA THR A 86 -5.18 7.43 2.33
C THR A 86 -3.70 7.13 2.09
N SER A 87 -2.83 7.89 2.75
CA SER A 87 -1.39 7.72 2.61
C SER A 87 -0.80 7.07 3.87
N ALA A 88 0.34 6.39 3.69
CA ALA A 88 1.00 5.72 4.80
C ALA A 88 2.51 5.74 4.62
N THR A 89 3.18 6.59 5.39
CA THR A 89 4.63 6.71 5.31
C THR A 89 5.30 5.36 5.48
N LEU A 90 6.15 5.00 4.53
CA LEU A 90 6.86 3.71 4.56
C LEU A 90 8.30 3.91 5.03
N THR A 91 8.72 3.08 5.97
CA THR A 91 10.08 3.15 6.51
C THR A 91 10.84 1.85 6.27
N VAL A 92 11.87 1.92 5.44
CA VAL A 92 12.68 0.75 5.12
C VAL A 92 13.94 0.71 5.97
N LYS A 93 14.21 -0.44 6.57
CA LYS A 93 15.39 -0.61 7.41
C LYS A 93 16.46 -1.45 6.70
N ALA A 94 17.65 -1.49 7.28
CA ALA A 94 18.75 -2.25 6.69
C ALA A 94 18.85 -3.64 7.33
N LEU A 95 18.61 -4.67 6.53
CA LEU A 95 18.68 -6.04 7.01
C LEU A 95 20.09 -6.40 7.45
N PRO A 96 20.20 -7.23 8.51
CA PRO A 96 21.48 -7.66 9.05
C PRO A 96 22.22 -8.62 8.11
N SER A 97 22.96 -8.04 7.17
CA SER A 97 23.71 -8.84 6.20
C SER A 97 25.10 -9.20 6.75
N GLY A 98 25.16 -9.44 8.05
CA GLY A 98 26.42 -9.78 8.68
C GLY A 98 27.32 -8.57 8.88
N PRO A 99 27.94 -8.48 10.08
CA PRO A 99 28.84 -7.38 10.42
C PRO A 99 30.14 -7.43 9.63
N SER A 100 30.43 -8.58 9.03
CA SER A 100 31.65 -8.76 8.25
C SER A 100 31.68 -7.79 7.08
N SER A 101 32.89 -7.28 6.78
CA SER A 101 33.06 -6.34 5.68
C SER A 101 34.30 -6.69 4.86
N GLY A 102 34.11 -6.89 3.57
CA GLY A 102 35.21 -7.22 2.69
C GLY A 102 36.10 -6.04 2.40
N GLY A 1 -24.71 13.87 -5.88
CA GLY A 1 -24.32 14.51 -4.63
C GLY A 1 -23.37 15.67 -4.87
N SER A 2 -23.72 16.82 -4.30
CA SER A 2 -22.89 18.03 -4.45
C SER A 2 -21.52 17.82 -3.81
N SER A 3 -21.51 17.29 -2.59
CA SER A 3 -20.26 17.04 -1.87
C SER A 3 -20.04 15.55 -1.67
N GLY A 4 -20.17 14.79 -2.75
CA GLY A 4 -19.98 13.35 -2.67
C GLY A 4 -20.80 12.71 -1.57
N SER A 5 -22.07 12.45 -1.85
CA SER A 5 -22.96 11.85 -0.87
C SER A 5 -22.82 10.32 -0.87
N SER A 6 -23.06 9.71 -2.02
CA SER A 6 -22.96 8.26 -2.16
C SER A 6 -22.33 7.89 -3.49
N GLY A 7 -21.75 6.70 -3.55
CA GLY A 7 -21.11 6.23 -4.77
C GLY A 7 -20.09 5.13 -4.51
N PRO A 8 -18.80 5.50 -4.61
CA PRO A 8 -17.71 4.55 -4.39
C PRO A 8 -17.58 4.14 -2.93
N ALA A 9 -16.48 3.45 -2.61
CA ALA A 9 -16.24 3.00 -1.23
C ALA A 9 -15.26 3.92 -0.52
N HIS A 10 -15.70 4.49 0.61
CA HIS A 10 -14.86 5.39 1.39
C HIS A 10 -13.85 4.60 2.22
N PHE A 11 -12.78 5.28 2.62
CA PHE A 11 -11.74 4.64 3.42
C PHE A 11 -12.09 4.67 4.90
N ILE A 12 -12.54 3.53 5.42
CA ILE A 12 -12.91 3.42 6.83
C ILE A 12 -11.71 3.05 7.69
N GLY A 13 -10.79 2.28 7.11
CA GLY A 13 -9.61 1.87 7.84
C GLY A 13 -8.33 2.37 7.20
N ARG A 14 -8.14 3.68 7.20
CA ARG A 14 -6.95 4.29 6.61
C ARG A 14 -5.72 3.43 6.87
N LEU A 15 -4.78 3.44 5.93
CA LEU A 15 -3.57 2.66 6.05
C LEU A 15 -2.86 2.94 7.38
N ARG A 16 -1.69 2.38 7.56
CA ARG A 16 -0.92 2.57 8.78
C ARG A 16 0.58 2.42 8.51
N HIS A 17 1.33 3.48 8.77
CA HIS A 17 2.79 3.46 8.56
C HIS A 17 3.37 2.11 8.95
N GLN A 18 4.21 1.56 8.09
CA GLN A 18 4.83 0.26 8.35
C GLN A 18 6.33 0.32 8.05
N GLU A 19 7.13 -0.11 9.02
CA GLU A 19 8.59 -0.11 8.86
C GLU A 19 9.08 -1.45 8.34
N SER A 20 9.31 -1.53 7.03
CA SER A 20 9.78 -2.76 6.41
C SER A 20 11.30 -2.86 6.48
N ILE A 21 11.84 -3.95 5.94
CA ILE A 21 13.29 -4.16 5.94
C ILE A 21 13.81 -4.34 4.51
N GLU A 22 14.97 -3.75 4.24
CA GLU A 22 15.58 -3.85 2.91
C GLU A 22 15.67 -5.30 2.46
N GLY A 23 15.40 -5.54 1.18
CA GLY A 23 15.46 -6.89 0.66
C GLY A 23 14.19 -7.67 0.92
N ALA A 24 13.53 -7.36 2.03
CA ALA A 24 12.29 -8.04 2.41
C ALA A 24 11.15 -7.67 1.46
N THR A 25 9.99 -8.28 1.67
CA THR A 25 8.82 -8.01 0.84
C THR A 25 7.75 -7.26 1.61
N ALA A 26 7.65 -5.96 1.36
CA ALA A 26 6.66 -5.13 2.04
C ALA A 26 5.24 -5.59 1.71
N THR A 27 4.32 -5.32 2.63
CA THR A 27 2.92 -5.72 2.45
C THR A 27 1.99 -4.80 3.23
N LEU A 28 1.31 -3.91 2.51
CA LEU A 28 0.38 -2.97 3.12
C LEU A 28 -1.03 -3.55 3.18
N ARG A 29 -1.89 -2.93 3.97
CA ARG A 29 -3.27 -3.39 4.11
C ARG A 29 -4.18 -2.24 4.52
N CYS A 30 -5.36 -2.18 3.90
CA CYS A 30 -6.33 -1.13 4.20
C CYS A 30 -7.74 -1.68 4.24
N GLU A 31 -8.70 -0.82 4.53
CA GLU A 31 -10.10 -1.22 4.60
C GLU A 31 -11.00 -0.21 3.92
N LEU A 32 -12.01 -0.70 3.21
CA LEU A 32 -12.95 0.16 2.50
C LEU A 32 -14.37 -0.04 3.00
N SER A 33 -15.20 0.98 2.87
CA SER A 33 -16.59 0.91 3.31
C SER A 33 -17.32 -0.22 2.60
N LYS A 34 -16.73 -0.72 1.52
CA LYS A 34 -17.32 -1.80 0.75
C LYS A 34 -16.36 -2.30 -0.32
N ALA A 35 -16.57 -3.54 -0.77
CA ALA A 35 -15.71 -4.12 -1.80
C ALA A 35 -15.66 -3.23 -3.03
N ALA A 36 -14.49 -2.64 -3.28
CA ALA A 36 -14.30 -1.76 -4.42
C ALA A 36 -12.83 -1.71 -4.84
N PRO A 37 -12.59 -1.47 -6.13
CA PRO A 37 -11.23 -1.39 -6.68
C PRO A 37 -10.48 -0.15 -6.20
N VAL A 38 -9.19 -0.32 -5.93
CA VAL A 38 -8.35 0.79 -5.47
C VAL A 38 -7.16 1.01 -6.39
N GLU A 39 -6.33 1.99 -6.06
CA GLU A 39 -5.16 2.30 -6.87
C GLU A 39 -4.03 2.83 -5.99
N TRP A 40 -3.02 1.98 -5.76
CA TRP A 40 -1.88 2.36 -4.95
C TRP A 40 -1.00 3.38 -5.67
N ARG A 41 -0.44 4.32 -4.92
CA ARG A 41 0.42 5.34 -5.51
C ARG A 41 1.65 5.59 -4.63
N LYS A 42 2.83 5.42 -5.21
CA LYS A 42 4.08 5.61 -4.49
C LYS A 42 4.71 6.95 -4.84
N GLY A 43 4.40 7.98 -4.06
CA GLY A 43 4.95 9.29 -4.31
C GLY A 43 4.81 9.72 -5.76
N ARG A 44 3.77 10.50 -6.05
CA ARG A 44 3.53 10.97 -7.41
C ARG A 44 3.64 9.82 -8.41
N GLU A 45 3.39 8.60 -7.93
CA GLU A 45 3.46 7.42 -8.78
C GLU A 45 2.24 6.53 -8.58
N SER A 46 2.06 5.56 -9.47
CA SER A 46 0.93 4.65 -9.39
C SER A 46 1.38 3.20 -9.52
N LEU A 47 1.20 2.44 -8.45
CA LEU A 47 1.59 1.04 -8.44
C LEU A 47 0.47 0.15 -8.97
N ARG A 48 0.74 -0.50 -10.10
CA ARG A 48 -0.25 -1.38 -10.73
C ARG A 48 0.21 -2.83 -10.68
N ASP A 49 -0.74 -3.75 -10.67
CA ASP A 49 -0.44 -5.18 -10.62
C ASP A 49 0.45 -5.57 -11.79
N GLY A 50 1.65 -6.05 -11.49
CA GLY A 50 2.58 -6.46 -12.53
C GLY A 50 3.48 -7.59 -12.08
N ASP A 51 4.71 -7.59 -12.58
CA ASP A 51 5.69 -8.62 -12.22
C ASP A 51 5.50 -9.06 -10.78
N ARG A 52 5.96 -8.22 -9.85
CA ARG A 52 5.84 -8.53 -8.43
C ARG A 52 4.67 -7.79 -7.80
N HIS A 53 4.63 -6.48 -8.00
CA HIS A 53 3.55 -5.65 -7.46
C HIS A 53 2.24 -6.43 -7.42
N SER A 54 1.98 -7.08 -6.29
CA SER A 54 0.75 -7.86 -6.12
C SER A 54 -0.29 -7.07 -5.34
N LEU A 55 -1.48 -6.93 -5.92
CA LEU A 55 -2.56 -6.20 -5.28
C LEU A 55 -3.71 -7.15 -4.91
N ARG A 56 -3.42 -8.11 -4.04
CA ARG A 56 -4.43 -9.07 -3.61
C ARG A 56 -5.57 -8.38 -2.87
N GLN A 57 -6.79 -8.57 -3.36
CA GLN A 57 -7.96 -7.97 -2.73
C GLN A 57 -8.88 -9.03 -2.14
N ASP A 58 -9.55 -8.68 -1.05
CA ASP A 58 -10.46 -9.60 -0.38
C ASP A 58 -11.65 -8.86 0.23
N GLY A 59 -12.83 -9.07 -0.35
CA GLY A 59 -14.03 -8.41 0.14
C GLY A 59 -13.88 -6.90 0.19
N ALA A 60 -13.61 -6.37 1.38
CA ALA A 60 -13.45 -4.93 1.56
C ALA A 60 -12.09 -4.60 2.15
N VAL A 61 -11.06 -5.31 1.69
CA VAL A 61 -9.70 -5.09 2.18
C VAL A 61 -8.68 -5.31 1.07
N CYS A 62 -7.81 -4.32 0.88
CA CYS A 62 -6.78 -4.40 -0.15
C CYS A 62 -5.40 -4.57 0.48
N GLU A 63 -4.51 -5.26 -0.24
CA GLU A 63 -3.15 -5.48 0.26
C GLU A 63 -2.14 -5.37 -0.88
N LEU A 64 -1.20 -4.44 -0.72
CA LEU A 64 -0.16 -4.22 -1.74
C LEU A 64 1.14 -4.91 -1.34
N GLN A 65 1.63 -5.78 -2.21
CA GLN A 65 2.88 -6.49 -1.95
C GLN A 65 3.99 -5.99 -2.86
N ILE A 66 5.17 -5.77 -2.27
CA ILE A 66 6.32 -5.29 -3.03
C ILE A 66 7.59 -6.03 -2.63
N CYS A 67 8.03 -6.94 -3.50
CA CYS A 67 9.23 -7.72 -3.25
C CYS A 67 10.49 -6.91 -3.56
N GLY A 68 11.63 -7.42 -3.13
CA GLY A 68 12.88 -6.73 -3.38
C GLY A 68 12.87 -5.30 -2.87
N LEU A 69 12.50 -5.12 -1.61
CA LEU A 69 12.43 -3.80 -1.01
C LEU A 69 13.78 -3.08 -1.14
N ALA A 70 13.76 -1.76 -0.95
CA ALA A 70 14.97 -0.96 -1.03
C ALA A 70 14.83 0.34 -0.25
N VAL A 71 15.80 0.62 0.62
CA VAL A 71 15.78 1.83 1.42
C VAL A 71 15.29 3.02 0.61
N ALA A 72 15.55 2.99 -0.69
CA ALA A 72 15.15 4.07 -1.58
C ALA A 72 13.64 4.05 -1.80
N ASP A 73 13.08 2.86 -2.00
CA ASP A 73 11.65 2.70 -2.22
C ASP A 73 10.85 3.42 -1.13
N ALA A 74 11.41 3.46 0.08
CA ALA A 74 10.75 4.10 1.20
C ALA A 74 10.30 5.51 0.83
N GLY A 75 9.10 5.88 1.29
CA GLY A 75 8.58 7.20 0.99
C GLY A 75 7.17 7.40 1.52
N GLU A 76 6.19 7.14 0.67
CA GLU A 76 4.78 7.29 1.05
C GLU A 76 3.87 6.65 0.03
N TYR A 77 3.12 5.64 0.46
CA TYR A 77 2.19 4.94 -0.43
C TYR A 77 0.74 5.30 -0.11
N SER A 78 0.02 5.73 -1.14
CA SER A 78 -1.38 6.12 -0.96
C SER A 78 -2.29 5.22 -1.80
N CYS A 79 -3.41 4.81 -1.21
CA CYS A 79 -4.37 3.95 -1.90
C CYS A 79 -5.62 4.74 -2.30
N VAL A 80 -5.82 4.89 -3.61
CA VAL A 80 -6.98 5.61 -4.12
C VAL A 80 -8.11 4.67 -4.46
N CYS A 81 -9.32 5.02 -4.02
CA CYS A 81 -10.50 4.20 -4.28
C CYS A 81 -11.57 4.99 -5.02
N GLY A 82 -11.62 6.30 -4.76
CA GLY A 82 -12.59 7.15 -5.40
C GLY A 82 -12.41 8.61 -5.06
N GLU A 83 -13.26 9.13 -4.17
CA GLU A 83 -13.19 10.52 -3.77
C GLU A 83 -12.17 10.70 -2.65
N GLU A 84 -11.99 9.66 -1.84
CA GLU A 84 -11.05 9.71 -0.73
C GLU A 84 -9.75 8.97 -1.09
N ARG A 85 -8.71 9.21 -0.29
CA ARG A 85 -7.42 8.56 -0.52
C ARG A 85 -6.54 8.67 0.72
N THR A 86 -6.07 7.53 1.20
CA THR A 86 -5.21 7.49 2.39
C THR A 86 -3.81 7.01 2.03
N SER A 87 -2.87 7.24 2.94
CA SER A 87 -1.48 6.85 2.72
C SER A 87 -0.82 6.40 4.02
N ALA A 88 0.37 5.84 3.92
CA ALA A 88 1.10 5.37 5.09
C ALA A 88 2.60 5.42 4.85
N THR A 89 3.27 6.37 5.51
CA THR A 89 4.72 6.53 5.38
C THR A 89 5.43 5.21 5.55
N LEU A 90 6.05 4.73 4.47
CA LEU A 90 6.77 3.46 4.50
C LEU A 90 8.24 3.68 4.86
N THR A 91 8.66 3.09 5.98
CA THR A 91 10.03 3.22 6.44
C THR A 91 10.82 1.94 6.18
N VAL A 92 11.84 2.05 5.33
CA VAL A 92 12.68 0.89 5.00
C VAL A 92 13.95 0.88 5.85
N LYS A 93 14.30 -0.30 6.34
CA LYS A 93 15.51 -0.45 7.16
C LYS A 93 16.60 -1.21 6.40
N ALA A 94 17.80 -1.22 6.97
CA ALA A 94 18.92 -1.90 6.34
C ALA A 94 19.10 -3.30 6.92
N LEU A 95 18.91 -4.31 6.07
CA LEU A 95 19.06 -5.70 6.50
C LEU A 95 20.48 -5.98 6.99
N PRO A 96 20.59 -6.82 8.02
CA PRO A 96 21.89 -7.19 8.59
C PRO A 96 22.71 -8.07 7.65
N SER A 97 23.57 -7.45 6.86
CA SER A 97 24.42 -8.17 5.92
C SER A 97 25.72 -8.61 6.58
N GLY A 98 25.75 -9.86 7.02
CA GLY A 98 26.94 -10.39 7.65
C GLY A 98 26.62 -11.17 8.92
N PRO A 99 26.40 -12.48 8.76
CA PRO A 99 26.08 -13.36 9.89
C PRO A 99 27.26 -13.58 10.81
N SER A 100 27.11 -13.19 12.08
CA SER A 100 28.18 -13.34 13.06
C SER A 100 28.57 -14.80 13.21
N SER A 101 29.78 -15.13 12.74
CA SER A 101 30.28 -16.50 12.83
C SER A 101 31.43 -16.60 13.82
N GLY A 102 32.39 -15.68 13.70
CA GLY A 102 33.54 -15.68 14.59
C GLY A 102 34.67 -14.81 14.08
N GLY A 1 -30.65 2.17 -15.65
CA GLY A 1 -31.51 3.24 -16.14
C GLY A 1 -30.72 4.34 -16.83
N SER A 2 -30.37 5.37 -16.06
CA SER A 2 -29.63 6.51 -16.59
C SER A 2 -28.32 6.70 -15.83
N SER A 3 -27.33 7.28 -16.50
CA SER A 3 -26.03 7.52 -15.88
C SER A 3 -26.18 7.85 -14.40
N GLY A 4 -25.93 6.87 -13.55
CA GLY A 4 -26.04 7.08 -12.12
C GLY A 4 -25.30 6.03 -11.32
N SER A 5 -25.92 5.53 -10.26
CA SER A 5 -25.31 4.52 -9.41
C SER A 5 -23.85 4.87 -9.12
N SER A 6 -23.55 6.16 -9.08
CA SER A 6 -22.19 6.62 -8.82
C SER A 6 -21.94 6.76 -7.32
N GLY A 7 -20.80 6.25 -6.87
CA GLY A 7 -20.46 6.33 -5.46
C GLY A 7 -19.56 5.19 -5.03
N PRO A 8 -18.24 5.42 -5.11
CA PRO A 8 -17.24 4.42 -4.73
C PRO A 8 -17.20 4.18 -3.22
N ALA A 9 -16.26 3.35 -2.78
CA ALA A 9 -16.12 3.04 -1.36
C ALA A 9 -15.29 4.10 -0.65
N HIS A 10 -15.74 4.50 0.54
CA HIS A 10 -15.04 5.51 1.32
C HIS A 10 -14.11 4.87 2.34
N PHE A 11 -12.80 5.03 2.13
CA PHE A 11 -11.81 4.46 3.03
C PHE A 11 -12.25 4.58 4.48
N ILE A 12 -12.54 3.45 5.11
CA ILE A 12 -12.98 3.42 6.50
C ILE A 12 -11.82 3.11 7.44
N GLY A 13 -10.80 2.45 6.89
CA GLY A 13 -9.64 2.09 7.69
C GLY A 13 -8.34 2.54 7.07
N ARG A 14 -8.06 3.84 7.12
CA ARG A 14 -6.85 4.39 6.56
C ARG A 14 -5.65 3.50 6.85
N LEU A 15 -4.66 3.53 5.96
CA LEU A 15 -3.46 2.72 6.13
C LEU A 15 -2.81 2.98 7.49
N ARG A 16 -1.68 2.31 7.74
CA ARG A 16 -0.97 2.48 8.99
C ARG A 16 0.54 2.38 8.77
N HIS A 17 1.25 3.46 9.11
CA HIS A 17 2.69 3.49 8.95
C HIS A 17 3.32 2.15 9.29
N GLN A 18 4.09 1.59 8.35
CA GLN A 18 4.73 0.30 8.56
C GLN A 18 6.23 0.40 8.31
N GLU A 19 6.99 -0.51 8.91
CA GLU A 19 8.44 -0.52 8.76
C GLU A 19 8.92 -1.87 8.22
N SER A 20 9.43 -1.86 7.00
CA SER A 20 9.92 -3.08 6.37
C SER A 20 11.45 -3.06 6.26
N ILE A 21 12.02 -4.18 5.81
CA ILE A 21 13.47 -4.29 5.65
C ILE A 21 13.86 -4.23 4.18
N GLU A 22 15.06 -3.70 3.92
CA GLU A 22 15.56 -3.60 2.56
C GLU A 22 15.63 -4.97 1.90
N GLY A 23 15.19 -5.04 0.64
CA GLY A 23 15.22 -6.29 -0.08
C GLY A 23 14.03 -7.18 0.23
N ALA A 24 13.50 -7.05 1.44
CA ALA A 24 12.34 -7.83 1.86
C ALA A 24 11.12 -7.51 1.01
N THR A 25 10.01 -8.15 1.32
CA THR A 25 8.77 -7.93 0.59
C THR A 25 7.74 -7.19 1.44
N ALA A 26 7.55 -5.91 1.15
CA ALA A 26 6.60 -5.10 1.89
C ALA A 26 5.16 -5.50 1.57
N THR A 27 4.35 -5.63 2.62
CA THR A 27 2.95 -6.02 2.45
C THR A 27 2.03 -5.09 3.23
N LEU A 28 1.44 -4.12 2.53
CA LEU A 28 0.53 -3.16 3.15
C LEU A 28 -0.89 -3.71 3.18
N ARG A 29 -1.76 -3.03 3.92
CA ARG A 29 -3.15 -3.45 4.04
C ARG A 29 -4.04 -2.27 4.41
N CYS A 30 -5.24 -2.22 3.83
CA CYS A 30 -6.18 -1.15 4.10
C CYS A 30 -7.60 -1.68 4.21
N GLU A 31 -8.56 -0.78 4.41
CA GLU A 31 -9.96 -1.17 4.53
C GLU A 31 -10.85 -0.22 3.74
N LEU A 32 -11.95 -0.76 3.21
CA LEU A 32 -12.89 0.02 2.42
C LEU A 32 -14.32 -0.18 2.91
N SER A 33 -15.16 0.83 2.72
CA SER A 33 -16.56 0.76 3.13
C SER A 33 -17.29 -0.36 2.40
N LYS A 34 -16.75 -0.76 1.26
CA LYS A 34 -17.35 -1.82 0.46
C LYS A 34 -16.40 -2.28 -0.64
N ALA A 35 -16.42 -3.58 -0.93
CA ALA A 35 -15.57 -4.15 -1.96
C ALA A 35 -15.51 -3.25 -3.19
N ALA A 36 -14.37 -2.63 -3.43
CA ALA A 36 -14.19 -1.75 -4.58
C ALA A 36 -12.74 -1.69 -5.02
N PRO A 37 -12.53 -1.43 -6.31
CA PRO A 37 -11.18 -1.34 -6.89
C PRO A 37 -10.41 -0.12 -6.41
N VAL A 38 -9.15 -0.32 -6.08
CA VAL A 38 -8.29 0.77 -5.60
C VAL A 38 -7.05 0.92 -6.46
N GLU A 39 -6.19 1.86 -6.09
CA GLU A 39 -4.96 2.11 -6.83
C GLU A 39 -3.89 2.70 -5.92
N TRP A 40 -2.88 1.88 -5.60
CA TRP A 40 -1.79 2.32 -4.74
C TRP A 40 -0.84 3.26 -5.49
N ARG A 41 -0.22 4.17 -4.76
CA ARG A 41 0.71 5.13 -5.36
C ARG A 41 1.92 5.34 -4.46
N LYS A 42 3.11 5.08 -5.00
CA LYS A 42 4.34 5.25 -4.25
C LYS A 42 4.98 6.61 -4.53
N GLY A 43 4.56 7.61 -3.77
CA GLY A 43 5.08 8.95 -3.95
C GLY A 43 5.03 9.41 -5.39
N ARG A 44 4.00 10.18 -5.73
CA ARG A 44 3.84 10.68 -7.08
C ARG A 44 4.02 9.55 -8.10
N GLU A 45 3.77 8.32 -7.67
CA GLU A 45 3.91 7.16 -8.55
C GLU A 45 2.65 6.31 -8.54
N SER A 46 2.53 5.42 -9.51
CA SER A 46 1.38 4.54 -9.61
C SER A 46 1.79 3.08 -9.56
N LEU A 47 1.21 2.33 -8.63
CA LEU A 47 1.52 0.92 -8.48
C LEU A 47 0.41 0.04 -9.05
N ARG A 48 0.78 -0.84 -9.98
CA ARG A 48 -0.18 -1.72 -10.62
C ARG A 48 0.26 -3.19 -10.50
N ASP A 49 -0.70 -4.09 -10.44
CA ASP A 49 -0.41 -5.51 -10.33
C ASP A 49 0.40 -6.00 -11.52
N GLY A 50 1.47 -6.73 -11.25
CA GLY A 50 2.31 -7.25 -12.31
C GLY A 50 3.27 -8.31 -11.83
N ASP A 51 4.52 -8.24 -12.29
CA ASP A 51 5.54 -9.21 -11.90
C ASP A 51 5.34 -9.65 -10.45
N ARG A 52 5.68 -8.77 -9.51
CA ARG A 52 5.54 -9.06 -8.10
C ARG A 52 4.41 -8.25 -7.47
N HIS A 53 4.39 -6.96 -7.77
CA HIS A 53 3.36 -6.07 -7.24
C HIS A 53 2.01 -6.78 -7.17
N SER A 54 1.57 -7.09 -5.96
CA SER A 54 0.30 -7.78 -5.76
C SER A 54 -0.71 -6.87 -5.08
N LEU A 55 -1.82 -6.62 -5.75
CA LEU A 55 -2.87 -5.76 -5.21
C LEU A 55 -4.15 -6.57 -4.95
N ARG A 56 -4.03 -7.61 -4.13
CA ARG A 56 -5.17 -8.45 -3.80
C ARG A 56 -6.03 -7.80 -2.72
N GLN A 57 -7.33 -8.02 -2.79
CA GLN A 57 -8.26 -7.45 -1.83
C GLN A 57 -9.32 -8.48 -1.42
N ASP A 58 -9.17 -9.03 -0.21
CA ASP A 58 -10.11 -10.01 0.31
C ASP A 58 -11.44 -9.36 0.69
N GLY A 59 -12.20 -8.95 -0.32
CA GLY A 59 -13.48 -8.31 -0.07
C GLY A 59 -13.39 -6.80 -0.08
N ALA A 60 -13.03 -6.22 1.07
CA ALA A 60 -12.90 -4.78 1.19
C ALA A 60 -11.56 -4.40 1.79
N VAL A 61 -10.64 -5.36 1.86
CA VAL A 61 -9.32 -5.12 2.40
C VAL A 61 -8.23 -5.42 1.37
N CYS A 62 -7.71 -4.36 0.76
CA CYS A 62 -6.66 -4.51 -0.25
C CYS A 62 -5.30 -4.71 0.41
N GLU A 63 -4.40 -5.35 -0.32
CA GLU A 63 -3.06 -5.61 0.18
C GLU A 63 -2.01 -5.46 -0.92
N LEU A 64 -1.10 -4.51 -0.73
CA LEU A 64 -0.05 -4.25 -1.71
C LEU A 64 1.23 -4.98 -1.33
N GLN A 65 1.71 -5.83 -2.24
CA GLN A 65 2.93 -6.59 -2.00
C GLN A 65 4.04 -6.15 -2.95
N ILE A 66 5.06 -5.50 -2.41
CA ILE A 66 6.19 -5.03 -3.21
C ILE A 66 7.48 -5.73 -2.82
N CYS A 67 7.94 -6.64 -3.67
CA CYS A 67 9.16 -7.39 -3.42
C CYS A 67 10.39 -6.55 -3.77
N GLY A 68 11.56 -7.01 -3.32
CA GLY A 68 12.79 -6.29 -3.60
C GLY A 68 12.79 -4.88 -3.02
N LEU A 69 12.37 -4.76 -1.77
CA LEU A 69 12.32 -3.46 -1.11
C LEU A 69 13.67 -2.75 -1.20
N ALA A 70 13.66 -1.44 -0.94
CA ALA A 70 14.89 -0.66 -0.98
C ALA A 70 14.73 0.63 -0.18
N VAL A 71 15.72 0.91 0.66
CA VAL A 71 15.70 2.11 1.49
C VAL A 71 15.20 3.32 0.70
N ALA A 72 15.39 3.28 -0.61
CA ALA A 72 14.95 4.36 -1.48
C ALA A 72 13.44 4.36 -1.65
N ASP A 73 12.87 3.17 -1.78
CA ASP A 73 11.42 3.02 -1.95
C ASP A 73 10.68 3.68 -0.80
N ALA A 74 11.30 3.70 0.38
CA ALA A 74 10.70 4.29 1.56
C ALA A 74 10.29 5.75 1.29
N GLY A 75 9.09 6.10 1.75
CA GLY A 75 8.59 7.45 1.55
C GLY A 75 7.19 7.63 2.08
N GLU A 76 6.20 7.47 1.21
CA GLU A 76 4.80 7.61 1.60
C GLU A 76 3.88 7.06 0.53
N TYR A 77 3.24 5.93 0.83
CA TYR A 77 2.33 5.28 -0.12
C TYR A 77 0.89 5.73 0.13
N SER A 78 0.09 5.72 -0.93
CA SER A 78 -1.30 6.13 -0.83
C SER A 78 -2.21 5.16 -1.58
N CYS A 79 -3.39 4.91 -1.04
CA CYS A 79 -4.36 4.01 -1.66
C CYS A 79 -5.59 4.77 -2.14
N VAL A 80 -5.75 4.84 -3.46
CA VAL A 80 -6.88 5.54 -4.06
C VAL A 80 -8.01 4.57 -4.39
N CYS A 81 -9.23 4.93 -4.01
CA CYS A 81 -10.39 4.09 -4.27
C CYS A 81 -11.43 4.85 -5.09
N GLY A 82 -11.46 6.17 -4.92
CA GLY A 82 -12.42 6.99 -5.64
C GLY A 82 -12.21 8.47 -5.40
N GLU A 83 -13.15 9.08 -4.69
CA GLU A 83 -13.07 10.51 -4.39
C GLU A 83 -12.13 10.76 -3.22
N GLU A 84 -11.88 9.73 -2.42
CA GLU A 84 -11.00 9.84 -1.27
C GLU A 84 -9.73 9.03 -1.47
N ARG A 85 -8.79 9.16 -0.54
CA ARG A 85 -7.53 8.43 -0.62
C ARG A 85 -6.75 8.55 0.69
N THR A 86 -6.14 7.44 1.12
CA THR A 86 -5.37 7.43 2.35
C THR A 86 -3.88 7.28 2.06
N SER A 87 -3.07 7.42 3.11
CA SER A 87 -1.61 7.30 2.96
C SER A 87 -0.99 6.73 4.24
N ALA A 88 0.18 6.12 4.08
CA ALA A 88 0.89 5.54 5.22
C ALA A 88 2.40 5.57 5.00
N THR A 89 3.10 6.29 5.88
CA THR A 89 4.55 6.41 5.79
C THR A 89 5.21 5.04 5.93
N LEU A 90 5.94 4.63 4.90
CA LEU A 90 6.64 3.35 4.91
C LEU A 90 8.13 3.53 5.21
N THR A 91 8.60 2.91 6.27
CA THR A 91 10.00 3.01 6.66
C THR A 91 10.76 1.75 6.27
N VAL A 92 11.87 1.93 5.55
CA VAL A 92 12.69 0.81 5.11
C VAL A 92 13.95 0.69 5.96
N LYS A 93 14.40 -0.55 6.17
CA LYS A 93 15.60 -0.80 6.96
C LYS A 93 16.71 -1.39 6.10
N ALA A 94 17.93 -1.39 6.63
CA ALA A 94 19.08 -1.93 5.91
C ALA A 94 19.34 -3.38 6.31
N LEU A 95 19.18 -4.29 5.35
CA LEU A 95 19.40 -5.70 5.59
C LEU A 95 20.85 -5.98 5.98
N PRO A 96 21.06 -6.94 6.88
CA PRO A 96 22.39 -7.32 7.36
C PRO A 96 23.21 -8.03 6.27
N SER A 97 24.01 -7.26 5.54
CA SER A 97 24.84 -7.82 4.47
C SER A 97 26.30 -7.91 4.92
N GLY A 98 26.85 -9.13 4.86
CA GLY A 98 28.22 -9.33 5.26
C GLY A 98 28.37 -10.39 6.34
N PRO A 99 29.43 -10.27 7.15
CA PRO A 99 29.70 -11.21 8.24
C PRO A 99 28.70 -11.10 9.37
N SER A 100 27.79 -12.07 9.45
CA SER A 100 26.77 -12.07 10.48
C SER A 100 27.40 -12.09 11.87
N SER A 101 27.25 -10.99 12.60
CA SER A 101 27.81 -10.87 13.94
C SER A 101 27.00 -11.68 14.94
N GLY A 102 27.68 -12.33 15.88
CA GLY A 102 27.00 -13.12 16.89
C GLY A 102 27.98 -13.85 17.79
N GLY A 1 -22.64 14.20 -2.24
CA GLY A 1 -23.77 14.79 -1.53
C GLY A 1 -23.92 14.24 -0.14
N SER A 2 -24.05 15.13 0.85
CA SER A 2 -24.20 14.72 2.24
C SER A 2 -25.61 14.20 2.50
N SER A 3 -25.72 12.90 2.76
CA SER A 3 -27.00 12.27 3.02
C SER A 3 -27.96 12.49 1.86
N GLY A 4 -27.44 12.37 0.64
CA GLY A 4 -28.27 12.57 -0.54
C GLY A 4 -27.69 11.89 -1.77
N SER A 5 -26.38 12.03 -1.96
CA SER A 5 -25.71 11.44 -3.11
C SER A 5 -24.91 10.21 -2.69
N SER A 6 -24.56 9.37 -3.67
CA SER A 6 -23.80 8.16 -3.40
C SER A 6 -22.51 8.14 -4.22
N GLY A 7 -21.41 7.81 -3.56
CA GLY A 7 -20.12 7.75 -4.24
C GLY A 7 -19.44 6.41 -4.07
N PRO A 8 -18.14 6.37 -4.39
CA PRO A 8 -17.34 5.15 -4.29
C PRO A 8 -17.11 4.72 -2.84
N ALA A 9 -16.47 3.57 -2.66
CA ALA A 9 -16.18 3.06 -1.32
C ALA A 9 -15.22 3.98 -0.58
N HIS A 10 -15.65 4.44 0.60
CA HIS A 10 -14.82 5.33 1.42
C HIS A 10 -13.87 4.53 2.30
N PHE A 11 -12.70 5.10 2.58
CA PHE A 11 -11.70 4.44 3.41
C PHE A 11 -12.10 4.50 4.89
N ILE A 12 -12.39 3.34 5.46
CA ILE A 12 -12.78 3.25 6.86
C ILE A 12 -11.59 2.87 7.75
N GLY A 13 -10.62 2.18 7.16
CA GLY A 13 -9.45 1.77 7.90
C GLY A 13 -8.15 2.27 7.27
N ARG A 14 -7.99 3.58 7.21
CA ARG A 14 -6.80 4.19 6.63
C ARG A 14 -5.56 3.33 6.92
N LEU A 15 -4.63 3.33 5.98
CA LEU A 15 -3.40 2.56 6.14
C LEU A 15 -2.73 2.84 7.47
N ARG A 16 -1.57 2.23 7.70
CA ARG A 16 -0.84 2.43 8.94
C ARG A 16 0.67 2.31 8.70
N HIS A 17 1.38 3.41 8.92
CA HIS A 17 2.83 3.44 8.74
C HIS A 17 3.45 2.10 9.11
N GLN A 18 4.18 1.50 8.18
CA GLN A 18 4.83 0.22 8.41
C GLN A 18 6.31 0.29 8.08
N GLU A 19 7.15 -0.18 9.01
CA GLU A 19 8.59 -0.16 8.80
C GLU A 19 9.08 -1.51 8.27
N SER A 20 9.30 -1.57 6.96
CA SER A 20 9.77 -2.81 6.32
C SER A 20 11.29 -2.87 6.31
N ILE A 21 11.82 -4.04 5.95
CA ILE A 21 13.26 -4.23 5.91
C ILE A 21 13.76 -4.32 4.47
N GLU A 22 14.89 -3.69 4.18
CA GLU A 22 15.47 -3.72 2.85
C GLU A 22 15.57 -5.14 2.32
N GLY A 23 15.22 -5.32 1.04
CA GLY A 23 15.27 -6.63 0.44
C GLY A 23 14.01 -7.43 0.67
N ALA A 24 13.35 -7.18 1.80
CA ALA A 24 12.11 -7.88 2.14
C ALA A 24 10.97 -7.48 1.19
N THR A 25 9.78 -7.99 1.48
CA THR A 25 8.61 -7.69 0.67
C THR A 25 7.57 -6.91 1.46
N ALA A 26 7.33 -5.66 1.06
CA ALA A 26 6.36 -4.81 1.73
C ALA A 26 4.94 -5.27 1.45
N THR A 27 4.16 -5.50 2.51
CA THR A 27 2.79 -5.95 2.37
C THR A 27 1.84 -5.04 3.14
N LEU A 28 1.33 -4.01 2.47
CA LEU A 28 0.41 -3.07 3.10
C LEU A 28 -1.01 -3.64 3.13
N ARG A 29 -1.85 -3.06 3.98
CA ARG A 29 -3.23 -3.51 4.11
C ARG A 29 -4.14 -2.36 4.54
N CYS A 30 -5.28 -2.24 3.87
CA CYS A 30 -6.24 -1.18 4.18
C CYS A 30 -7.67 -1.71 4.17
N GLU A 31 -8.62 -0.88 4.58
CA GLU A 31 -10.02 -1.26 4.62
C GLU A 31 -10.88 -0.24 3.89
N LEU A 32 -11.91 -0.72 3.21
CA LEU A 32 -12.82 0.15 2.47
C LEU A 32 -14.26 -0.04 2.93
N SER A 33 -15.09 0.97 2.69
CA SER A 33 -16.49 0.92 3.08
C SER A 33 -17.18 -0.31 2.50
N LYS A 34 -16.62 -0.83 1.41
CA LYS A 34 -17.17 -2.00 0.75
C LYS A 34 -16.26 -2.47 -0.38
N ALA A 35 -16.15 -3.79 -0.55
CA ALA A 35 -15.31 -4.37 -1.59
C ALA A 35 -15.34 -3.50 -2.85
N ALA A 36 -14.21 -2.88 -3.16
CA ALA A 36 -14.10 -2.04 -4.34
C ALA A 36 -12.66 -1.94 -4.82
N PRO A 37 -12.48 -1.70 -6.13
CA PRO A 37 -11.16 -1.58 -6.74
C PRO A 37 -10.44 -0.31 -6.31
N VAL A 38 -9.14 -0.43 -6.05
CA VAL A 38 -8.34 0.71 -5.64
C VAL A 38 -7.07 0.83 -6.48
N GLU A 39 -6.24 1.82 -6.15
CA GLU A 39 -4.99 2.04 -6.88
C GLU A 39 -3.92 2.61 -5.95
N TRP A 40 -2.93 1.78 -5.63
CA TRP A 40 -1.85 2.21 -4.75
C TRP A 40 -0.90 3.16 -5.48
N ARG A 41 -0.29 4.07 -4.73
CA ARG A 41 0.64 5.04 -5.31
C ARG A 41 1.84 5.24 -4.39
N LYS A 42 3.03 4.99 -4.93
CA LYS A 42 4.27 5.14 -4.16
C LYS A 42 4.93 6.48 -4.48
N GLY A 43 4.57 7.50 -3.70
CA GLY A 43 5.15 8.82 -3.91
C GLY A 43 5.02 9.30 -5.34
N ARG A 44 4.03 10.16 -5.59
CA ARG A 44 3.80 10.68 -6.93
C ARG A 44 3.96 9.59 -7.98
N GLU A 45 3.74 8.35 -7.57
CA GLU A 45 3.85 7.21 -8.47
C GLU A 45 2.57 6.37 -8.46
N SER A 46 2.42 5.52 -9.48
CA SER A 46 1.25 4.66 -9.58
C SER A 46 1.64 3.19 -9.59
N LEU A 47 1.18 2.46 -8.58
CA LEU A 47 1.49 1.04 -8.47
C LEU A 47 0.37 0.20 -9.08
N ARG A 48 0.74 -0.69 -10.00
CA ARG A 48 -0.22 -1.56 -10.66
C ARG A 48 0.20 -3.02 -10.57
N ASP A 49 -0.77 -3.92 -10.59
CA ASP A 49 -0.50 -5.35 -10.50
C ASP A 49 0.38 -5.80 -11.67
N GLY A 50 1.53 -6.39 -11.34
CA GLY A 50 2.44 -6.86 -12.36
C GLY A 50 3.30 -8.02 -11.90
N ASP A 51 4.52 -8.10 -12.42
CA ASP A 51 5.43 -9.18 -12.05
C ASP A 51 5.26 -9.57 -10.58
N ARG A 52 5.72 -8.69 -9.69
CA ARG A 52 5.62 -8.94 -8.25
C ARG A 52 4.49 -8.14 -7.64
N HIS A 53 4.49 -6.82 -7.88
CA HIS A 53 3.47 -5.94 -7.36
C HIS A 53 2.10 -6.61 -7.41
N SER A 54 1.62 -7.05 -6.25
CA SER A 54 0.32 -7.72 -6.16
C SER A 54 -0.69 -6.84 -5.43
N LEU A 55 -1.87 -6.69 -6.01
CA LEU A 55 -2.92 -5.87 -5.41
C LEU A 55 -4.13 -6.72 -5.04
N ARG A 56 -3.85 -7.90 -4.47
CA ARG A 56 -4.91 -8.82 -4.06
C ARG A 56 -5.80 -8.18 -3.00
N GLN A 57 -7.08 -8.54 -3.01
CA GLN A 57 -8.04 -7.99 -2.04
C GLN A 57 -8.80 -9.12 -1.35
N ASP A 58 -9.28 -8.85 -0.14
CA ASP A 58 -10.04 -9.83 0.62
C ASP A 58 -11.30 -9.21 1.20
N GLY A 59 -12.27 -8.94 0.35
CA GLY A 59 -13.51 -8.35 0.80
C GLY A 59 -13.30 -7.05 1.56
N ALA A 60 -13.39 -5.93 0.85
CA ALA A 60 -13.20 -4.62 1.46
C ALA A 60 -11.85 -4.53 2.17
N VAL A 61 -10.84 -5.18 1.59
CA VAL A 61 -9.50 -5.18 2.16
C VAL A 61 -8.44 -5.34 1.09
N CYS A 62 -7.76 -4.24 0.78
CA CYS A 62 -6.71 -4.26 -0.24
C CYS A 62 -5.35 -4.52 0.38
N GLU A 63 -4.47 -5.16 -0.38
CA GLU A 63 -3.13 -5.48 0.10
C GLU A 63 -2.10 -5.36 -1.04
N LEU A 64 -1.16 -4.44 -0.87
CA LEU A 64 -0.12 -4.23 -1.86
C LEU A 64 1.16 -4.96 -1.49
N GLN A 65 1.61 -5.85 -2.37
CA GLN A 65 2.83 -6.62 -2.12
C GLN A 65 3.97 -6.14 -3.04
N ILE A 66 4.98 -5.53 -2.44
CA ILE A 66 6.12 -5.04 -3.18
C ILE A 66 7.41 -5.75 -2.77
N CYS A 67 7.87 -6.68 -3.61
CA CYS A 67 9.08 -7.43 -3.34
C CYS A 67 10.31 -6.61 -3.69
N GLY A 68 11.48 -7.09 -3.26
CA GLY A 68 12.72 -6.39 -3.55
C GLY A 68 12.74 -4.98 -2.98
N LEU A 69 12.33 -4.85 -1.71
CA LEU A 69 12.29 -3.56 -1.05
C LEU A 69 13.65 -2.87 -1.13
N ALA A 70 13.66 -1.55 -0.98
CA ALA A 70 14.89 -0.78 -1.03
C ALA A 70 14.78 0.50 -0.19
N VAL A 71 15.81 0.76 0.60
CA VAL A 71 15.82 1.95 1.45
C VAL A 71 15.38 3.19 0.67
N ALA A 72 15.48 3.12 -0.65
CA ALA A 72 15.09 4.23 -1.51
C ALA A 72 13.58 4.25 -1.74
N ASP A 73 12.98 3.06 -1.81
CA ASP A 73 11.55 2.94 -2.02
C ASP A 73 10.77 3.62 -0.90
N ALA A 74 11.35 3.65 0.29
CA ALA A 74 10.72 4.28 1.44
C ALA A 74 10.30 5.71 1.13
N GLY A 75 9.18 6.13 1.73
CA GLY A 75 8.69 7.47 1.49
C GLY A 75 7.28 7.66 2.01
N GLU A 76 6.29 7.41 1.16
CA GLU A 76 4.90 7.56 1.53
C GLU A 76 3.98 7.03 0.43
N TYR A 77 3.24 5.97 0.76
CA TYR A 77 2.32 5.36 -0.20
C TYR A 77 0.89 5.85 0.02
N SER A 78 0.05 5.66 -0.99
CA SER A 78 -1.35 6.08 -0.90
C SER A 78 -2.25 5.15 -1.70
N CYS A 79 -3.46 4.93 -1.19
CA CYS A 79 -4.42 4.06 -1.87
C CYS A 79 -5.62 4.86 -2.38
N VAL A 80 -5.75 4.93 -3.70
CA VAL A 80 -6.85 5.66 -4.32
C VAL A 80 -7.99 4.73 -4.68
N CYS A 81 -9.21 5.15 -4.38
CA CYS A 81 -10.40 4.34 -4.69
C CYS A 81 -11.31 5.06 -5.67
N GLY A 82 -11.51 6.36 -5.44
CA GLY A 82 -12.36 7.14 -6.31
C GLY A 82 -12.31 8.63 -6.00
N GLU A 83 -13.04 9.03 -4.95
CA GLU A 83 -13.07 10.43 -4.54
C GLU A 83 -12.17 10.67 -3.33
N GLU A 84 -11.87 9.60 -2.61
CA GLU A 84 -11.03 9.69 -1.42
C GLU A 84 -9.74 8.90 -1.61
N ARG A 85 -8.81 9.06 -0.68
CA ARG A 85 -7.53 8.35 -0.74
C ARG A 85 -6.76 8.51 0.57
N THR A 86 -6.16 7.41 1.02
CA THR A 86 -5.39 7.43 2.26
C THR A 86 -3.90 7.31 1.98
N SER A 87 -3.08 7.49 3.03
CA SER A 87 -1.64 7.41 2.90
C SER A 87 -1.02 6.79 4.14
N ALA A 88 0.14 6.15 3.96
CA ALA A 88 0.83 5.51 5.07
C ALA A 88 2.35 5.55 4.85
N THR A 89 3.03 6.39 5.62
CA THR A 89 4.48 6.51 5.51
C THR A 89 5.16 5.15 5.64
N LEU A 90 6.08 4.87 4.72
CA LEU A 90 6.80 3.60 4.73
C LEU A 90 8.26 3.81 5.12
N THR A 91 8.73 3.05 6.10
CA THR A 91 10.11 3.16 6.57
C THR A 91 10.89 1.89 6.25
N VAL A 92 11.89 2.03 5.39
CA VAL A 92 12.72 0.89 5.00
C VAL A 92 13.99 0.83 5.84
N LYS A 93 14.34 -0.38 6.30
CA LYS A 93 15.52 -0.58 7.11
C LYS A 93 16.62 -1.28 6.31
N ALA A 94 17.83 -1.32 6.87
CA ALA A 94 18.95 -1.97 6.21
C ALA A 94 19.12 -3.40 6.70
N LEU A 95 18.94 -4.36 5.79
CA LEU A 95 19.07 -5.77 6.13
C LEU A 95 20.49 -6.08 6.62
N PRO A 96 20.59 -7.00 7.59
CA PRO A 96 21.89 -7.40 8.15
C PRO A 96 22.72 -8.21 7.17
N SER A 97 23.69 -7.56 6.54
CA SER A 97 24.56 -8.21 5.58
C SER A 97 25.98 -8.34 6.12
N GLY A 98 26.47 -9.58 6.18
CA GLY A 98 27.81 -9.82 6.69
C GLY A 98 27.83 -10.76 7.88
N PRO A 99 28.89 -11.58 7.97
CA PRO A 99 29.04 -12.55 9.06
C PRO A 99 29.33 -11.88 10.40
N SER A 100 29.50 -10.56 10.37
CA SER A 100 29.78 -9.79 11.57
C SER A 100 28.57 -8.97 11.99
N SER A 101 28.36 -8.83 13.30
CA SER A 101 27.23 -8.07 13.82
C SER A 101 27.23 -6.65 13.26
N GLY A 102 26.10 -6.25 12.71
CA GLY A 102 25.98 -4.92 12.15
C GLY A 102 25.20 -4.90 10.85
N GLY A 1 -24.81 17.53 -7.71
CA GLY A 1 -24.51 18.49 -6.67
C GLY A 1 -24.11 17.82 -5.36
N SER A 2 -25.09 17.54 -4.51
CA SER A 2 -24.84 16.90 -3.23
C SER A 2 -25.75 15.70 -3.03
N SER A 3 -25.33 14.77 -2.18
CA SER A 3 -26.10 13.57 -1.90
C SER A 3 -25.63 12.91 -0.61
N GLY A 4 -26.56 12.24 0.07
CA GLY A 4 -26.23 11.57 1.32
C GLY A 4 -25.96 10.09 1.13
N SER A 5 -24.88 9.60 1.73
CA SER A 5 -24.52 8.19 1.62
C SER A 5 -24.27 7.81 0.17
N SER A 6 -23.59 8.69 -0.56
CA SER A 6 -23.27 8.45 -1.97
C SER A 6 -21.76 8.43 -2.19
N GLY A 7 -21.36 8.02 -3.38
CA GLY A 7 -19.94 7.97 -3.71
C GLY A 7 -19.37 6.57 -3.58
N PRO A 8 -18.11 6.40 -3.97
CA PRO A 8 -17.42 5.09 -3.91
C PRO A 8 -17.14 4.66 -2.47
N ALA A 9 -16.64 3.44 -2.32
CA ALA A 9 -16.32 2.91 -1.00
C ALA A 9 -15.36 3.83 -0.26
N HIS A 10 -15.82 4.42 0.84
CA HIS A 10 -15.01 5.32 1.64
C HIS A 10 -14.02 4.54 2.49
N PHE A 11 -12.83 5.10 2.68
CA PHE A 11 -11.79 4.47 3.47
C PHE A 11 -12.13 4.53 4.96
N ILE A 12 -12.42 3.37 5.54
CA ILE A 12 -12.76 3.30 6.96
C ILE A 12 -11.54 2.92 7.80
N GLY A 13 -10.65 2.12 7.21
CA GLY A 13 -9.46 1.70 7.93
C GLY A 13 -8.20 2.25 7.30
N ARG A 14 -8.03 3.57 7.37
CA ARG A 14 -6.86 4.22 6.79
C ARG A 14 -5.60 3.39 7.04
N LEU A 15 -4.67 3.44 6.09
CA LEU A 15 -3.43 2.68 6.21
C LEU A 15 -2.72 2.99 7.53
N ARG A 16 -1.53 2.44 7.69
CA ARG A 16 -0.75 2.65 8.91
C ARG A 16 0.75 2.54 8.62
N HIS A 17 1.48 3.63 8.84
CA HIS A 17 2.91 3.64 8.62
C HIS A 17 3.55 2.32 9.04
N GLN A 18 4.04 1.56 8.07
CA GLN A 18 4.67 0.28 8.36
C GLN A 18 6.16 0.33 8.08
N GLU A 19 6.94 -0.36 8.90
CA GLU A 19 8.39 -0.39 8.74
C GLU A 19 8.87 -1.79 8.39
N SER A 20 9.53 -1.91 7.24
CA SER A 20 10.04 -3.20 6.79
C SER A 20 11.57 -3.19 6.73
N ILE A 21 12.14 -4.28 6.21
CA ILE A 21 13.59 -4.38 6.09
C ILE A 21 14.01 -4.40 4.62
N GLU A 22 15.20 -3.87 4.35
CA GLU A 22 15.73 -3.83 2.99
C GLU A 22 15.77 -5.22 2.38
N GLY A 23 15.33 -5.33 1.13
CA GLY A 23 15.32 -6.61 0.45
C GLY A 23 14.06 -7.39 0.72
N ALA A 24 13.54 -7.29 1.93
CA ALA A 24 12.32 -7.99 2.32
C ALA A 24 11.18 -7.66 1.37
N THR A 25 10.00 -8.21 1.66
CA THR A 25 8.82 -7.97 0.84
C THR A 25 7.76 -7.20 1.61
N ALA A 26 7.70 -5.89 1.37
CA ALA A 26 6.72 -5.04 2.04
C ALA A 26 5.29 -5.44 1.68
N THR A 27 4.40 -5.37 2.66
CA THR A 27 3.00 -5.74 2.43
C THR A 27 2.07 -4.82 3.21
N LEU A 28 1.37 -3.94 2.49
CA LEU A 28 0.45 -3.00 3.11
C LEU A 28 -0.97 -3.57 3.14
N ARG A 29 -1.83 -2.95 3.94
CA ARG A 29 -3.22 -3.40 4.04
C ARG A 29 -4.14 -2.25 4.46
N CYS A 30 -5.32 -2.19 3.86
CA CYS A 30 -6.28 -1.14 4.17
C CYS A 30 -7.70 -1.69 4.13
N GLU A 31 -8.66 -0.84 4.52
CA GLU A 31 -10.07 -1.24 4.52
C GLU A 31 -10.92 -0.26 3.71
N LEU A 32 -12.07 -0.73 3.25
CA LEU A 32 -12.97 0.09 2.47
C LEU A 32 -14.42 -0.10 2.91
N SER A 33 -15.24 0.93 2.74
CA SER A 33 -16.64 0.87 3.12
C SER A 33 -17.32 -0.35 2.50
N LYS A 34 -16.75 -0.84 1.40
CA LYS A 34 -17.29 -2.00 0.71
C LYS A 34 -16.37 -2.45 -0.42
N ALA A 35 -16.30 -3.75 -0.64
CA ALA A 35 -15.45 -4.30 -1.70
C ALA A 35 -15.48 -3.41 -2.94
N ALA A 36 -14.34 -2.77 -3.23
CA ALA A 36 -14.25 -1.90 -4.39
C ALA A 36 -12.81 -1.83 -4.89
N PRO A 37 -12.65 -1.56 -6.20
CA PRO A 37 -11.34 -1.45 -6.84
C PRO A 37 -10.57 -0.22 -6.39
N VAL A 38 -9.27 -0.37 -6.17
CA VAL A 38 -8.43 0.74 -5.74
C VAL A 38 -7.17 0.84 -6.60
N GLU A 39 -6.35 1.85 -6.33
CA GLU A 39 -5.12 2.06 -7.07
C GLU A 39 -4.05 2.68 -6.19
N TRP A 40 -3.08 1.86 -5.79
CA TRP A 40 -1.98 2.32 -4.94
C TRP A 40 -1.11 3.32 -5.67
N ARG A 41 -0.55 4.28 -4.94
CA ARG A 41 0.30 5.30 -5.52
C ARG A 41 1.51 5.57 -4.63
N LYS A 42 2.70 5.32 -5.17
CA LYS A 42 3.93 5.53 -4.42
C LYS A 42 4.52 6.91 -4.72
N GLY A 43 4.14 7.90 -3.91
CA GLY A 43 4.64 9.25 -4.10
C GLY A 43 4.34 9.78 -5.49
N ARG A 44 3.20 10.43 -5.64
CA ARG A 44 2.81 10.99 -6.93
C ARG A 44 3.04 9.99 -8.05
N GLU A 45 2.90 8.71 -7.74
CA GLU A 45 3.10 7.65 -8.72
C GLU A 45 1.90 6.71 -8.77
N SER A 46 1.80 5.94 -9.84
CA SER A 46 0.70 4.99 -10.01
C SER A 46 1.20 3.56 -10.01
N LEU A 47 0.67 2.75 -9.08
CA LEU A 47 1.07 1.36 -8.97
C LEU A 47 0.06 0.46 -9.68
N ARG A 48 0.55 -0.68 -10.17
CA ARG A 48 -0.30 -1.64 -10.88
C ARG A 48 0.25 -3.06 -10.76
N ASP A 49 -0.64 -4.03 -10.77
CA ASP A 49 -0.24 -5.43 -10.66
C ASP A 49 0.66 -5.83 -11.82
N GLY A 50 1.87 -6.27 -11.50
CA GLY A 50 2.81 -6.69 -12.53
C GLY A 50 3.75 -7.78 -12.06
N ASP A 51 5.01 -7.68 -12.43
CA ASP A 51 6.01 -8.68 -12.04
C ASP A 51 5.72 -9.21 -10.65
N ARG A 52 6.03 -8.42 -9.64
CA ARG A 52 5.81 -8.82 -8.25
C ARG A 52 4.64 -8.05 -7.64
N HIS A 53 4.65 -6.73 -7.82
CA HIS A 53 3.59 -5.88 -7.29
C HIS A 53 2.25 -6.61 -7.32
N SER A 54 1.87 -7.19 -6.18
CA SER A 54 0.62 -7.92 -6.07
C SER A 54 -0.46 -7.07 -5.39
N LEU A 55 -1.56 -6.85 -6.08
CA LEU A 55 -2.66 -6.05 -5.54
C LEU A 55 -3.89 -6.92 -5.28
N ARG A 56 -3.83 -7.71 -4.22
CA ARG A 56 -4.93 -8.59 -3.86
C ARG A 56 -5.93 -7.87 -2.94
N GLN A 57 -7.11 -8.45 -2.79
CA GLN A 57 -8.15 -7.86 -1.94
C GLN A 57 -8.98 -8.95 -1.27
N ASP A 58 -9.49 -8.65 -0.08
CA ASP A 58 -10.31 -9.60 0.67
C ASP A 58 -11.55 -8.91 1.22
N GLY A 59 -12.57 -8.76 0.38
CA GLY A 59 -13.80 -8.13 0.81
C GLY A 59 -13.55 -6.81 1.52
N ALA A 60 -13.75 -5.71 0.80
CA ALA A 60 -13.54 -4.38 1.37
C ALA A 60 -12.15 -4.26 1.98
N VAL A 61 -11.21 -5.03 1.47
CA VAL A 61 -9.83 -5.01 1.97
C VAL A 61 -8.83 -5.11 0.82
N CYS A 62 -7.79 -4.29 0.89
CA CYS A 62 -6.76 -4.29 -0.15
C CYS A 62 -5.38 -4.50 0.47
N GLU A 63 -4.50 -5.16 -0.29
CA GLU A 63 -3.14 -5.41 0.18
C GLU A 63 -2.13 -5.27 -0.95
N LEU A 64 -1.17 -4.38 -0.76
CA LEU A 64 -0.14 -4.14 -1.77
C LEU A 64 1.17 -4.83 -1.39
N GLN A 65 1.61 -5.77 -2.22
CA GLN A 65 2.84 -6.50 -1.98
C GLN A 65 3.98 -5.96 -2.84
N ILE A 66 5.12 -5.71 -2.22
CA ILE A 66 6.28 -5.20 -2.94
C ILE A 66 7.54 -5.97 -2.57
N CYS A 67 8.04 -6.76 -3.52
CA CYS A 67 9.24 -7.55 -3.30
C CYS A 67 10.50 -6.74 -3.61
N GLY A 68 11.64 -7.25 -3.17
CA GLY A 68 12.89 -6.55 -3.41
C GLY A 68 12.91 -5.16 -2.82
N LEU A 69 12.53 -5.06 -1.55
CA LEU A 69 12.51 -3.78 -0.86
C LEU A 69 13.85 -3.06 -0.98
N ALA A 70 13.85 -1.77 -0.67
CA ALA A 70 15.07 -0.98 -0.76
C ALA A 70 14.92 0.33 0.02
N VAL A 71 15.92 0.63 0.86
CA VAL A 71 15.90 1.85 1.66
C VAL A 71 15.35 3.03 0.85
N ALA A 72 15.65 3.03 -0.45
CA ALA A 72 15.19 4.10 -1.33
C ALA A 72 13.68 4.00 -1.57
N ASP A 73 13.20 2.78 -1.76
CA ASP A 73 11.78 2.56 -2.01
C ASP A 73 10.93 3.29 -0.97
N ALA A 74 11.44 3.36 0.25
CA ALA A 74 10.73 4.04 1.34
C ALA A 74 10.28 5.42 0.92
N GLY A 75 9.14 5.86 1.44
CA GLY A 75 8.62 7.17 1.12
C GLY A 75 7.23 7.41 1.69
N GLU A 76 6.23 7.35 0.83
CA GLU A 76 4.85 7.56 1.24
C GLU A 76 3.86 7.02 0.19
N TYR A 77 3.21 5.92 0.53
CA TYR A 77 2.25 5.31 -0.38
C TYR A 77 0.85 5.87 -0.16
N SER A 78 -0.05 5.60 -1.11
CA SER A 78 -1.42 6.09 -1.02
C SER A 78 -2.38 5.14 -1.74
N CYS A 79 -3.55 4.92 -1.14
CA CYS A 79 -4.55 4.04 -1.72
C CYS A 79 -5.75 4.84 -2.23
N VAL A 80 -5.94 4.84 -3.55
CA VAL A 80 -7.05 5.55 -4.16
C VAL A 80 -8.18 4.61 -4.53
N CYS A 81 -9.41 5.02 -4.23
CA CYS A 81 -10.59 4.20 -4.54
C CYS A 81 -11.46 4.88 -5.58
N GLY A 82 -11.67 6.19 -5.41
CA GLY A 82 -12.49 6.94 -6.34
C GLY A 82 -12.45 8.43 -6.07
N GLU A 83 -13.01 8.85 -4.93
CA GLU A 83 -13.04 10.25 -4.56
C GLU A 83 -12.11 10.53 -3.38
N GLU A 84 -11.91 9.52 -2.54
CA GLU A 84 -11.05 9.65 -1.38
C GLU A 84 -9.76 8.83 -1.56
N ARG A 85 -8.73 9.18 -0.78
CA ARG A 85 -7.46 8.48 -0.86
C ARG A 85 -6.66 8.67 0.42
N THR A 86 -6.09 7.58 0.94
CA THR A 86 -5.30 7.64 2.16
C THR A 86 -3.81 7.52 1.86
N SER A 87 -3.00 7.53 2.90
CA SER A 87 -1.55 7.44 2.75
C SER A 87 -0.92 6.76 3.96
N ALA A 88 0.27 6.18 3.76
CA ALA A 88 0.98 5.51 4.85
C ALA A 88 2.48 5.58 4.64
N THR A 89 3.15 6.38 5.46
CA THR A 89 4.59 6.55 5.37
C THR A 89 5.31 5.21 5.57
N LEU A 90 5.91 4.70 4.50
CA LEU A 90 6.62 3.44 4.54
C LEU A 90 8.07 3.65 4.97
N THR A 91 8.53 2.84 5.93
CA THR A 91 9.89 2.94 6.43
C THR A 91 10.68 1.66 6.14
N VAL A 92 11.84 1.84 5.50
CA VAL A 92 12.69 0.70 5.16
C VAL A 92 13.96 0.68 6.01
N LYS A 93 14.41 -0.51 6.36
CA LYS A 93 15.62 -0.66 7.17
C LYS A 93 16.71 -1.35 6.38
N ALA A 94 17.92 -1.37 6.94
CA ALA A 94 19.07 -2.00 6.29
C ALA A 94 19.25 -3.43 6.78
N LEU A 95 19.27 -4.37 5.85
CA LEU A 95 19.44 -5.79 6.18
C LEU A 95 20.89 -6.08 6.56
N PRO A 96 21.07 -6.99 7.52
CA PRO A 96 22.40 -7.38 8.01
C PRO A 96 23.17 -8.19 6.96
N SER A 97 23.95 -7.49 6.14
CA SER A 97 24.74 -8.14 5.10
C SER A 97 26.07 -8.64 5.66
N GLY A 98 26.29 -9.95 5.59
CA GLY A 98 27.53 -10.52 6.09
C GLY A 98 27.72 -10.29 7.56
N PRO A 99 28.63 -11.05 8.18
CA PRO A 99 28.93 -10.93 9.61
C PRO A 99 29.64 -9.63 9.95
N SER A 100 29.11 -8.91 10.94
CA SER A 100 29.70 -7.65 11.36
C SER A 100 29.25 -7.28 12.76
N SER A 101 30.20 -6.90 13.61
CA SER A 101 29.90 -6.52 14.98
C SER A 101 28.85 -5.41 15.03
N GLY A 102 28.75 -4.65 13.94
CA GLY A 102 27.79 -3.57 13.88
C GLY A 102 26.50 -3.97 13.20
N GLY A 1 -36.78 16.68 -7.96
CA GLY A 1 -36.66 15.86 -9.16
C GLY A 1 -35.45 14.96 -9.12
N SER A 2 -34.37 15.38 -9.78
CA SER A 2 -33.14 14.60 -9.83
C SER A 2 -32.42 14.66 -8.49
N SER A 3 -32.44 13.54 -7.77
CA SER A 3 -31.78 13.45 -6.47
C SER A 3 -31.01 12.14 -6.33
N GLY A 4 -29.73 12.26 -5.98
CA GLY A 4 -28.89 11.08 -5.82
C GLY A 4 -27.43 11.44 -5.60
N SER A 5 -27.14 12.01 -4.44
CA SER A 5 -25.77 12.39 -4.11
C SER A 5 -25.07 11.29 -3.31
N SER A 6 -24.29 10.48 -4.01
CA SER A 6 -23.56 9.39 -3.38
C SER A 6 -22.14 9.31 -3.91
N GLY A 7 -21.33 8.44 -3.30
CA GLY A 7 -19.95 8.27 -3.72
C GLY A 7 -19.48 6.84 -3.63
N PRO A 8 -18.25 6.58 -4.09
CA PRO A 8 -17.66 5.25 -4.07
C PRO A 8 -17.33 4.76 -2.66
N ALA A 9 -16.79 3.56 -2.55
CA ALA A 9 -16.43 2.99 -1.26
C ALA A 9 -15.40 3.87 -0.55
N HIS A 10 -15.80 4.44 0.59
CA HIS A 10 -14.91 5.30 1.36
C HIS A 10 -13.91 4.47 2.15
N PHE A 11 -12.80 5.09 2.53
CA PHE A 11 -11.76 4.41 3.29
C PHE A 11 -12.08 4.43 4.78
N ILE A 12 -12.53 3.29 5.30
CA ILE A 12 -12.88 3.18 6.71
C ILE A 12 -11.66 2.75 7.53
N GLY A 13 -10.75 2.02 6.90
CA GLY A 13 -9.56 1.56 7.59
C GLY A 13 -8.30 2.22 7.06
N ARG A 14 -8.20 3.54 7.20
CA ARG A 14 -7.04 4.27 6.73
C ARG A 14 -5.77 3.47 6.92
N LEU A 15 -4.85 3.57 5.96
CA LEU A 15 -3.59 2.86 6.01
C LEU A 15 -2.84 3.17 7.31
N ARG A 16 -1.64 2.61 7.44
CA ARG A 16 -0.82 2.84 8.63
C ARG A 16 0.65 2.61 8.32
N HIS A 17 1.47 3.64 8.55
CA HIS A 17 2.90 3.56 8.29
C HIS A 17 3.46 2.23 8.79
N GLN A 18 4.20 1.54 7.92
CA GLN A 18 4.78 0.25 8.27
C GLN A 18 6.29 0.25 8.01
N GLU A 19 7.05 -0.31 8.93
CA GLU A 19 8.50 -0.38 8.79
C GLU A 19 8.93 -1.75 8.29
N SER A 20 9.61 -1.76 7.15
CA SER A 20 10.08 -3.01 6.55
C SER A 20 11.61 -3.05 6.50
N ILE A 21 12.15 -4.19 6.09
CA ILE A 21 13.60 -4.36 6.01
C ILE A 21 14.06 -4.38 4.55
N GLU A 22 15.19 -3.73 4.28
CA GLU A 22 15.74 -3.69 2.92
C GLU A 22 15.87 -5.09 2.35
N GLY A 23 15.34 -5.29 1.15
CA GLY A 23 15.41 -6.59 0.51
C GLY A 23 14.15 -7.40 0.71
N ALA A 24 13.59 -7.34 1.91
CA ALA A 24 12.37 -8.08 2.24
C ALA A 24 11.22 -7.65 1.33
N THR A 25 10.06 -8.27 1.52
CA THR A 25 8.88 -7.96 0.72
C THR A 25 7.81 -7.28 1.57
N ALA A 26 7.66 -5.97 1.37
CA ALA A 26 6.67 -5.19 2.11
C ALA A 26 5.25 -5.66 1.78
N THR A 27 4.31 -5.36 2.68
CA THR A 27 2.93 -5.75 2.48
C THR A 27 1.99 -4.82 3.24
N LEU A 28 1.30 -3.95 2.51
CA LEU A 28 0.37 -3.00 3.11
C LEU A 28 -1.04 -3.59 3.16
N ARG A 29 -1.92 -2.94 3.93
CA ARG A 29 -3.29 -3.40 4.06
C ARG A 29 -4.21 -2.24 4.45
N CYS A 30 -5.40 -2.21 3.86
CA CYS A 30 -6.37 -1.16 4.15
C CYS A 30 -7.79 -1.71 4.13
N GLU A 31 -8.74 -0.88 4.56
CA GLU A 31 -10.14 -1.29 4.60
C GLU A 31 -11.04 -0.25 3.94
N LEU A 32 -12.11 -0.70 3.30
CA LEU A 32 -13.04 0.19 2.64
C LEU A 32 -14.46 -0.03 3.13
N SER A 33 -15.33 0.94 2.88
CA SER A 33 -16.73 0.85 3.30
C SER A 33 -17.42 -0.33 2.63
N LYS A 34 -16.84 -0.81 1.54
CA LYS A 34 -17.40 -1.93 0.79
C LYS A 34 -16.46 -2.36 -0.33
N ALA A 35 -16.48 -3.65 -0.65
CA ALA A 35 -15.63 -4.19 -1.71
C ALA A 35 -15.62 -3.26 -2.92
N ALA A 36 -14.46 -2.68 -3.19
CA ALA A 36 -14.30 -1.76 -4.31
C ALA A 36 -12.85 -1.73 -4.80
N PRO A 37 -12.66 -1.43 -6.09
CA PRO A 37 -11.32 -1.35 -6.70
C PRO A 37 -10.54 -0.14 -6.21
N VAL A 38 -9.24 -0.34 -6.00
CA VAL A 38 -8.37 0.74 -5.52
C VAL A 38 -7.15 0.89 -6.42
N GLU A 39 -6.32 1.89 -6.13
CA GLU A 39 -5.11 2.14 -6.91
C GLU A 39 -4.02 2.74 -6.04
N TRP A 40 -3.03 1.93 -5.70
CA TRP A 40 -1.92 2.38 -4.87
C TRP A 40 -1.04 3.37 -5.63
N ARG A 41 -0.45 4.31 -4.91
CA ARG A 41 0.42 5.31 -5.51
C ARG A 41 1.62 5.61 -4.62
N LYS A 42 2.81 5.21 -5.07
CA LYS A 42 4.03 5.44 -4.31
C LYS A 42 4.65 6.80 -4.65
N GLY A 43 4.30 7.81 -3.87
CA GLY A 43 4.83 9.14 -4.12
C GLY A 43 4.59 9.61 -5.54
N ARG A 44 3.58 10.43 -5.74
CA ARG A 44 3.24 10.94 -7.06
C ARG A 44 3.49 9.88 -8.14
N GLU A 45 3.27 8.62 -7.77
CA GLU A 45 3.47 7.51 -8.70
C GLU A 45 2.23 6.62 -8.74
N SER A 46 2.13 5.80 -9.79
CA SER A 46 1.00 4.90 -9.95
C SER A 46 1.45 3.44 -9.80
N LEU A 47 0.74 2.71 -8.94
CA LEU A 47 1.07 1.30 -8.70
C LEU A 47 -0.04 0.39 -9.22
N ARG A 48 0.34 -0.71 -9.86
CA ARG A 48 -0.62 -1.66 -10.40
C ARG A 48 -0.02 -3.06 -10.45
N ASP A 49 -0.89 -4.07 -10.37
CA ASP A 49 -0.45 -5.46 -10.41
C ASP A 49 0.48 -5.70 -11.59
N GLY A 50 1.70 -6.14 -11.29
CA GLY A 50 2.68 -6.40 -12.34
C GLY A 50 3.65 -7.51 -11.97
N ASP A 51 4.91 -7.34 -12.36
CA ASP A 51 5.94 -8.32 -12.05
C ASP A 51 5.69 -8.98 -10.70
N ARG A 52 5.97 -8.24 -9.64
CA ARG A 52 5.78 -8.74 -8.29
C ARG A 52 4.63 -8.03 -7.59
N HIS A 53 4.58 -6.71 -7.75
CA HIS A 53 3.53 -5.91 -7.13
C HIS A 53 2.20 -6.64 -7.15
N SER A 54 1.82 -7.19 -5.99
CA SER A 54 0.57 -7.93 -5.87
C SER A 54 -0.51 -7.07 -5.22
N LEU A 55 -1.63 -6.90 -5.92
CA LEU A 55 -2.73 -6.10 -5.40
C LEU A 55 -3.93 -6.98 -5.07
N ARG A 56 -3.65 -8.16 -4.52
CA ARG A 56 -4.71 -9.10 -4.15
C ARG A 56 -5.73 -8.44 -3.24
N GLN A 57 -7.01 -8.66 -3.53
CA GLN A 57 -8.09 -8.07 -2.74
C GLN A 57 -8.97 -9.16 -2.14
N ASP A 58 -9.40 -8.95 -0.90
CA ASP A 58 -10.24 -9.92 -0.21
C ASP A 58 -11.51 -9.25 0.31
N GLY A 59 -12.45 -8.98 -0.60
CA GLY A 59 -13.70 -8.35 -0.21
C GLY A 59 -13.57 -6.84 -0.07
N ALA A 60 -13.56 -6.36 1.17
CA ALA A 60 -13.44 -4.94 1.44
C ALA A 60 -12.07 -4.60 2.02
N VAL A 61 -11.10 -5.46 1.74
CA VAL A 61 -9.73 -5.26 2.23
C VAL A 61 -8.71 -5.47 1.12
N CYS A 62 -7.85 -4.47 0.93
CA CYS A 62 -6.81 -4.55 -0.10
C CYS A 62 -5.43 -4.72 0.52
N GLU A 63 -4.53 -5.36 -0.21
CA GLU A 63 -3.17 -5.58 0.26
C GLU A 63 -2.16 -5.42 -0.87
N LEU A 64 -1.20 -4.53 -0.65
CA LEU A 64 -0.16 -4.27 -1.65
C LEU A 64 1.16 -4.93 -1.25
N GLN A 65 1.61 -5.87 -2.08
CA GLN A 65 2.85 -6.58 -1.82
C GLN A 65 3.98 -6.05 -2.71
N ILE A 66 5.09 -5.69 -2.08
CA ILE A 66 6.24 -5.16 -2.82
C ILE A 66 7.49 -6.00 -2.55
N CYS A 67 7.94 -6.73 -3.56
CA CYS A 67 9.13 -7.56 -3.43
C CYS A 67 10.39 -6.77 -3.72
N GLY A 68 11.54 -7.29 -3.28
CA GLY A 68 12.80 -6.61 -3.50
C GLY A 68 12.81 -5.21 -2.91
N LEU A 69 12.51 -5.11 -1.62
CA LEU A 69 12.48 -3.81 -0.94
C LEU A 69 13.81 -3.08 -1.12
N ALA A 70 13.82 -1.81 -0.77
CA ALA A 70 15.03 -1.00 -0.89
C ALA A 70 14.92 0.28 -0.04
N VAL A 71 15.92 0.51 0.80
CA VAL A 71 15.94 1.69 1.65
C VAL A 71 15.43 2.92 0.91
N ALA A 72 15.66 2.95 -0.39
CA ALA A 72 15.22 4.06 -1.23
C ALA A 72 13.71 4.03 -1.45
N ASP A 73 13.20 2.83 -1.76
CA ASP A 73 11.77 2.66 -2.00
C ASP A 73 10.95 3.41 -0.96
N ALA A 74 11.48 3.48 0.26
CA ALA A 74 10.79 4.17 1.35
C ALA A 74 10.38 5.58 0.94
N GLY A 75 9.17 5.98 1.33
CA GLY A 75 8.68 7.30 0.99
C GLY A 75 7.30 7.56 1.54
N GLU A 76 6.28 7.35 0.71
CA GLU A 76 4.90 7.58 1.14
C GLU A 76 3.93 7.01 0.11
N TYR A 77 3.26 5.91 0.48
CA TYR A 77 2.31 5.27 -0.41
C TYR A 77 0.88 5.71 -0.10
N SER A 78 0.00 5.61 -1.09
CA SER A 78 -1.39 6.00 -0.91
C SER A 78 -2.32 5.11 -1.73
N CYS A 79 -3.47 4.79 -1.17
CA CYS A 79 -4.45 3.94 -1.85
C CYS A 79 -5.64 4.76 -2.34
N VAL A 80 -5.74 4.93 -3.65
CA VAL A 80 -6.82 5.69 -4.25
C VAL A 80 -7.94 4.78 -4.73
N CYS A 81 -9.17 5.08 -4.30
CA CYS A 81 -10.33 4.28 -4.68
C CYS A 81 -11.24 5.07 -5.62
N GLY A 82 -11.48 6.33 -5.28
CA GLY A 82 -12.34 7.17 -6.10
C GLY A 82 -12.32 8.62 -5.66
N GLU A 83 -12.77 8.87 -4.45
CA GLU A 83 -12.80 10.24 -3.91
C GLU A 83 -11.89 10.37 -2.70
N GLU A 84 -11.82 9.31 -1.90
CA GLU A 84 -10.99 9.31 -0.70
C GLU A 84 -9.67 8.57 -0.96
N ARG A 85 -8.57 9.19 -0.54
CA ARG A 85 -7.25 8.59 -0.72
C ARG A 85 -6.44 8.66 0.57
N THR A 86 -6.08 7.50 1.10
CA THR A 86 -5.30 7.43 2.34
C THR A 86 -3.83 7.17 2.04
N SER A 87 -2.96 7.74 2.87
CA SER A 87 -1.52 7.59 2.69
C SER A 87 -0.91 6.92 3.93
N ALA A 88 0.26 6.30 3.73
CA ALA A 88 0.96 5.63 4.82
C ALA A 88 2.46 5.66 4.61
N THR A 89 3.16 6.45 5.41
CA THR A 89 4.61 6.57 5.30
C THR A 89 5.29 5.23 5.53
N LEU A 90 6.01 4.76 4.51
CA LEU A 90 6.71 3.48 4.59
C LEU A 90 8.18 3.69 4.93
N THR A 91 8.64 3.03 6.00
CA THR A 91 10.02 3.15 6.43
C THR A 91 10.80 1.86 6.17
N VAL A 92 11.86 1.96 5.39
CA VAL A 92 12.68 0.81 5.06
C VAL A 92 13.95 0.76 5.91
N LYS A 93 14.31 -0.44 6.36
CA LYS A 93 15.50 -0.62 7.18
C LYS A 93 16.64 -1.23 6.37
N ALA A 94 17.80 -1.35 7.00
CA ALA A 94 18.97 -1.92 6.33
C ALA A 94 19.22 -3.35 6.79
N LEU A 95 19.19 -4.29 5.86
CA LEU A 95 19.42 -5.69 6.17
C LEU A 95 20.87 -5.94 6.56
N PRO A 96 21.08 -6.88 7.50
CA PRO A 96 22.42 -7.23 7.99
C PRO A 96 23.23 -7.96 6.93
N SER A 97 24.16 -7.24 6.29
CA SER A 97 25.00 -7.82 5.26
C SER A 97 26.47 -7.82 5.70
N GLY A 98 26.92 -8.94 6.25
CA GLY A 98 28.30 -9.05 6.71
C GLY A 98 28.44 -8.79 8.19
N PRO A 99 28.96 -9.79 8.92
CA PRO A 99 29.17 -9.68 10.37
C PRO A 99 30.27 -8.69 10.73
N SER A 100 30.44 -8.45 12.03
CA SER A 100 31.46 -7.52 12.51
C SER A 100 32.80 -7.81 11.85
N SER A 101 33.26 -9.06 11.95
CA SER A 101 34.53 -9.45 11.37
C SER A 101 34.38 -9.77 9.88
N GLY A 102 34.99 -8.95 9.04
CA GLY A 102 34.90 -9.16 7.61
C GLY A 102 36.25 -9.46 6.97
N GLY A 1 -22.03 13.93 4.82
CA GLY A 1 -22.44 12.61 5.27
C GLY A 1 -22.95 11.74 4.13
N SER A 2 -24.16 12.02 3.67
CA SER A 2 -24.76 11.26 2.59
C SER A 2 -25.72 12.12 1.77
N SER A 3 -25.53 12.14 0.46
CA SER A 3 -26.38 12.93 -0.43
C SER A 3 -27.29 12.04 -1.25
N GLY A 4 -26.69 11.09 -1.97
CA GLY A 4 -27.46 10.19 -2.79
C GLY A 4 -26.79 8.84 -2.96
N SER A 5 -27.00 8.21 -4.12
CA SER A 5 -26.41 6.91 -4.40
C SER A 5 -24.97 7.06 -4.87
N SER A 6 -24.76 7.85 -5.90
CA SER A 6 -23.44 8.08 -6.45
C SER A 6 -22.40 8.25 -5.33
N GLY A 7 -21.17 7.83 -5.61
CA GLY A 7 -20.11 7.94 -4.61
C GLY A 7 -19.39 6.63 -4.40
N PRO A 8 -18.06 6.66 -4.56
CA PRO A 8 -17.21 5.46 -4.37
C PRO A 8 -17.13 5.03 -2.92
N ALA A 9 -16.38 3.96 -2.67
CA ALA A 9 -16.23 3.43 -1.31
C ALA A 9 -15.31 4.32 -0.49
N HIS A 10 -15.79 4.77 0.67
CA HIS A 10 -15.02 5.62 1.56
C HIS A 10 -14.09 4.79 2.44
N PHE A 11 -12.81 5.11 2.42
CA PHE A 11 -11.82 4.40 3.22
C PHE A 11 -12.18 4.44 4.70
N ILE A 12 -12.55 3.29 5.25
CA ILE A 12 -12.93 3.20 6.66
C ILE A 12 -11.73 2.82 7.52
N GLY A 13 -10.84 2.01 6.96
CA GLY A 13 -9.67 1.57 7.70
C GLY A 13 -8.38 2.10 7.09
N ARG A 14 -8.12 3.39 7.30
CA ARG A 14 -6.92 4.03 6.76
C ARG A 14 -5.70 3.15 7.00
N LEU A 15 -4.76 3.17 6.05
CA LEU A 15 -3.54 2.38 6.16
C LEU A 15 -2.84 2.64 7.49
N ARG A 16 -1.77 1.90 7.74
CA ARG A 16 -1.00 2.04 8.97
C ARG A 16 0.50 1.98 8.69
N HIS A 17 1.18 3.10 8.88
CA HIS A 17 2.62 3.17 8.66
C HIS A 17 3.29 1.87 9.03
N GLN A 18 4.09 1.32 8.11
CA GLN A 18 4.79 0.07 8.35
C GLN A 18 6.28 0.22 8.05
N GLU A 19 7.12 -0.26 8.97
CA GLU A 19 8.56 -0.18 8.80
C GLU A 19 9.13 -1.53 8.37
N SER A 20 9.50 -1.64 7.09
CA SER A 20 10.05 -2.87 6.55
C SER A 20 11.58 -2.78 6.46
N ILE A 21 12.18 -3.83 5.90
CA ILE A 21 13.63 -3.87 5.75
C ILE A 21 14.02 -3.99 4.27
N GLU A 22 15.08 -3.29 3.89
CA GLU A 22 15.56 -3.32 2.51
C GLU A 22 15.70 -4.76 2.02
N GLY A 23 15.20 -5.02 0.81
CA GLY A 23 15.28 -6.35 0.24
C GLY A 23 14.09 -7.22 0.61
N ALA A 24 13.66 -7.13 1.86
CA ALA A 24 12.52 -7.91 2.34
C ALA A 24 11.31 -7.70 1.45
N THR A 25 10.18 -8.28 1.84
CA THR A 25 8.95 -8.16 1.08
C THR A 25 7.87 -7.44 1.88
N ALA A 26 7.71 -6.15 1.60
CA ALA A 26 6.70 -5.34 2.30
C ALA A 26 5.29 -5.80 1.94
N THR A 27 4.34 -5.49 2.81
CA THR A 27 2.95 -5.86 2.60
C THR A 27 2.00 -4.92 3.32
N LEU A 28 1.34 -4.05 2.56
CA LEU A 28 0.40 -3.09 3.13
C LEU A 28 -1.02 -3.66 3.13
N ARG A 29 -1.90 -3.05 3.92
CA ARG A 29 -3.29 -3.48 4.02
C ARG A 29 -4.19 -2.34 4.45
N CYS A 30 -5.39 -2.28 3.88
CA CYS A 30 -6.34 -1.23 4.21
C CYS A 30 -7.77 -1.77 4.18
N GLU A 31 -8.74 -0.88 4.39
CA GLU A 31 -10.15 -1.26 4.38
C GLU A 31 -11.00 -0.23 3.65
N LEU A 32 -12.13 -0.66 3.13
CA LEU A 32 -13.04 0.22 2.41
C LEU A 32 -14.49 0.01 2.85
N SER A 33 -15.31 1.04 2.69
CA SER A 33 -16.71 0.96 3.06
C SER A 33 -17.41 -0.17 2.33
N LYS A 34 -16.82 -0.60 1.22
CA LYS A 34 -17.39 -1.68 0.42
C LYS A 34 -16.40 -2.14 -0.65
N ALA A 35 -16.46 -3.43 -0.99
CA ALA A 35 -15.57 -4.00 -2.00
C ALA A 35 -15.50 -3.09 -3.22
N ALA A 36 -14.32 -2.50 -3.44
CA ALA A 36 -14.11 -1.62 -4.58
C ALA A 36 -12.65 -1.60 -5.01
N PRO A 37 -12.41 -1.33 -6.29
CA PRO A 37 -11.06 -1.27 -6.86
C PRO A 37 -10.26 -0.07 -6.36
N VAL A 38 -8.98 -0.28 -6.10
CA VAL A 38 -8.11 0.79 -5.62
C VAL A 38 -6.84 0.89 -6.46
N GLU A 39 -6.10 1.98 -6.28
CA GLU A 39 -4.87 2.19 -7.01
C GLU A 39 -3.78 2.76 -6.10
N TRP A 40 -2.83 1.92 -5.73
CA TRP A 40 -1.73 2.33 -4.86
C TRP A 40 -0.78 3.28 -5.59
N ARG A 41 -0.32 4.30 -4.88
CA ARG A 41 0.60 5.28 -5.47
C ARG A 41 1.76 5.56 -4.52
N LYS A 42 2.94 5.05 -4.89
CA LYS A 42 4.14 5.24 -4.08
C LYS A 42 4.59 6.70 -4.12
N GLY A 43 4.06 7.50 -3.20
CA GLY A 43 4.43 8.90 -3.15
C GLY A 43 3.77 9.72 -4.24
N ARG A 44 4.37 9.72 -5.43
CA ARG A 44 3.84 10.47 -6.55
C ARG A 44 3.87 9.62 -7.82
N GLU A 45 3.67 8.32 -7.67
CA GLU A 45 3.67 7.41 -8.81
C GLU A 45 2.43 6.51 -8.79
N SER A 46 2.22 5.79 -9.88
CA SER A 46 1.07 4.89 -9.99
C SER A 46 1.51 3.44 -9.99
N LEU A 47 1.02 2.68 -9.02
CA LEU A 47 1.36 1.26 -8.90
C LEU A 47 0.22 0.39 -9.42
N ARG A 48 0.59 -0.69 -10.09
CA ARG A 48 -0.40 -1.62 -10.64
C ARG A 48 0.08 -3.07 -10.50
N ASP A 49 -0.88 -3.99 -10.43
CA ASP A 49 -0.55 -5.41 -10.29
C ASP A 49 0.32 -5.87 -11.45
N GLY A 50 1.52 -6.35 -11.13
CA GLY A 50 2.43 -6.82 -12.15
C GLY A 50 3.28 -7.99 -11.68
N ASP A 51 4.52 -8.06 -12.17
CA ASP A 51 5.42 -9.14 -11.79
C ASP A 51 5.23 -9.52 -10.33
N ARG A 52 5.72 -8.68 -9.43
CA ARG A 52 5.61 -8.92 -8.00
C ARG A 52 4.48 -8.11 -7.39
N HIS A 53 4.50 -6.80 -7.63
CA HIS A 53 3.47 -5.90 -7.11
C HIS A 53 2.11 -6.59 -7.08
N SER A 54 1.75 -7.11 -5.92
CA SER A 54 0.47 -7.80 -5.76
C SER A 54 -0.55 -6.90 -5.04
N LEU A 55 -1.71 -6.74 -5.64
CA LEU A 55 -2.76 -5.92 -5.07
C LEU A 55 -4.01 -6.74 -4.78
N ARG A 56 -3.80 -7.97 -4.32
CA ARG A 56 -4.90 -8.86 -4.00
C ARG A 56 -5.93 -8.17 -3.10
N GLN A 57 -7.19 -8.55 -3.24
CA GLN A 57 -8.26 -7.97 -2.45
C GLN A 57 -9.14 -9.05 -1.82
N ASP A 58 -9.53 -8.84 -0.57
CA ASP A 58 -10.37 -9.79 0.14
C ASP A 58 -11.61 -9.11 0.72
N GLY A 59 -12.53 -8.74 -0.14
CA GLY A 59 -13.75 -8.07 0.31
C GLY A 59 -13.46 -6.81 1.11
N ALA A 60 -13.61 -5.66 0.47
CA ALA A 60 -13.36 -4.38 1.14
C ALA A 60 -12.04 -4.40 1.88
N VAL A 61 -11.08 -5.17 1.37
CA VAL A 61 -9.76 -5.27 1.98
C VAL A 61 -8.67 -5.38 0.92
N CYS A 62 -7.91 -4.30 0.76
CA CYS A 62 -6.82 -4.28 -0.22
C CYS A 62 -5.47 -4.52 0.44
N GLU A 63 -4.56 -5.15 -0.28
CA GLU A 63 -3.24 -5.44 0.25
C GLU A 63 -2.18 -5.35 -0.85
N LEU A 64 -1.18 -4.49 -0.63
CA LEU A 64 -0.11 -4.30 -1.60
C LEU A 64 1.15 -5.04 -1.16
N GLN A 65 1.61 -5.98 -1.98
CA GLN A 65 2.81 -6.74 -1.68
C GLN A 65 3.97 -6.29 -2.55
N ILE A 66 4.98 -5.69 -1.91
CA ILE A 66 6.16 -5.21 -2.63
C ILE A 66 7.39 -6.01 -2.25
N CYS A 67 7.96 -6.72 -3.23
CA CYS A 67 9.14 -7.53 -3.00
C CYS A 67 10.42 -6.74 -3.31
N GLY A 68 11.57 -7.33 -2.99
CA GLY A 68 12.84 -6.66 -3.24
C GLY A 68 12.84 -5.23 -2.75
N LEU A 69 12.38 -5.03 -1.52
CA LEU A 69 12.33 -3.69 -0.92
C LEU A 69 13.65 -2.95 -1.14
N ALA A 70 13.65 -1.66 -0.84
CA ALA A 70 14.85 -0.84 -0.99
C ALA A 70 14.74 0.45 -0.19
N VAL A 71 15.79 0.75 0.58
CA VAL A 71 15.82 1.95 1.41
C VAL A 71 15.17 3.13 0.68
N ALA A 72 15.39 3.20 -0.63
CA ALA A 72 14.84 4.27 -1.45
C ALA A 72 13.33 4.15 -1.56
N ASP A 73 12.85 2.93 -1.77
CA ASP A 73 11.42 2.67 -1.90
C ASP A 73 10.65 3.39 -0.81
N ALA A 74 11.25 3.48 0.37
CA ALA A 74 10.61 4.15 1.51
C ALA A 74 10.13 5.55 1.13
N GLY A 75 9.03 5.97 1.75
CA GLY A 75 8.49 7.28 1.46
C GLY A 75 7.09 7.46 2.00
N GLU A 76 6.09 7.26 1.14
CA GLU A 76 4.69 7.40 1.54
C GLU A 76 3.75 6.90 0.45
N TYR A 77 3.13 5.75 0.69
CA TYR A 77 2.22 5.15 -0.27
C TYR A 77 0.78 5.59 0.00
N SER A 78 0.00 5.72 -1.06
CA SER A 78 -1.39 6.14 -0.94
C SER A 78 -2.31 5.22 -1.73
N CYS A 79 -3.50 4.96 -1.20
CA CYS A 79 -4.46 4.08 -1.85
C CYS A 79 -5.65 4.89 -2.37
N VAL A 80 -5.69 5.10 -3.68
CA VAL A 80 -6.78 5.85 -4.31
C VAL A 80 -7.83 4.92 -4.90
N CYS A 81 -9.06 5.03 -4.41
CA CYS A 81 -10.14 4.20 -4.90
C CYS A 81 -11.08 5.00 -5.79
N GLY A 82 -11.22 6.30 -5.50
CA GLY A 82 -12.08 7.15 -6.29
C GLY A 82 -12.10 8.57 -5.78
N GLU A 83 -12.79 8.79 -4.66
CA GLU A 83 -12.89 10.12 -4.07
C GLU A 83 -12.03 10.22 -2.80
N GLU A 84 -11.86 9.09 -2.12
CA GLU A 84 -11.08 9.05 -0.89
C GLU A 84 -9.73 8.37 -1.13
N ARG A 85 -8.71 8.83 -0.42
CA ARG A 85 -7.37 8.28 -0.56
C ARG A 85 -6.62 8.34 0.77
N THR A 86 -6.08 7.20 1.19
CA THR A 86 -5.35 7.11 2.44
C THR A 86 -3.86 6.89 2.19
N SER A 87 -3.02 7.59 2.93
CA SER A 87 -1.57 7.47 2.79
C SER A 87 -0.96 6.84 4.04
N ALA A 88 0.18 6.16 3.86
CA ALA A 88 0.87 5.53 4.97
C ALA A 88 2.38 5.58 4.78
N THR A 89 3.08 6.22 5.71
CA THR A 89 4.53 6.34 5.64
C THR A 89 5.19 4.98 5.78
N LEU A 90 6.06 4.64 4.82
CA LEU A 90 6.76 3.37 4.83
C LEU A 90 8.26 3.58 5.08
N THR A 91 8.76 2.99 6.15
CA THR A 91 10.17 3.11 6.50
C THR A 91 10.94 1.85 6.11
N VAL A 92 12.04 2.04 5.40
CA VAL A 92 12.87 0.91 4.96
C VAL A 92 14.19 0.89 5.71
N LYS A 93 14.68 -0.31 6.00
CA LYS A 93 15.95 -0.48 6.72
C LYS A 93 17.05 -0.92 5.77
N ALA A 94 18.23 -1.19 6.33
CA ALA A 94 19.37 -1.63 5.52
C ALA A 94 19.77 -3.04 5.88
N LEU A 95 19.34 -4.00 5.07
CA LEU A 95 19.66 -5.41 5.30
C LEU A 95 21.17 -5.61 5.44
N PRO A 96 21.57 -6.51 6.34
CA PRO A 96 22.97 -6.82 6.60
C PRO A 96 23.62 -7.55 5.43
N SER A 97 24.57 -6.89 4.79
CA SER A 97 25.27 -7.47 3.65
C SER A 97 26.77 -7.55 3.92
N GLY A 98 27.46 -8.41 3.17
CA GLY A 98 28.89 -8.56 3.34
C GLY A 98 29.25 -9.76 4.20
N PRO A 99 30.30 -10.49 3.80
CA PRO A 99 30.76 -11.68 4.52
C PRO A 99 31.39 -11.33 5.87
N SER A 100 32.06 -10.19 5.92
CA SER A 100 32.71 -9.75 7.15
C SER A 100 32.05 -8.49 7.70
N SER A 101 32.16 -8.28 9.00
CA SER A 101 31.56 -7.12 9.65
C SER A 101 32.38 -5.85 9.35
N GLY A 102 31.68 -4.73 9.22
CA GLY A 102 32.35 -3.48 8.94
C GLY A 102 31.98 -2.91 7.57
N GLY A 1 -29.13 2.26 -10.53
CA GLY A 1 -28.03 2.79 -9.74
C GLY A 1 -26.95 1.76 -9.47
N SER A 2 -25.90 1.77 -10.30
CA SER A 2 -24.80 0.83 -10.15
C SER A 2 -24.06 1.07 -8.83
N SER A 3 -23.72 -0.02 -8.15
CA SER A 3 -23.01 0.06 -6.88
C SER A 3 -23.83 0.84 -5.86
N GLY A 4 -25.13 0.57 -5.83
CA GLY A 4 -26.01 1.24 -4.89
C GLY A 4 -26.12 2.73 -5.15
N SER A 5 -26.49 3.49 -4.13
CA SER A 5 -26.64 4.93 -4.26
C SER A 5 -25.29 5.59 -4.51
N SER A 6 -25.31 6.77 -5.11
CA SER A 6 -24.09 7.51 -5.42
C SER A 6 -23.13 7.46 -4.23
N GLY A 7 -21.83 7.46 -4.53
CA GLY A 7 -20.83 7.41 -3.49
C GLY A 7 -20.13 6.06 -3.42
N PRO A 8 -18.87 6.02 -3.89
CA PRO A 8 -18.06 4.80 -3.89
C PRO A 8 -17.66 4.37 -2.47
N ALA A 9 -16.72 3.43 -2.40
CA ALA A 9 -16.24 2.94 -1.11
C ALA A 9 -15.37 3.98 -0.42
N HIS A 10 -15.84 4.49 0.72
CA HIS A 10 -15.10 5.49 1.47
C HIS A 10 -14.12 4.82 2.44
N PHE A 11 -12.83 5.00 2.18
CA PHE A 11 -11.80 4.41 3.02
C PHE A 11 -12.19 4.48 4.49
N ILE A 12 -12.43 3.32 5.09
CA ILE A 12 -12.81 3.25 6.50
C ILE A 12 -11.63 2.82 7.37
N GLY A 13 -10.69 2.10 6.77
CA GLY A 13 -9.52 1.65 7.50
C GLY A 13 -8.23 2.25 6.98
N ARG A 14 -8.04 3.54 7.22
CA ARG A 14 -6.85 4.24 6.77
C ARG A 14 -5.60 3.40 7.03
N LEU A 15 -4.67 3.44 6.09
CA LEU A 15 -3.42 2.68 6.22
C LEU A 15 -2.73 2.99 7.54
N ARG A 16 -1.54 2.43 7.72
CA ARG A 16 -0.77 2.65 8.94
C ARG A 16 0.73 2.50 8.68
N HIS A 17 1.46 3.60 8.84
CA HIS A 17 2.90 3.59 8.62
C HIS A 17 3.52 2.27 9.06
N GLN A 18 4.18 1.59 8.13
CA GLN A 18 4.81 0.30 8.42
C GLN A 18 6.30 0.36 8.14
N GLU A 19 7.09 -0.27 9.01
CA GLU A 19 8.53 -0.29 8.85
C GLU A 19 9.00 -1.63 8.28
N SER A 20 9.43 -1.62 7.03
CA SER A 20 9.90 -2.82 6.37
C SER A 20 11.42 -2.92 6.41
N ILE A 21 11.96 -3.97 5.81
CA ILE A 21 13.41 -4.17 5.77
C ILE A 21 13.91 -4.29 4.35
N GLU A 22 15.16 -3.84 4.13
CA GLU A 22 15.77 -3.90 2.81
C GLU A 22 15.83 -5.33 2.29
N GLY A 23 15.49 -5.51 1.02
CA GLY A 23 15.51 -6.83 0.43
C GLY A 23 14.22 -7.60 0.67
N ALA A 24 13.59 -7.35 1.81
CA ALA A 24 12.35 -8.02 2.16
C ALA A 24 11.22 -7.59 1.23
N THR A 25 10.05 -8.20 1.41
CA THR A 25 8.89 -7.89 0.58
C THR A 25 7.81 -7.20 1.40
N ALA A 26 7.76 -5.87 1.28
CA ALA A 26 6.77 -5.08 2.01
C ALA A 26 5.35 -5.56 1.69
N THR A 27 4.43 -5.32 2.63
CA THR A 27 3.04 -5.73 2.45
C THR A 27 2.09 -4.79 3.21
N LEU A 28 1.39 -3.95 2.47
CA LEU A 28 0.46 -3.01 3.07
C LEU A 28 -0.96 -3.58 3.09
N ARG A 29 -1.83 -2.98 3.89
CA ARG A 29 -3.21 -3.43 4.00
C ARG A 29 -4.12 -2.29 4.46
N CYS A 30 -5.34 -2.27 3.93
CA CYS A 30 -6.31 -1.24 4.29
C CYS A 30 -7.73 -1.79 4.26
N GLU A 31 -8.70 -0.91 4.46
CA GLU A 31 -10.11 -1.31 4.47
C GLU A 31 -10.96 -0.29 3.73
N LEU A 32 -12.02 -0.77 3.08
CA LEU A 32 -12.93 0.11 2.34
C LEU A 32 -14.37 -0.11 2.77
N SER A 33 -15.18 0.93 2.68
CA SER A 33 -16.58 0.85 3.06
C SER A 33 -17.26 -0.34 2.40
N LYS A 34 -16.65 -0.85 1.33
CA LYS A 34 -17.19 -1.99 0.60
C LYS A 34 -16.19 -2.51 -0.41
N ALA A 35 -16.27 -3.80 -0.71
CA ALA A 35 -15.37 -4.42 -1.67
C ALA A 35 -15.36 -3.65 -2.99
N ALA A 36 -14.28 -2.88 -3.20
CA ALA A 36 -14.14 -2.09 -4.42
C ALA A 36 -12.69 -1.99 -4.83
N PRO A 37 -12.45 -1.81 -6.14
CA PRO A 37 -11.10 -1.70 -6.70
C PRO A 37 -10.42 -0.39 -6.31
N VAL A 38 -9.12 -0.45 -6.06
CA VAL A 38 -8.36 0.72 -5.67
C VAL A 38 -7.08 0.85 -6.51
N GLU A 39 -6.33 1.92 -6.28
CA GLU A 39 -5.11 2.16 -7.02
C GLU A 39 -4.03 2.78 -6.11
N TRP A 40 -3.02 1.98 -5.79
CA TRP A 40 -1.93 2.44 -4.93
C TRP A 40 -1.01 3.40 -5.69
N ARG A 41 -0.41 4.33 -4.95
CA ARG A 41 0.50 5.31 -5.55
C ARG A 41 1.66 5.61 -4.62
N LYS A 42 2.87 5.25 -5.04
CA LYS A 42 4.06 5.48 -4.24
C LYS A 42 4.69 6.83 -4.57
N GLY A 43 4.26 7.87 -3.86
CA GLY A 43 4.78 9.20 -4.09
C GLY A 43 4.65 9.63 -5.54
N ARG A 44 3.63 10.46 -5.82
CA ARG A 44 3.40 10.94 -7.17
C ARG A 44 3.66 9.84 -8.19
N GLU A 45 3.45 8.60 -7.78
CA GLU A 45 3.66 7.46 -8.67
C GLU A 45 2.41 6.58 -8.75
N SER A 46 2.34 5.75 -9.78
CA SER A 46 1.20 4.87 -9.98
C SER A 46 1.60 3.41 -9.78
N LEU A 47 0.86 2.71 -8.93
CA LEU A 47 1.14 1.31 -8.65
C LEU A 47 -0.01 0.41 -9.12
N ARG A 48 0.33 -0.72 -9.71
CA ARG A 48 -0.67 -1.66 -10.21
C ARG A 48 -0.10 -3.08 -10.25
N ASP A 49 -1.00 -4.06 -10.33
CA ASP A 49 -0.60 -5.46 -10.38
C ASP A 49 0.33 -5.71 -11.57
N GLY A 50 1.55 -6.16 -11.27
CA GLY A 50 2.51 -6.44 -12.33
C GLY A 50 3.43 -7.58 -11.98
N ASP A 51 4.70 -7.46 -12.37
CA ASP A 51 5.69 -8.50 -12.10
C ASP A 51 5.47 -9.10 -10.72
N ARG A 52 5.81 -8.35 -9.68
CA ARG A 52 5.66 -8.82 -8.31
C ARG A 52 4.53 -8.08 -7.61
N HIS A 53 4.42 -6.77 -7.87
CA HIS A 53 3.39 -5.94 -7.27
C HIS A 53 2.05 -6.67 -7.28
N SER A 54 1.61 -7.10 -6.10
CA SER A 54 0.34 -7.81 -5.96
C SER A 54 -0.71 -6.93 -5.29
N LEU A 55 -1.84 -6.75 -5.95
CA LEU A 55 -2.92 -5.93 -5.40
C LEU A 55 -4.16 -6.78 -5.13
N ARG A 56 -3.97 -7.92 -4.48
CA ARG A 56 -5.06 -8.82 -4.15
C ARG A 56 -5.92 -8.25 -3.03
N GLN A 57 -7.24 -8.34 -3.20
CA GLN A 57 -8.17 -7.82 -2.20
C GLN A 57 -9.05 -8.94 -1.66
N ASP A 58 -9.91 -8.61 -0.70
CA ASP A 58 -10.82 -9.58 -0.11
C ASP A 58 -11.78 -8.91 0.85
N GLY A 59 -13.03 -8.75 0.42
CA GLY A 59 -14.03 -8.13 1.25
C GLY A 59 -13.60 -6.75 1.75
N ALA A 60 -13.74 -5.75 0.89
CA ALA A 60 -13.37 -4.39 1.25
C ALA A 60 -12.00 -4.35 1.92
N VAL A 61 -11.07 -5.17 1.42
CA VAL A 61 -9.73 -5.24 1.97
C VAL A 61 -8.68 -5.33 0.86
N CYS A 62 -7.80 -4.34 0.81
CA CYS A 62 -6.74 -4.31 -0.20
C CYS A 62 -5.37 -4.53 0.43
N GLU A 63 -4.49 -5.19 -0.31
CA GLU A 63 -3.15 -5.46 0.18
C GLU A 63 -2.11 -5.31 -0.94
N LEU A 64 -1.19 -4.36 -0.75
CA LEU A 64 -0.16 -4.11 -1.74
C LEU A 64 1.15 -4.81 -1.36
N GLN A 65 1.51 -5.83 -2.14
CA GLN A 65 2.73 -6.59 -1.88
C GLN A 65 3.87 -6.10 -2.79
N ILE A 66 4.98 -5.71 -2.17
CA ILE A 66 6.13 -5.23 -2.91
C ILE A 66 7.38 -6.04 -2.58
N CYS A 67 7.91 -6.75 -3.58
CA CYS A 67 9.10 -7.56 -3.38
C CYS A 67 10.36 -6.77 -3.68
N GLY A 68 11.51 -7.29 -3.26
CA GLY A 68 12.76 -6.60 -3.48
C GLY A 68 12.76 -5.19 -2.95
N LEU A 69 12.47 -5.05 -1.66
CA LEU A 69 12.44 -3.74 -1.02
C LEU A 69 13.77 -3.01 -1.20
N ALA A 70 13.81 -1.75 -0.79
CA ALA A 70 15.02 -0.95 -0.90
C ALA A 70 14.90 0.35 -0.11
N VAL A 71 15.87 0.60 0.76
CA VAL A 71 15.87 1.81 1.58
C VAL A 71 15.35 3.00 0.80
N ALA A 72 15.63 3.01 -0.50
CA ALA A 72 15.20 4.10 -1.37
C ALA A 72 13.69 4.05 -1.60
N ASP A 73 13.17 2.85 -1.81
CA ASP A 73 11.74 2.66 -2.04
C ASP A 73 10.92 3.40 -0.98
N ALA A 74 11.45 3.48 0.23
CA ALA A 74 10.76 4.15 1.33
C ALA A 74 10.32 5.55 0.92
N GLY A 75 9.18 5.98 1.44
CA GLY A 75 8.67 7.30 1.12
C GLY A 75 7.28 7.54 1.69
N GLU A 76 6.27 7.42 0.83
CA GLU A 76 4.89 7.63 1.25
C GLU A 76 3.92 7.10 0.21
N TYR A 77 3.29 5.97 0.51
CA TYR A 77 2.33 5.36 -0.39
C TYR A 77 0.92 5.84 -0.12
N SER A 78 0.04 5.69 -1.11
CA SER A 78 -1.35 6.12 -0.97
C SER A 78 -2.28 5.20 -1.74
N CYS A 79 -3.44 4.89 -1.14
CA CYS A 79 -4.42 4.03 -1.77
C CYS A 79 -5.67 4.80 -2.17
N VAL A 80 -5.90 4.91 -3.47
CA VAL A 80 -7.05 5.63 -3.98
C VAL A 80 -8.17 4.67 -4.37
N CYS A 81 -9.40 4.99 -3.97
CA CYS A 81 -10.56 4.16 -4.28
C CYS A 81 -11.69 5.00 -4.86
N GLY A 82 -12.36 5.75 -4.01
CA GLY A 82 -13.47 6.58 -4.46
C GLY A 82 -13.47 7.94 -3.78
N GLU A 83 -13.30 9.00 -4.58
CA GLU A 83 -13.28 10.36 -4.05
C GLU A 83 -12.52 10.42 -2.73
N GLU A 84 -11.60 9.48 -2.53
CA GLU A 84 -10.81 9.43 -1.31
C GLU A 84 -9.43 8.84 -1.59
N ARG A 85 -8.54 8.94 -0.60
CA ARG A 85 -7.19 8.43 -0.74
C ARG A 85 -6.43 8.55 0.58
N THR A 86 -5.98 7.42 1.11
CA THR A 86 -5.23 7.40 2.36
C THR A 86 -3.76 7.09 2.12
N SER A 87 -2.89 7.80 2.84
CA SER A 87 -1.45 7.60 2.71
C SER A 87 -0.87 6.94 3.95
N ALA A 88 0.27 6.30 3.80
CA ALA A 88 0.94 5.63 4.91
C ALA A 88 2.45 5.61 4.71
N THR A 89 3.15 6.45 5.46
CA THR A 89 4.60 6.52 5.37
C THR A 89 5.24 5.14 5.52
N LEU A 90 6.16 4.81 4.63
CA LEU A 90 6.85 3.53 4.67
C LEU A 90 8.32 3.71 5.01
N THR A 91 8.74 3.11 6.12
CA THR A 91 10.13 3.20 6.56
C THR A 91 10.89 1.90 6.28
N VAL A 92 11.99 2.01 5.55
CA VAL A 92 12.79 0.84 5.21
C VAL A 92 14.07 0.79 6.05
N LYS A 93 14.41 -0.40 6.54
CA LYS A 93 15.60 -0.58 7.36
C LYS A 93 16.67 -1.36 6.59
N ALA A 94 17.91 -1.29 7.07
CA ALA A 94 19.02 -1.99 6.43
C ALA A 94 19.18 -3.40 7.01
N LEU A 95 19.02 -4.40 6.16
CA LEU A 95 19.16 -5.79 6.58
C LEU A 95 20.57 -6.08 7.06
N PRO A 96 20.68 -6.95 8.08
CA PRO A 96 21.97 -7.33 8.66
C PRO A 96 22.81 -8.19 7.71
N SER A 97 22.15 -9.13 7.05
CA SER A 97 22.82 -10.03 6.11
C SER A 97 23.69 -11.04 6.85
N GLY A 98 23.27 -11.39 8.06
CA GLY A 98 24.03 -12.34 8.85
C GLY A 98 23.14 -13.41 9.48
N PRO A 99 22.46 -14.20 8.63
CA PRO A 99 21.57 -15.26 9.09
C PRO A 99 22.33 -16.43 9.71
N SER A 100 21.65 -17.17 10.57
CA SER A 100 22.26 -18.32 11.24
C SER A 100 21.80 -19.63 10.60
N SER A 101 22.74 -20.32 9.98
CA SER A 101 22.44 -21.60 9.32
C SER A 101 23.31 -22.72 9.89
N GLY A 102 22.66 -23.68 10.55
CA GLY A 102 23.38 -24.79 11.13
C GLY A 102 22.51 -26.01 11.33
N GLY A 1 -22.00 21.96 -6.44
CA GLY A 1 -22.66 20.69 -6.62
C GLY A 1 -21.83 19.71 -7.43
N SER A 2 -22.09 18.41 -7.24
CA SER A 2 -21.37 17.38 -7.97
C SER A 2 -22.30 16.57 -8.85
N SER A 3 -21.73 15.73 -9.70
CA SER A 3 -22.53 14.89 -10.60
C SER A 3 -22.60 13.46 -10.08
N GLY A 4 -23.52 13.23 -9.15
CA GLY A 4 -23.68 11.90 -8.57
C GLY A 4 -24.31 11.94 -7.20
N SER A 5 -25.06 10.90 -6.87
CA SER A 5 -25.73 10.81 -5.57
C SER A 5 -25.09 9.74 -4.70
N SER A 6 -24.89 8.55 -5.29
CA SER A 6 -24.30 7.44 -4.56
C SER A 6 -22.79 7.41 -4.75
N GLY A 7 -22.06 7.54 -3.65
CA GLY A 7 -20.61 7.54 -3.70
C GLY A 7 -20.02 6.16 -3.44
N PRO A 8 -18.80 5.94 -3.93
CA PRO A 8 -18.09 4.66 -3.76
C PRO A 8 -17.67 4.42 -2.32
N ALA A 9 -17.06 3.27 -2.06
CA ALA A 9 -16.60 2.93 -0.72
C ALA A 9 -15.56 3.93 -0.22
N HIS A 10 -15.79 4.47 0.96
CA HIS A 10 -14.87 5.45 1.55
C HIS A 10 -13.92 4.77 2.54
N PHE A 11 -12.63 4.93 2.30
CA PHE A 11 -11.62 4.33 3.17
C PHE A 11 -12.00 4.47 4.63
N ILE A 12 -12.61 3.43 5.19
CA ILE A 12 -13.04 3.45 6.58
C ILE A 12 -11.86 3.18 7.51
N GLY A 13 -10.83 2.52 6.98
CA GLY A 13 -9.66 2.23 7.78
C GLY A 13 -8.37 2.62 7.09
N ARG A 14 -8.07 3.91 7.08
CA ARG A 14 -6.87 4.42 6.45
C ARG A 14 -5.67 3.51 6.74
N LEU A 15 -4.63 3.62 5.92
CA LEU A 15 -3.44 2.80 6.09
C LEU A 15 -2.74 3.13 7.40
N ARG A 16 -1.57 2.53 7.62
CA ARG A 16 -0.80 2.75 8.83
C ARG A 16 0.69 2.60 8.57
N HIS A 17 1.46 3.63 8.93
CA HIS A 17 2.90 3.62 8.73
C HIS A 17 3.48 2.27 9.12
N GLN A 18 4.24 1.65 8.21
CA GLN A 18 4.85 0.35 8.46
C GLN A 18 6.35 0.40 8.16
N GLU A 19 7.15 -0.12 9.08
CA GLU A 19 8.59 -0.14 8.92
C GLU A 19 9.07 -1.50 8.43
N SER A 20 9.41 -1.57 7.15
CA SER A 20 9.88 -2.82 6.56
C SER A 20 11.41 -2.88 6.54
N ILE A 21 11.94 -3.99 6.04
CA ILE A 21 13.39 -4.17 5.98
C ILE A 21 13.86 -4.33 4.53
N GLU A 22 15.05 -3.81 4.25
CA GLU A 22 15.61 -3.88 2.90
C GLU A 22 15.76 -5.34 2.47
N GLY A 23 15.35 -5.62 1.23
CA GLY A 23 15.46 -6.97 0.71
C GLY A 23 14.20 -7.79 0.96
N ALA A 24 13.50 -7.47 2.04
CA ALA A 24 12.28 -8.18 2.40
C ALA A 24 11.15 -7.84 1.44
N THR A 25 9.96 -8.36 1.72
CA THR A 25 8.80 -8.11 0.88
C THR A 25 7.71 -7.36 1.64
N ALA A 26 7.67 -6.04 1.48
CA ALA A 26 6.68 -5.21 2.14
C ALA A 26 5.27 -5.71 1.87
N THR A 27 4.34 -5.37 2.76
CA THR A 27 2.96 -5.78 2.60
C THR A 27 2.02 -4.82 3.33
N LEU A 28 1.30 -4.01 2.55
CA LEU A 28 0.37 -3.04 3.12
C LEU A 28 -1.05 -3.61 3.17
N ARG A 29 -1.90 -3.04 4.01
CA ARG A 29 -3.27 -3.49 4.14
C ARG A 29 -4.19 -2.33 4.54
N CYS A 30 -5.36 -2.27 3.92
CA CYS A 30 -6.33 -1.21 4.21
C CYS A 30 -7.74 -1.78 4.28
N GLU A 31 -8.72 -0.89 4.49
CA GLU A 31 -10.11 -1.31 4.58
C GLU A 31 -11.01 -0.32 3.84
N LEU A 32 -12.11 -0.83 3.29
CA LEU A 32 -13.06 0.01 2.57
C LEU A 32 -14.49 -0.20 3.08
N SER A 33 -15.29 0.84 3.00
CA SER A 33 -16.68 0.77 3.45
C SER A 33 -17.42 -0.37 2.75
N LYS A 34 -16.85 -0.85 1.65
CA LYS A 34 -17.45 -1.94 0.89
C LYS A 34 -16.51 -2.40 -0.23
N ALA A 35 -16.55 -3.70 -0.51
CA ALA A 35 -15.71 -4.27 -1.56
C ALA A 35 -15.71 -3.40 -2.81
N ALA A 36 -14.59 -2.75 -3.08
CA ALA A 36 -14.46 -1.88 -4.25
C ALA A 36 -13.02 -1.81 -4.73
N PRO A 37 -12.85 -1.56 -6.03
CA PRO A 37 -11.51 -1.46 -6.64
C PRO A 37 -10.76 -0.21 -6.20
N VAL A 38 -9.45 -0.31 -6.12
CA VAL A 38 -8.61 0.82 -5.72
C VAL A 38 -7.39 0.97 -6.63
N GLU A 39 -6.52 1.91 -6.28
CA GLU A 39 -5.32 2.15 -7.07
C GLU A 39 -4.22 2.77 -6.21
N TRP A 40 -3.23 1.95 -5.87
CA TRP A 40 -2.11 2.42 -5.05
C TRP A 40 -1.23 3.38 -5.83
N ARG A 41 -0.57 4.29 -5.11
CA ARG A 41 0.30 5.28 -5.74
C ARG A 41 1.49 5.60 -4.84
N LYS A 42 2.68 5.16 -5.24
CA LYS A 42 3.89 5.40 -4.48
C LYS A 42 4.43 6.80 -4.75
N GLY A 43 3.98 7.77 -3.96
CA GLY A 43 4.43 9.13 -4.13
C GLY A 43 4.31 9.61 -5.56
N ARG A 44 3.26 10.38 -5.85
CA ARG A 44 3.05 10.90 -7.19
C ARG A 44 3.35 9.83 -8.25
N GLU A 45 3.15 8.57 -7.88
CA GLU A 45 3.41 7.47 -8.79
C GLU A 45 2.20 6.53 -8.86
N SER A 46 2.14 5.74 -9.92
CA SER A 46 1.04 4.81 -10.12
C SER A 46 1.50 3.37 -9.91
N LEU A 47 0.75 2.62 -9.11
CA LEU A 47 1.09 1.23 -8.83
C LEU A 47 0.02 0.28 -9.36
N ARG A 48 0.45 -0.74 -10.09
CA ARG A 48 -0.46 -1.72 -10.67
C ARG A 48 0.13 -3.12 -10.65
N ASP A 49 -0.72 -4.13 -10.54
CA ASP A 49 -0.27 -5.51 -10.51
C ASP A 49 0.55 -5.84 -11.76
N GLY A 50 1.81 -6.22 -11.56
CA GLY A 50 2.67 -6.55 -12.67
C GLY A 50 3.77 -7.53 -12.28
N ASP A 51 4.98 -7.26 -12.75
CA ASP A 51 6.13 -8.12 -12.45
C ASP A 51 6.05 -8.63 -11.02
N ARG A 52 6.36 -7.76 -10.07
CA ARG A 52 6.34 -8.12 -8.65
C ARG A 52 5.17 -7.44 -7.94
N HIS A 53 4.92 -6.19 -8.31
CA HIS A 53 3.84 -5.42 -7.70
C HIS A 53 2.59 -6.27 -7.52
N SER A 54 2.26 -6.59 -6.28
CA SER A 54 1.09 -7.41 -5.98
C SER A 54 0.01 -6.58 -5.30
N LEU A 55 -1.17 -6.53 -5.91
CA LEU A 55 -2.29 -5.78 -5.36
C LEU A 55 -3.49 -6.69 -5.11
N ARG A 56 -3.29 -7.68 -4.25
CA ARG A 56 -4.36 -8.62 -3.91
C ARG A 56 -5.48 -7.92 -3.16
N GLN A 57 -6.70 -8.09 -3.67
CA GLN A 57 -7.87 -7.47 -3.04
C GLN A 57 -8.76 -8.52 -2.39
N ASP A 58 -9.56 -8.10 -1.41
CA ASP A 58 -10.46 -8.99 -0.71
C ASP A 58 -11.76 -8.29 -0.34
N GLY A 59 -12.61 -8.99 0.40
CA GLY A 59 -13.88 -8.41 0.81
C GLY A 59 -13.70 -7.11 1.59
N ALA A 60 -13.54 -6.01 0.86
CA ALA A 60 -13.36 -4.71 1.48
C ALA A 60 -12.02 -4.63 2.20
N VAL A 61 -11.00 -5.27 1.62
CA VAL A 61 -9.66 -5.26 2.21
C VAL A 61 -8.59 -5.44 1.15
N CYS A 62 -7.89 -4.37 0.83
CA CYS A 62 -6.84 -4.41 -0.18
C CYS A 62 -5.48 -4.65 0.47
N GLU A 63 -4.53 -5.17 -0.32
CA GLU A 63 -3.19 -5.44 0.19
C GLU A 63 -2.16 -5.27 -0.92
N LEU A 64 -1.17 -4.40 -0.68
CA LEU A 64 -0.13 -4.14 -1.65
C LEU A 64 1.20 -4.76 -1.20
N GLN A 65 1.64 -5.78 -1.93
CA GLN A 65 2.89 -6.46 -1.60
C GLN A 65 3.99 -6.05 -2.56
N ILE A 66 5.19 -5.85 -2.02
CA ILE A 66 6.33 -5.45 -2.84
C ILE A 66 7.57 -6.28 -2.49
N CYS A 67 8.00 -7.11 -3.43
CA CYS A 67 9.17 -7.95 -3.22
C CYS A 67 10.46 -7.17 -3.49
N GLY A 68 11.57 -7.67 -2.94
CA GLY A 68 12.84 -7.01 -3.13
C GLY A 68 12.83 -5.57 -2.65
N LEU A 69 12.45 -5.37 -1.39
CA LEU A 69 12.39 -4.02 -0.82
C LEU A 69 13.74 -3.32 -0.93
N ALA A 70 13.75 -2.02 -0.64
CA ALA A 70 14.97 -1.24 -0.70
C ALA A 70 14.82 0.09 0.03
N VAL A 71 15.91 0.56 0.64
CA VAL A 71 15.89 1.82 1.37
C VAL A 71 15.42 2.96 0.49
N ALA A 72 15.59 2.80 -0.82
CA ALA A 72 15.19 3.82 -1.78
C ALA A 72 13.69 3.73 -2.09
N ASP A 73 13.08 2.61 -1.68
CA ASP A 73 11.65 2.40 -1.92
C ASP A 73 10.83 2.97 -0.77
N ALA A 74 11.50 3.58 0.19
CA ALA A 74 10.83 4.16 1.35
C ALA A 74 10.35 5.57 1.05
N GLY A 75 9.11 5.87 1.43
CA GLY A 75 8.57 7.20 1.18
C GLY A 75 7.18 7.37 1.76
N GLU A 76 6.16 7.13 0.94
CA GLU A 76 4.77 7.25 1.39
C GLU A 76 3.81 6.75 0.31
N TYR A 77 3.21 5.60 0.56
CA TYR A 77 2.26 5.01 -0.39
C TYR A 77 0.84 5.46 -0.09
N SER A 78 0.02 5.56 -1.14
CA SER A 78 -1.37 5.98 -0.99
C SER A 78 -2.30 5.07 -1.79
N CYS A 79 -3.48 4.82 -1.25
CA CYS A 79 -4.47 3.98 -1.91
C CYS A 79 -5.69 4.79 -2.34
N VAL A 80 -5.92 4.86 -3.65
CA VAL A 80 -7.05 5.60 -4.18
C VAL A 80 -8.21 4.67 -4.55
N CYS A 81 -9.41 5.03 -4.11
CA CYS A 81 -10.59 4.23 -4.38
C CYS A 81 -11.52 4.94 -5.35
N GLY A 82 -11.64 6.25 -5.18
CA GLY A 82 -12.51 7.04 -6.05
C GLY A 82 -12.51 8.51 -5.69
N GLU A 83 -13.05 8.83 -4.51
CA GLU A 83 -13.11 10.22 -4.06
C GLU A 83 -12.13 10.46 -2.91
N GLU A 84 -11.96 9.44 -2.07
CA GLU A 84 -11.06 9.55 -0.94
C GLU A 84 -9.77 8.75 -1.18
N ARG A 85 -8.67 9.22 -0.61
CA ARG A 85 -7.39 8.56 -0.77
C ARG A 85 -6.55 8.66 0.50
N THR A 86 -6.09 7.52 1.01
CA THR A 86 -5.29 7.48 2.22
C THR A 86 -3.82 7.28 1.90
N SER A 87 -2.95 7.60 2.86
CA SER A 87 -1.51 7.44 2.67
C SER A 87 -0.86 6.92 3.94
N ALA A 88 0.20 6.12 3.77
CA ALA A 88 0.92 5.55 4.91
C ALA A 88 2.41 5.56 4.66
N THR A 89 3.13 6.42 5.39
CA THR A 89 4.58 6.53 5.25
C THR A 89 5.25 5.19 5.46
N LEU A 90 6.02 4.75 4.47
CA LEU A 90 6.72 3.47 4.55
C LEU A 90 8.21 3.68 4.85
N THR A 91 8.69 3.07 5.93
CA THR A 91 10.08 3.19 6.32
C THR A 91 10.84 1.89 6.06
N VAL A 92 11.97 2.00 5.37
CA VAL A 92 12.79 0.84 5.06
C VAL A 92 14.07 0.84 5.88
N LYS A 93 14.49 -0.36 6.30
CA LYS A 93 15.71 -0.50 7.09
C LYS A 93 16.78 -1.28 6.33
N ALA A 94 17.99 -1.30 6.87
CA ALA A 94 19.08 -2.02 6.24
C ALA A 94 19.27 -3.40 6.86
N LEU A 95 19.07 -4.44 6.07
CA LEU A 95 19.21 -5.82 6.55
C LEU A 95 20.63 -6.07 7.06
N PRO A 96 20.74 -6.87 8.12
CA PRO A 96 22.04 -7.23 8.72
C PRO A 96 22.87 -8.12 7.82
N SER A 97 22.22 -9.08 7.17
CA SER A 97 22.91 -10.01 6.29
C SER A 97 23.72 -11.03 7.09
N GLY A 98 23.13 -11.52 8.17
CA GLY A 98 23.82 -12.50 9.00
C GLY A 98 23.64 -12.22 10.48
N PRO A 99 24.62 -11.52 11.08
CA PRO A 99 24.59 -11.17 12.50
C PRO A 99 23.52 -10.13 12.82
N SER A 100 22.41 -10.60 13.39
CA SER A 100 21.30 -9.72 13.74
C SER A 100 21.74 -8.69 14.78
N SER A 101 21.47 -7.42 14.51
CA SER A 101 21.83 -6.35 15.42
C SER A 101 21.24 -6.59 16.81
N GLY A 102 19.96 -6.91 16.85
CA GLY A 102 19.29 -7.17 18.12
C GLY A 102 18.43 -6.00 18.56
N GLY A 1 -33.36 17.59 -2.21
CA GLY A 1 -33.26 17.47 -3.64
C GLY A 1 -33.37 16.04 -4.12
N SER A 2 -32.89 15.78 -5.34
CA SER A 2 -32.94 14.44 -5.91
C SER A 2 -32.41 13.41 -4.92
N SER A 3 -32.53 12.14 -5.28
CA SER A 3 -32.07 11.05 -4.42
C SER A 3 -30.86 10.36 -5.02
N GLY A 4 -30.04 9.75 -4.16
CA GLY A 4 -28.85 9.07 -4.62
C GLY A 4 -27.59 9.89 -4.44
N SER A 5 -27.40 10.42 -3.24
CA SER A 5 -26.22 11.24 -2.94
C SER A 5 -25.14 10.42 -2.25
N SER A 6 -24.34 9.72 -3.05
CA SER A 6 -23.27 8.89 -2.51
C SER A 6 -22.22 8.62 -3.57
N GLY A 7 -21.03 8.21 -3.13
CA GLY A 7 -19.94 7.91 -4.06
C GLY A 7 -19.42 6.50 -3.91
N PRO A 8 -18.16 6.28 -4.34
CA PRO A 8 -17.52 4.97 -4.25
C PRO A 8 -17.20 4.57 -2.82
N ALA A 9 -16.69 3.35 -2.66
CA ALA A 9 -16.34 2.84 -1.33
C ALA A 9 -15.37 3.78 -0.62
N HIS A 10 -15.82 4.37 0.49
CA HIS A 10 -14.98 5.28 1.26
C HIS A 10 -13.96 4.52 2.09
N PHE A 11 -12.92 5.22 2.53
CA PHE A 11 -11.87 4.61 3.34
C PHE A 11 -12.25 4.62 4.81
N ILE A 12 -12.55 3.43 5.35
CA ILE A 12 -12.93 3.31 6.75
C ILE A 12 -11.75 2.86 7.59
N GLY A 13 -10.78 2.22 6.96
CA GLY A 13 -9.60 1.75 7.67
C GLY A 13 -8.31 2.32 7.11
N ARG A 14 -8.13 3.63 7.29
CA ARG A 14 -6.93 4.30 6.79
C ARG A 14 -5.69 3.44 7.03
N LEU A 15 -4.76 3.47 6.08
CA LEU A 15 -3.53 2.70 6.19
C LEU A 15 -2.81 3.01 7.49
N ARG A 16 -1.62 2.44 7.66
CA ARG A 16 -0.82 2.66 8.87
C ARG A 16 0.66 2.51 8.58
N HIS A 17 1.42 3.58 8.83
CA HIS A 17 2.86 3.57 8.60
C HIS A 17 3.47 2.24 9.03
N GLN A 18 4.04 1.52 8.07
CA GLN A 18 4.66 0.23 8.35
C GLN A 18 6.15 0.26 8.03
N GLU A 19 6.95 -0.36 8.89
CA GLU A 19 8.39 -0.40 8.71
C GLU A 19 8.84 -1.76 8.20
N SER A 20 9.47 -1.78 7.03
CA SER A 20 9.95 -3.02 6.43
C SER A 20 11.47 -3.03 6.35
N ILE A 21 12.03 -4.17 5.97
CA ILE A 21 13.47 -4.32 5.86
C ILE A 21 13.91 -4.35 4.39
N GLU A 22 15.03 -3.71 4.11
CA GLU A 22 15.56 -3.67 2.74
C GLU A 22 15.70 -5.07 2.16
N GLY A 23 15.34 -5.21 0.89
CA GLY A 23 15.42 -6.50 0.22
C GLY A 23 14.21 -7.37 0.50
N ALA A 24 13.61 -7.19 1.68
CA ALA A 24 12.44 -7.95 2.06
C ALA A 24 11.24 -7.62 1.17
N THR A 25 10.08 -8.19 1.51
CA THR A 25 8.87 -7.96 0.74
C THR A 25 7.82 -7.22 1.57
N ALA A 26 7.62 -5.94 1.26
CA ALA A 26 6.65 -5.13 1.98
C ALA A 26 5.22 -5.57 1.66
N THR A 27 4.34 -5.48 2.66
CA THR A 27 2.96 -5.88 2.49
C THR A 27 2.01 -4.95 3.26
N LEU A 28 1.31 -4.09 2.52
CA LEU A 28 0.39 -3.14 3.13
C LEU A 28 -1.02 -3.71 3.18
N ARG A 29 -1.88 -3.12 3.99
CA ARG A 29 -3.26 -3.56 4.12
C ARG A 29 -4.16 -2.42 4.57
N CYS A 30 -5.31 -2.28 3.92
CA CYS A 30 -6.26 -1.23 4.26
C CYS A 30 -7.69 -1.77 4.27
N GLU A 31 -8.65 -0.89 4.52
CA GLU A 31 -10.06 -1.28 4.58
C GLU A 31 -10.92 -0.25 3.87
N LEU A 32 -11.99 -0.73 3.23
CA LEU A 32 -12.91 0.15 2.51
C LEU A 32 -14.34 -0.08 2.97
N SER A 33 -15.21 0.90 2.70
CA SER A 33 -16.61 0.80 3.07
C SER A 33 -17.26 -0.43 2.46
N LYS A 34 -16.70 -0.89 1.34
CA LYS A 34 -17.22 -2.06 0.66
C LYS A 34 -16.30 -2.47 -0.49
N ALA A 35 -16.20 -3.79 -0.72
CA ALA A 35 -15.35 -4.31 -1.78
C ALA A 35 -15.37 -3.39 -3.01
N ALA A 36 -14.24 -2.76 -3.27
CA ALA A 36 -14.12 -1.85 -4.42
C ALA A 36 -12.69 -1.76 -4.90
N PRO A 37 -12.52 -1.47 -6.20
CA PRO A 37 -11.20 -1.35 -6.82
C PRO A 37 -10.45 -0.11 -6.35
N VAL A 38 -9.14 -0.26 -6.12
CA VAL A 38 -8.31 0.85 -5.67
C VAL A 38 -7.05 0.98 -6.52
N GLU A 39 -6.26 2.01 -6.24
CA GLU A 39 -5.02 2.24 -6.97
C GLU A 39 -3.95 2.83 -6.07
N TRP A 40 -2.96 2.03 -5.72
CA TRP A 40 -1.88 2.48 -4.85
C TRP A 40 -0.98 3.46 -5.57
N ARG A 41 -0.41 4.41 -4.82
CA ARG A 41 0.48 5.41 -5.40
C ARG A 41 1.62 5.74 -4.44
N LYS A 42 2.84 5.78 -4.98
CA LYS A 42 4.02 6.08 -4.18
C LYS A 42 4.65 7.40 -4.60
N GLY A 43 4.18 8.49 -4.01
CA GLY A 43 4.71 9.81 -4.33
C GLY A 43 4.60 10.11 -5.81
N ARG A 44 3.56 10.85 -6.20
CA ARG A 44 3.35 11.21 -7.59
C ARG A 44 3.60 10.01 -8.50
N GLU A 45 3.41 8.81 -7.96
CA GLU A 45 3.61 7.59 -8.73
C GLU A 45 2.36 6.71 -8.69
N SER A 46 2.45 5.52 -9.28
CA SER A 46 1.33 4.59 -9.31
C SER A 46 1.83 3.14 -9.30
N LEU A 47 1.24 2.34 -8.42
CA LEU A 47 1.62 0.94 -8.29
C LEU A 47 0.51 0.03 -8.84
N ARG A 48 0.87 -0.79 -9.82
CA ARG A 48 -0.09 -1.71 -10.43
C ARG A 48 0.41 -3.15 -10.34
N ASP A 49 -0.52 -4.10 -10.40
CA ASP A 49 -0.18 -5.51 -10.33
C ASP A 49 0.65 -5.93 -11.54
N GLY A 50 1.75 -6.63 -11.29
CA GLY A 50 2.61 -7.08 -12.37
C GLY A 50 3.54 -8.19 -11.94
N ASP A 51 4.79 -8.13 -12.40
CA ASP A 51 5.78 -9.15 -12.06
C ASP A 51 5.56 -9.67 -10.64
N ARG A 52 5.86 -8.83 -9.65
CA ARG A 52 5.69 -9.22 -8.26
C ARG A 52 4.59 -8.40 -7.59
N HIS A 53 4.57 -7.11 -7.86
CA HIS A 53 3.57 -6.21 -7.29
C HIS A 53 2.21 -6.90 -7.23
N SER A 54 1.77 -7.23 -6.02
CA SER A 54 0.48 -7.89 -5.83
C SER A 54 -0.52 -6.95 -5.18
N LEU A 55 -1.66 -6.77 -5.84
CA LEU A 55 -2.71 -5.89 -5.34
C LEU A 55 -3.98 -6.68 -5.03
N ARG A 56 -3.81 -7.85 -4.43
CA ARG A 56 -4.95 -8.70 -4.09
C ARG A 56 -5.87 -8.00 -3.10
N GLN A 57 -7.09 -8.51 -2.96
CA GLN A 57 -8.08 -7.94 -2.06
C GLN A 57 -8.90 -9.02 -1.37
N ASP A 58 -9.41 -8.71 -0.18
CA ASP A 58 -10.22 -9.66 0.57
C ASP A 58 -11.48 -9.00 1.10
N GLY A 59 -12.46 -8.80 0.22
CA GLY A 59 -13.71 -8.18 0.62
C GLY A 59 -13.49 -6.87 1.38
N ALA A 60 -13.63 -5.76 0.67
CA ALA A 60 -13.45 -4.45 1.28
C ALA A 60 -12.07 -4.34 1.94
N VAL A 61 -11.10 -5.04 1.39
CA VAL A 61 -9.74 -5.02 1.92
C VAL A 61 -8.71 -5.15 0.81
N CYS A 62 -7.76 -4.23 0.78
CA CYS A 62 -6.72 -4.23 -0.23
C CYS A 62 -5.35 -4.49 0.39
N GLU A 63 -4.48 -5.16 -0.35
CA GLU A 63 -3.13 -5.47 0.13
C GLU A 63 -2.10 -5.31 -0.98
N LEU A 64 -1.12 -4.45 -0.74
CA LEU A 64 -0.06 -4.20 -1.73
C LEU A 64 1.22 -4.93 -1.34
N GLN A 65 1.66 -5.84 -2.21
CA GLN A 65 2.87 -6.61 -1.96
C GLN A 65 3.97 -6.21 -2.93
N ILE A 66 5.04 -5.62 -2.41
CA ILE A 66 6.17 -5.19 -3.24
C ILE A 66 7.44 -5.92 -2.84
N CYS A 67 7.84 -6.89 -3.65
CA CYS A 67 9.06 -7.66 -3.38
C CYS A 67 10.30 -6.85 -3.72
N GLY A 68 11.45 -7.30 -3.22
CA GLY A 68 12.69 -6.60 -3.47
C GLY A 68 12.68 -5.17 -2.96
N LEU A 69 12.36 -5.01 -1.68
CA LEU A 69 12.31 -3.69 -1.07
C LEU A 69 13.66 -2.98 -1.18
N ALA A 70 13.66 -1.69 -0.91
CA ALA A 70 14.90 -0.90 -0.97
C ALA A 70 14.76 0.40 -0.17
N VAL A 71 15.76 0.70 0.64
CA VAL A 71 15.76 1.91 1.46
C VAL A 71 15.27 3.10 0.66
N ALA A 72 15.38 3.01 -0.66
CA ALA A 72 14.95 4.09 -1.54
C ALA A 72 13.44 4.04 -1.77
N ASP A 73 12.90 2.83 -1.86
CA ASP A 73 11.47 2.65 -2.08
C ASP A 73 10.66 3.33 -0.98
N ALA A 74 11.28 3.51 0.17
CA ALA A 74 10.62 4.16 1.31
C ALA A 74 10.21 5.58 0.97
N GLY A 75 9.10 6.03 1.55
CA GLY A 75 8.62 7.38 1.30
C GLY A 75 7.23 7.60 1.85
N GLU A 76 6.21 7.36 1.03
CA GLU A 76 4.83 7.56 1.45
C GLU A 76 3.87 7.00 0.41
N TYR A 77 3.19 5.91 0.75
CA TYR A 77 2.23 5.29 -0.15
C TYR A 77 0.82 5.81 0.10
N SER A 78 -0.04 5.68 -0.92
CA SER A 78 -1.42 6.13 -0.81
C SER A 78 -2.35 5.24 -1.63
N CYS A 79 -3.52 4.96 -1.07
CA CYS A 79 -4.51 4.11 -1.74
C CYS A 79 -5.67 4.96 -2.27
N VAL A 80 -5.82 4.97 -3.59
CA VAL A 80 -6.89 5.74 -4.23
C VAL A 80 -8.05 4.82 -4.62
N CYS A 81 -9.26 5.20 -4.20
CA CYS A 81 -10.44 4.42 -4.52
C CYS A 81 -11.36 5.18 -5.47
N GLY A 82 -11.49 6.47 -5.24
CA GLY A 82 -12.34 7.30 -6.08
C GLY A 82 -12.31 8.76 -5.70
N GLU A 83 -12.99 9.10 -4.61
CA GLU A 83 -13.03 10.48 -4.14
C GLU A 83 -12.16 10.66 -2.90
N GLU A 84 -11.97 9.57 -2.16
CA GLU A 84 -11.15 9.61 -0.96
C GLU A 84 -9.89 8.77 -1.12
N ARG A 85 -8.78 9.27 -0.60
CA ARG A 85 -7.51 8.56 -0.69
C ARG A 85 -6.71 8.68 0.61
N THR A 86 -6.16 7.57 1.08
CA THR A 86 -5.38 7.55 2.31
C THR A 86 -3.89 7.42 2.01
N SER A 87 -3.08 7.56 3.06
CA SER A 87 -1.63 7.46 2.91
C SER A 87 -0.99 6.92 4.18
N ALA A 88 0.17 6.28 4.03
CA ALA A 88 0.88 5.72 5.17
C ALA A 88 2.38 5.70 4.93
N THR A 89 3.11 6.51 5.68
CA THR A 89 4.56 6.59 5.54
C THR A 89 5.21 5.21 5.72
N LEU A 90 6.02 4.82 4.74
CA LEU A 90 6.70 3.54 4.79
C LEU A 90 8.19 3.71 5.09
N THR A 91 8.66 3.05 6.13
CA THR A 91 10.06 3.12 6.52
C THR A 91 10.81 1.84 6.18
N VAL A 92 11.93 1.97 5.48
CA VAL A 92 12.73 0.82 5.09
C VAL A 92 14.00 0.74 5.92
N LYS A 93 14.39 -0.48 6.29
CA LYS A 93 15.59 -0.70 7.08
C LYS A 93 16.70 -1.32 6.23
N ALA A 94 17.90 -1.34 6.78
CA ALA A 94 19.05 -1.91 6.07
C ALA A 94 19.27 -3.36 6.47
N LEU A 95 19.18 -4.26 5.49
CA LEU A 95 19.38 -5.68 5.73
C LEU A 95 20.81 -5.98 6.15
N PRO A 96 20.98 -6.97 7.03
CA PRO A 96 22.30 -7.37 7.52
C PRO A 96 23.14 -8.06 6.45
N SER A 97 22.47 -8.75 5.53
CA SER A 97 23.15 -9.46 4.46
C SER A 97 23.60 -8.48 3.38
N GLY A 98 24.20 -7.38 3.81
CA GLY A 98 24.67 -6.38 2.86
C GLY A 98 25.73 -5.46 3.46
N PRO A 99 26.57 -4.88 2.59
CA PRO A 99 27.65 -3.99 3.01
C PRO A 99 27.11 -2.65 3.54
N SER A 100 26.02 -2.18 2.94
CA SER A 100 25.42 -0.92 3.34
C SER A 100 25.38 -0.80 4.86
N SER A 101 25.38 -1.94 5.54
CA SER A 101 25.34 -1.96 7.00
C SER A 101 26.63 -2.55 7.57
N GLY A 102 27.17 -1.91 8.60
CA GLY A 102 28.39 -2.38 9.22
C GLY A 102 28.14 -3.48 10.22
N GLY A 1 -26.56 23.88 2.78
CA GLY A 1 -25.24 23.71 2.19
C GLY A 1 -25.29 23.08 0.82
N SER A 2 -24.14 22.85 0.23
CA SER A 2 -24.05 22.25 -1.10
C SER A 2 -24.35 20.75 -1.04
N SER A 3 -24.85 20.20 -2.15
CA SER A 3 -25.19 18.79 -2.21
C SER A 3 -23.94 17.94 -2.37
N GLY A 4 -24.11 16.62 -2.36
CA GLY A 4 -22.99 15.72 -2.51
C GLY A 4 -23.19 14.43 -1.75
N SER A 5 -23.82 13.45 -2.39
CA SER A 5 -24.07 12.16 -1.77
C SER A 5 -22.83 11.27 -1.83
N SER A 6 -22.48 10.68 -0.69
CA SER A 6 -21.31 9.81 -0.61
C SER A 6 -21.19 8.95 -1.87
N GLY A 7 -20.05 9.05 -2.55
CA GLY A 7 -19.83 8.28 -3.75
C GLY A 7 -19.47 6.84 -3.46
N PRO A 8 -18.29 6.40 -3.95
CA PRO A 8 -17.81 5.03 -3.75
C PRO A 8 -17.42 4.76 -2.30
N ALA A 9 -16.95 3.54 -2.04
CA ALA A 9 -16.54 3.16 -0.70
C ALA A 9 -15.49 4.12 -0.15
N HIS A 10 -15.74 4.66 1.04
CA HIS A 10 -14.82 5.60 1.67
C HIS A 10 -13.90 4.87 2.64
N PHE A 11 -12.59 4.98 2.41
CA PHE A 11 -11.61 4.33 3.25
C PHE A 11 -12.02 4.41 4.72
N ILE A 12 -12.53 3.31 5.24
CA ILE A 12 -12.96 3.26 6.64
C ILE A 12 -11.79 2.94 7.57
N GLY A 13 -10.78 2.26 7.02
CA GLY A 13 -9.62 1.91 7.81
C GLY A 13 -8.32 2.43 7.21
N ARG A 14 -8.17 3.75 7.22
CA ARG A 14 -6.97 4.37 6.66
C ARG A 14 -5.73 3.52 6.94
N LEU A 15 -4.82 3.49 5.97
CA LEU A 15 -3.60 2.71 6.11
C LEU A 15 -2.88 3.04 7.41
N ARG A 16 -1.70 2.46 7.59
CA ARG A 16 -0.91 2.69 8.80
C ARG A 16 0.59 2.55 8.51
N HIS A 17 1.34 3.61 8.78
CA HIS A 17 2.78 3.61 8.54
C HIS A 17 3.38 2.28 8.99
N GLN A 18 4.01 1.57 8.06
CA GLN A 18 4.64 0.29 8.35
C GLN A 18 6.13 0.34 8.07
N GLU A 19 6.91 -0.30 8.93
CA GLU A 19 8.37 -0.33 8.78
C GLU A 19 8.85 -1.73 8.41
N SER A 20 9.52 -1.84 7.26
CA SER A 20 10.02 -3.13 6.80
C SER A 20 11.55 -3.10 6.69
N ILE A 21 12.12 -4.17 6.16
CA ILE A 21 13.55 -4.27 6.01
C ILE A 21 13.96 -4.22 4.54
N GLU A 22 15.12 -3.65 4.27
CA GLU A 22 15.63 -3.53 2.90
C GLU A 22 15.80 -4.91 2.27
N GLY A 23 15.26 -5.06 1.06
CA GLY A 23 15.37 -6.33 0.36
C GLY A 23 14.15 -7.22 0.59
N ALA A 24 13.59 -7.14 1.78
CA ALA A 24 12.41 -7.94 2.13
C ALA A 24 11.23 -7.61 1.21
N THR A 25 10.09 -8.20 1.51
CA THR A 25 8.88 -7.97 0.71
C THR A 25 7.81 -7.28 1.54
N ALA A 26 7.68 -5.96 1.35
CA ALA A 26 6.69 -5.18 2.07
C ALA A 26 5.27 -5.55 1.63
N THR A 27 4.33 -5.49 2.57
CA THR A 27 2.95 -5.81 2.29
C THR A 27 2.00 -4.91 3.05
N LEU A 28 1.37 -3.97 2.35
CA LEU A 28 0.43 -3.04 2.96
C LEU A 28 -0.98 -3.62 2.99
N ARG A 29 -1.85 -3.01 3.78
CA ARG A 29 -3.23 -3.46 3.90
C ARG A 29 -4.14 -2.33 4.37
N CYS A 30 -5.31 -2.23 3.77
CA CYS A 30 -6.27 -1.19 4.13
C CYS A 30 -7.68 -1.77 4.24
N GLU A 31 -8.64 -0.90 4.51
CA GLU A 31 -10.03 -1.32 4.64
C GLU A 31 -10.98 -0.33 3.95
N LEU A 32 -12.04 -0.86 3.36
CA LEU A 32 -13.01 -0.03 2.66
C LEU A 32 -14.42 -0.28 3.20
N SER A 33 -15.26 0.74 3.12
CA SER A 33 -16.64 0.65 3.60
C SER A 33 -17.41 -0.43 2.82
N LYS A 34 -16.92 -0.74 1.63
CA LYS A 34 -17.55 -1.75 0.79
C LYS A 34 -16.62 -2.16 -0.35
N ALA A 35 -16.71 -3.43 -0.75
CA ALA A 35 -15.88 -3.96 -1.82
C ALA A 35 -15.80 -2.96 -2.99
N ALA A 36 -14.62 -2.41 -3.21
CA ALA A 36 -14.42 -1.45 -4.28
C ALA A 36 -12.96 -1.47 -4.77
N PRO A 37 -12.76 -1.12 -6.04
CA PRO A 37 -11.43 -1.08 -6.65
C PRO A 37 -10.57 0.05 -6.10
N VAL A 38 -9.28 -0.22 -5.95
CA VAL A 38 -8.35 0.78 -5.44
C VAL A 38 -7.13 0.92 -6.35
N GLU A 39 -6.27 1.89 -6.03
CA GLU A 39 -5.06 2.12 -6.82
C GLU A 39 -3.94 2.70 -5.95
N TRP A 40 -2.97 1.85 -5.64
CA TRP A 40 -1.84 2.27 -4.82
C TRP A 40 -0.93 3.22 -5.58
N ARG A 41 -0.39 4.22 -4.87
CA ARG A 41 0.50 5.20 -5.48
C ARG A 41 1.74 5.43 -4.62
N LYS A 42 2.91 5.13 -5.18
CA LYS A 42 4.17 5.30 -4.46
C LYS A 42 4.77 6.68 -4.73
N GLY A 43 4.31 7.68 -3.99
CA GLY A 43 4.81 9.03 -4.17
C GLY A 43 4.57 9.55 -5.57
N ARG A 44 3.53 10.35 -5.74
CA ARG A 44 3.19 10.91 -7.04
C ARG A 44 3.38 9.88 -8.15
N GLU A 45 3.18 8.62 -7.81
CA GLU A 45 3.33 7.53 -8.78
C GLU A 45 2.12 6.61 -8.76
N SER A 46 2.04 5.72 -9.75
CA SER A 46 0.93 4.77 -9.84
C SER A 46 1.44 3.34 -9.84
N LEU A 47 0.86 2.52 -8.96
CA LEU A 47 1.24 1.12 -8.86
C LEU A 47 0.25 0.22 -9.58
N ARG A 48 0.73 -0.92 -10.06
CA ARG A 48 -0.12 -1.87 -10.77
C ARG A 48 0.37 -3.30 -10.57
N ASP A 49 -0.53 -4.26 -10.75
CA ASP A 49 -0.18 -5.67 -10.59
C ASP A 49 0.64 -6.16 -11.78
N GLY A 50 1.82 -6.72 -11.48
CA GLY A 50 2.67 -7.22 -12.54
C GLY A 50 3.62 -8.31 -12.05
N ASP A 51 4.87 -8.24 -12.47
CA ASP A 51 5.87 -9.23 -12.07
C ASP A 51 5.64 -9.67 -10.64
N ARG A 52 6.00 -8.81 -9.69
CA ARG A 52 5.84 -9.12 -8.27
C ARG A 52 4.71 -8.30 -7.66
N HIS A 53 4.72 -7.00 -7.93
CA HIS A 53 3.69 -6.10 -7.41
C HIS A 53 2.33 -6.81 -7.36
N SER A 54 1.91 -7.18 -6.15
CA SER A 54 0.64 -7.87 -5.97
C SER A 54 -0.39 -6.93 -5.34
N LEU A 55 -1.53 -6.78 -6.02
CA LEU A 55 -2.59 -5.91 -5.53
C LEU A 55 -3.84 -6.72 -5.19
N ARG A 56 -3.64 -7.99 -4.86
CA ARG A 56 -4.74 -8.88 -4.51
C ARG A 56 -5.76 -8.15 -3.63
N GLN A 57 -7.02 -8.54 -3.76
CA GLN A 57 -8.09 -7.92 -2.97
C GLN A 57 -8.97 -8.99 -2.32
N ASP A 58 -9.48 -8.69 -1.14
CA ASP A 58 -10.34 -9.62 -0.42
C ASP A 58 -11.60 -8.92 0.09
N GLY A 59 -12.56 -8.70 -0.80
CA GLY A 59 -13.79 -8.04 -0.42
C GLY A 59 -13.61 -6.54 -0.23
N ALA A 60 -13.60 -6.11 1.02
CA ALA A 60 -13.43 -4.69 1.34
C ALA A 60 -12.04 -4.41 1.89
N VAL A 61 -11.12 -5.35 1.67
CA VAL A 61 -9.76 -5.19 2.15
C VAL A 61 -8.75 -5.39 1.03
N CYS A 62 -7.86 -4.41 0.86
CA CYS A 62 -6.85 -4.48 -0.19
C CYS A 62 -5.46 -4.66 0.41
N GLU A 63 -4.55 -5.23 -0.38
CA GLU A 63 -3.19 -5.47 0.08
C GLU A 63 -2.19 -5.27 -1.06
N LEU A 64 -1.14 -4.50 -0.79
CA LEU A 64 -0.12 -4.22 -1.79
C LEU A 64 1.20 -4.89 -1.41
N GLN A 65 1.63 -5.84 -2.23
CA GLN A 65 2.87 -6.56 -2.00
C GLN A 65 3.99 -6.01 -2.88
N ILE A 66 5.16 -5.80 -2.28
CA ILE A 66 6.30 -5.28 -3.01
C ILE A 66 7.58 -6.04 -2.65
N CYS A 67 8.09 -6.81 -3.61
CA CYS A 67 9.30 -7.59 -3.39
C CYS A 67 10.55 -6.76 -3.70
N GLY A 68 11.70 -7.24 -3.24
CA GLY A 68 12.94 -6.53 -3.48
C GLY A 68 12.93 -5.13 -2.91
N LEU A 69 12.54 -5.00 -1.64
CA LEU A 69 12.49 -3.71 -0.98
C LEU A 69 13.82 -2.98 -1.08
N ALA A 70 13.80 -1.67 -0.85
CA ALA A 70 15.01 -0.86 -0.91
C ALA A 70 14.85 0.43 -0.11
N VAL A 71 15.82 0.70 0.76
CA VAL A 71 15.78 1.89 1.59
C VAL A 71 15.32 3.10 0.79
N ALA A 72 15.50 3.05 -0.52
CA ALA A 72 15.09 4.13 -1.40
C ALA A 72 13.58 4.12 -1.62
N ASP A 73 13.01 2.93 -1.77
CA ASP A 73 11.57 2.80 -1.99
C ASP A 73 10.79 3.51 -0.89
N ALA A 74 11.37 3.55 0.31
CA ALA A 74 10.73 4.20 1.44
C ALA A 74 10.28 5.62 1.09
N GLY A 75 9.13 6.02 1.60
CA GLY A 75 8.61 7.35 1.33
C GLY A 75 7.21 7.56 1.87
N GLU A 76 6.21 7.32 1.04
CA GLU A 76 4.82 7.48 1.45
C GLU A 76 3.87 6.98 0.38
N TYR A 77 3.23 5.85 0.64
CA TYR A 77 2.29 5.25 -0.31
C TYR A 77 0.86 5.73 -0.04
N SER A 78 0.01 5.66 -1.06
CA SER A 78 -1.37 6.08 -0.94
C SER A 78 -2.29 5.18 -1.74
N CYS A 79 -3.44 4.85 -1.17
CA CYS A 79 -4.41 3.98 -1.84
C CYS A 79 -5.61 4.80 -2.34
N VAL A 80 -5.75 4.87 -3.66
CA VAL A 80 -6.84 5.62 -4.28
C VAL A 80 -7.99 4.68 -4.64
N CYS A 81 -9.20 5.05 -4.20
CA CYS A 81 -10.38 4.25 -4.48
C CYS A 81 -11.30 4.97 -5.48
N GLY A 82 -11.47 6.26 -5.27
CA GLY A 82 -12.32 7.04 -6.15
C GLY A 82 -12.35 8.52 -5.78
N GLU A 83 -12.89 8.81 -4.60
CA GLU A 83 -12.98 10.19 -4.12
C GLU A 83 -12.05 10.41 -2.93
N GLU A 84 -11.86 9.38 -2.13
CA GLU A 84 -10.99 9.46 -0.96
C GLU A 84 -9.69 8.70 -1.19
N ARG A 85 -8.59 9.27 -0.73
CA ARG A 85 -7.28 8.64 -0.89
C ARG A 85 -6.46 8.76 0.40
N THR A 86 -6.09 7.62 0.97
CA THR A 86 -5.31 7.59 2.19
C THR A 86 -3.83 7.39 1.91
N SER A 87 -3.00 7.61 2.92
CA SER A 87 -1.56 7.45 2.77
C SER A 87 -0.93 6.91 4.06
N ALA A 88 0.17 6.20 3.90
CA ALA A 88 0.88 5.62 5.06
C ALA A 88 2.39 5.64 4.85
N THR A 89 3.07 6.52 5.58
CA THR A 89 4.52 6.64 5.47
C THR A 89 5.20 5.29 5.70
N LEU A 90 5.93 4.84 4.70
CA LEU A 90 6.64 3.56 4.78
C LEU A 90 8.10 3.78 5.18
N THR A 91 8.59 2.92 6.08
CA THR A 91 9.96 3.02 6.56
C THR A 91 10.73 1.74 6.24
N VAL A 92 11.87 1.90 5.58
CA VAL A 92 12.71 0.76 5.21
C VAL A 92 13.97 0.71 6.07
N LYS A 93 14.37 -0.50 6.45
CA LYS A 93 15.56 -0.68 7.27
C LYS A 93 16.70 -1.28 6.45
N ALA A 94 17.90 -1.26 7.02
CA ALA A 94 19.08 -1.81 6.34
C ALA A 94 19.34 -3.24 6.75
N LEU A 95 19.20 -4.16 5.82
CA LEU A 95 19.42 -5.58 6.08
C LEU A 95 20.90 -5.86 6.38
N PRO A 96 21.16 -6.79 7.30
CA PRO A 96 22.52 -7.17 7.68
C PRO A 96 23.24 -7.92 6.58
N SER A 97 24.07 -7.20 5.82
CA SER A 97 24.83 -7.80 4.73
C SER A 97 26.30 -7.92 5.08
N GLY A 98 26.58 -8.32 6.33
CA GLY A 98 27.94 -8.46 6.78
C GLY A 98 28.16 -9.73 7.58
N PRO A 99 29.04 -10.61 7.06
CA PRO A 99 29.35 -11.89 7.71
C PRO A 99 30.15 -11.70 9.00
N SER A 100 30.02 -12.65 9.91
CA SER A 100 30.73 -12.59 11.19
C SER A 100 32.24 -12.51 10.98
N SER A 101 32.76 -11.28 10.96
CA SER A 101 34.19 -11.06 10.77
C SER A 101 34.61 -9.71 11.32
N GLY A 102 35.91 -9.43 11.24
CA GLY A 102 36.43 -8.16 11.75
C GLY A 102 37.94 -8.11 11.75
N GLY A 1 -23.55 17.42 -6.14
CA GLY A 1 -24.69 16.88 -5.43
C GLY A 1 -25.41 17.95 -4.61
N SER A 2 -26.59 17.60 -4.10
CA SER A 2 -27.38 18.53 -3.29
C SER A 2 -27.41 18.10 -1.83
N SER A 3 -26.26 17.64 -1.34
CA SER A 3 -26.16 17.18 0.04
C SER A 3 -26.99 15.92 0.27
N GLY A 4 -26.92 15.00 -0.69
CA GLY A 4 -27.67 13.76 -0.58
C GLY A 4 -27.44 12.85 -1.77
N SER A 5 -26.17 12.68 -2.15
CA SER A 5 -25.83 11.83 -3.27
C SER A 5 -25.00 10.63 -2.81
N SER A 6 -24.74 9.70 -3.74
CA SER A 6 -23.96 8.51 -3.42
C SER A 6 -22.58 8.58 -4.07
N GLY A 7 -21.71 7.64 -3.69
CA GLY A 7 -20.37 7.62 -4.25
C GLY A 7 -19.69 6.27 -4.05
N PRO A 8 -18.38 6.21 -4.35
CA PRO A 8 -17.59 5.00 -4.21
C PRO A 8 -17.37 4.61 -2.76
N ALA A 9 -16.58 3.56 -2.54
CA ALA A 9 -16.29 3.09 -1.19
C ALA A 9 -15.41 4.10 -0.44
N HIS A 10 -15.90 4.55 0.70
CA HIS A 10 -15.17 5.52 1.52
C HIS A 10 -14.22 4.81 2.48
N PHE A 11 -12.93 5.03 2.27
CA PHE A 11 -11.91 4.41 3.13
C PHE A 11 -12.26 4.55 4.60
N ILE A 12 -12.59 3.44 5.24
CA ILE A 12 -12.95 3.45 6.66
C ILE A 12 -11.73 3.20 7.53
N GLY A 13 -10.77 2.45 7.01
CA GLY A 13 -9.56 2.15 7.75
C GLY A 13 -8.30 2.59 7.02
N ARG A 14 -7.91 3.85 7.21
CA ARG A 14 -6.72 4.38 6.57
C ARG A 14 -5.50 3.51 6.86
N LEU A 15 -4.57 3.45 5.91
CA LEU A 15 -3.36 2.66 6.06
C LEU A 15 -2.69 2.96 7.39
N ARG A 16 -1.57 2.27 7.66
CA ARG A 16 -0.82 2.47 8.89
C ARG A 16 0.68 2.38 8.63
N HIS A 17 1.37 3.50 8.86
CA HIS A 17 2.81 3.55 8.66
C HIS A 17 3.48 2.25 9.09
N GLN A 18 4.03 1.52 8.13
CA GLN A 18 4.69 0.25 8.41
C GLN A 18 6.18 0.32 8.06
N GLU A 19 6.98 -0.41 8.82
CA GLU A 19 8.43 -0.42 8.59
C GLU A 19 8.88 -1.80 8.13
N SER A 20 9.63 -1.81 7.02
CA SER A 20 10.13 -3.06 6.46
C SER A 20 11.66 -3.07 6.40
N ILE A 21 12.23 -4.18 5.97
CA ILE A 21 13.68 -4.31 5.87
C ILE A 21 14.12 -4.42 4.41
N GLU A 22 15.24 -3.79 4.09
CA GLU A 22 15.78 -3.83 2.74
C GLU A 22 15.82 -5.25 2.20
N GLY A 23 15.45 -5.41 0.93
CA GLY A 23 15.45 -6.73 0.33
C GLY A 23 14.20 -7.53 0.66
N ALA A 24 13.59 -7.22 1.80
CA ALA A 24 12.39 -7.92 2.24
C ALA A 24 11.20 -7.57 1.35
N THR A 25 10.12 -8.34 1.48
CA THR A 25 8.93 -8.12 0.69
C THR A 25 7.86 -7.39 1.49
N ALA A 26 7.74 -6.09 1.28
CA ALA A 26 6.76 -5.28 1.99
C ALA A 26 5.34 -5.71 1.62
N THR A 27 4.41 -5.51 2.56
CA THR A 27 3.01 -5.88 2.33
C THR A 27 2.08 -4.99 3.14
N LEU A 28 1.40 -4.08 2.45
CA LEU A 28 0.47 -3.16 3.10
C LEU A 28 -0.94 -3.74 3.12
N ARG A 29 -1.83 -3.09 3.87
CA ARG A 29 -3.22 -3.55 3.97
C ARG A 29 -4.12 -2.42 4.47
N CYS A 30 -5.29 -2.31 3.87
CA CYS A 30 -6.25 -1.27 4.25
C CYS A 30 -7.68 -1.81 4.21
N GLU A 31 -8.64 -0.93 4.46
CA GLU A 31 -10.05 -1.32 4.45
C GLU A 31 -10.88 -0.34 3.62
N LEU A 32 -12.10 -0.75 3.28
CA LEU A 32 -13.00 0.09 2.48
C LEU A 32 -14.45 -0.10 2.92
N SER A 33 -15.28 0.89 2.63
CA SER A 33 -16.69 0.83 2.99
C SER A 33 -17.38 -0.35 2.29
N LYS A 34 -16.77 -0.82 1.21
CA LYS A 34 -17.32 -1.94 0.46
C LYS A 34 -16.36 -2.38 -0.64
N ALA A 35 -16.29 -3.69 -0.88
CA ALA A 35 -15.42 -4.23 -1.91
C ALA A 35 -15.40 -3.33 -3.15
N ALA A 36 -14.25 -2.71 -3.40
CA ALA A 36 -14.10 -1.83 -4.55
C ALA A 36 -12.64 -1.76 -5.00
N PRO A 37 -12.44 -1.49 -6.30
CA PRO A 37 -11.10 -1.39 -6.89
C PRO A 37 -10.34 -0.16 -6.41
N VAL A 38 -9.05 -0.32 -6.17
CA VAL A 38 -8.21 0.79 -5.71
C VAL A 38 -6.94 0.89 -6.52
N GLU A 39 -6.22 2.00 -6.35
CA GLU A 39 -4.97 2.21 -7.08
C GLU A 39 -3.89 2.75 -6.16
N TRP A 40 -2.95 1.88 -5.79
CA TRP A 40 -1.85 2.27 -4.91
C TRP A 40 -0.88 3.22 -5.62
N ARG A 41 -0.33 4.17 -4.87
CA ARG A 41 0.61 5.13 -5.43
C ARG A 41 1.83 5.28 -4.52
N LYS A 42 3.01 5.10 -5.10
CA LYS A 42 4.25 5.22 -4.35
C LYS A 42 4.85 6.62 -4.50
N GLY A 43 4.33 7.56 -3.73
CA GLY A 43 4.82 8.92 -3.79
C GLY A 43 4.78 9.49 -5.19
N ARG A 44 3.77 10.31 -5.47
CA ARG A 44 3.62 10.92 -6.79
C ARG A 44 3.84 9.88 -7.89
N GLU A 45 3.46 8.64 -7.62
CA GLU A 45 3.61 7.56 -8.58
C GLU A 45 2.36 6.69 -8.63
N SER A 46 2.29 5.83 -9.63
CA SER A 46 1.14 4.94 -9.80
C SER A 46 1.58 3.48 -9.82
N LEU A 47 0.96 2.67 -8.97
CA LEU A 47 1.29 1.26 -8.88
C LEU A 47 0.23 0.41 -9.58
N ARG A 48 0.63 -0.76 -10.05
CA ARG A 48 -0.28 -1.67 -10.74
C ARG A 48 0.13 -3.12 -10.53
N ASP A 49 -0.82 -4.03 -10.70
CA ASP A 49 -0.56 -5.45 -10.53
C ASP A 49 0.32 -5.98 -11.65
N GLY A 50 1.50 -6.49 -11.28
CA GLY A 50 2.42 -7.01 -12.27
C GLY A 50 3.21 -8.20 -11.75
N ASP A 51 4.46 -8.31 -12.18
CA ASP A 51 5.31 -9.41 -11.76
C ASP A 51 5.10 -9.73 -10.29
N ARG A 52 5.62 -8.87 -9.41
CA ARG A 52 5.49 -9.06 -7.97
C ARG A 52 4.35 -8.20 -7.41
N HIS A 53 4.40 -6.90 -7.72
CA HIS A 53 3.38 -5.98 -7.25
C HIS A 53 2.01 -6.65 -7.20
N SER A 54 1.64 -7.13 -6.02
CA SER A 54 0.36 -7.80 -5.83
C SER A 54 -0.64 -6.87 -5.15
N LEU A 55 -1.78 -6.67 -5.80
CA LEU A 55 -2.83 -5.81 -5.26
C LEU A 55 -4.06 -6.62 -4.86
N ARG A 56 -3.83 -7.81 -4.33
CA ARG A 56 -4.91 -8.69 -3.90
C ARG A 56 -5.89 -7.94 -3.00
N GLN A 57 -7.12 -8.44 -2.93
CA GLN A 57 -8.14 -7.82 -2.10
C GLN A 57 -8.96 -8.87 -1.37
N ASP A 58 -9.89 -8.42 -0.53
CA ASP A 58 -10.75 -9.33 0.23
C ASP A 58 -11.91 -8.57 0.87
N GLY A 59 -13.10 -8.74 0.29
CA GLY A 59 -14.28 -8.07 0.81
C GLY A 59 -13.95 -6.72 1.43
N ALA A 60 -13.88 -5.69 0.60
CA ALA A 60 -13.58 -4.35 1.07
C ALA A 60 -12.21 -4.30 1.75
N VAL A 61 -11.21 -4.86 1.08
CA VAL A 61 -9.85 -4.87 1.62
C VAL A 61 -8.82 -4.97 0.50
N CYS A 62 -7.74 -4.21 0.63
CA CYS A 62 -6.68 -4.21 -0.36
C CYS A 62 -5.32 -4.46 0.29
N GLU A 63 -4.43 -5.12 -0.45
CA GLU A 63 -3.10 -5.43 0.05
C GLU A 63 -2.05 -5.29 -1.05
N LEU A 64 -1.11 -4.38 -0.84
CA LEU A 64 -0.05 -4.14 -1.82
C LEU A 64 1.24 -4.85 -1.41
N GLN A 65 1.68 -5.79 -2.23
CA GLN A 65 2.90 -6.54 -1.96
C GLN A 65 4.02 -6.11 -2.88
N ILE A 66 5.10 -5.58 -2.30
CA ILE A 66 6.24 -5.12 -3.07
C ILE A 66 7.49 -5.94 -2.74
N CYS A 67 7.99 -6.67 -3.72
CA CYS A 67 9.18 -7.50 -3.53
C CYS A 67 10.44 -6.70 -3.85
N GLY A 68 11.57 -7.15 -3.30
CA GLY A 68 12.83 -6.47 -3.52
C GLY A 68 12.83 -5.05 -3.00
N LEU A 69 12.42 -4.89 -1.75
CA LEU A 69 12.37 -3.58 -1.12
C LEU A 69 13.69 -2.83 -1.31
N ALA A 70 13.71 -1.56 -0.91
CA ALA A 70 14.92 -0.75 -1.04
C ALA A 70 14.79 0.54 -0.23
N VAL A 71 15.79 0.82 0.60
CA VAL A 71 15.78 2.03 1.42
C VAL A 71 15.23 3.21 0.66
N ALA A 72 15.45 3.23 -0.65
CA ALA A 72 14.97 4.32 -1.50
C ALA A 72 13.46 4.26 -1.64
N ASP A 73 12.93 3.05 -1.81
CA ASP A 73 11.49 2.86 -1.96
C ASP A 73 10.72 3.55 -0.84
N ALA A 74 11.34 3.61 0.34
CA ALA A 74 10.72 4.25 1.50
C ALA A 74 10.24 5.66 1.16
N GLY A 75 9.06 6.01 1.67
CA GLY A 75 8.51 7.33 1.41
C GLY A 75 7.09 7.47 1.93
N GLU A 76 6.12 7.30 1.05
CA GLU A 76 4.71 7.43 1.44
C GLU A 76 3.81 6.80 0.38
N TYR A 77 3.15 5.71 0.74
CA TYR A 77 2.25 5.02 -0.18
C TYR A 77 0.79 5.39 0.09
N SER A 78 0.04 5.64 -0.97
CA SER A 78 -1.36 6.01 -0.85
C SER A 78 -2.25 5.03 -1.60
N CYS A 79 -3.43 4.78 -1.06
CA CYS A 79 -4.38 3.86 -1.68
C CYS A 79 -5.65 4.59 -2.12
N VAL A 80 -5.77 4.82 -3.42
CA VAL A 80 -6.94 5.51 -3.97
C VAL A 80 -8.07 4.53 -4.26
N CYS A 81 -9.29 4.95 -3.98
CA CYS A 81 -10.46 4.11 -4.21
C CYS A 81 -11.53 4.87 -5.00
N GLY A 82 -11.59 6.18 -4.79
CA GLY A 82 -12.57 7.00 -5.48
C GLY A 82 -12.39 8.47 -5.19
N GLU A 83 -13.26 9.02 -4.34
CA GLU A 83 -13.20 10.44 -3.98
C GLU A 83 -12.22 10.66 -2.84
N GLU A 84 -11.99 9.63 -2.04
CA GLU A 84 -11.08 9.73 -0.91
C GLU A 84 -9.81 8.93 -1.19
N ARG A 85 -8.85 9.01 -0.26
CA ARG A 85 -7.59 8.29 -0.39
C ARG A 85 -6.80 8.34 0.92
N THR A 86 -6.19 7.21 1.26
CA THR A 86 -5.40 7.11 2.49
C THR A 86 -3.92 6.97 2.18
N SER A 87 -3.09 7.61 2.99
CA SER A 87 -1.64 7.55 2.79
C SER A 87 -0.94 7.05 4.05
N ALA A 88 0.13 6.29 3.86
CA ALA A 88 0.89 5.74 4.98
C ALA A 88 2.39 5.84 4.74
N THR A 89 3.11 6.36 5.72
CA THR A 89 4.57 6.50 5.59
C THR A 89 5.27 5.16 5.77
N LEU A 90 6.04 4.76 4.76
CA LEU A 90 6.77 3.50 4.80
C LEU A 90 8.23 3.73 5.17
N THR A 91 8.71 2.98 6.15
CA THR A 91 10.09 3.09 6.60
C THR A 91 10.88 1.83 6.28
N VAL A 92 12.00 1.99 5.58
CA VAL A 92 12.85 0.87 5.22
C VAL A 92 14.14 0.87 6.01
N LYS A 93 14.60 -0.32 6.40
CA LYS A 93 15.84 -0.46 7.16
C LYS A 93 16.89 -1.21 6.36
N ALA A 94 18.14 -1.12 6.80
CA ALA A 94 19.24 -1.79 6.13
C ALA A 94 19.52 -3.15 6.75
N LEU A 95 19.22 -4.20 5.98
CA LEU A 95 19.43 -5.57 6.45
C LEU A 95 20.90 -5.81 6.76
N PRO A 96 21.15 -6.62 7.81
CA PRO A 96 22.52 -6.96 8.23
C PRO A 96 23.23 -7.86 7.23
N SER A 97 24.01 -7.25 6.35
CA SER A 97 24.75 -8.00 5.33
C SER A 97 26.09 -8.47 5.88
N GLY A 98 26.84 -7.55 6.47
CA GLY A 98 28.14 -7.89 7.03
C GLY A 98 28.56 -6.95 8.13
N PRO A 99 29.81 -7.10 8.60
CA PRO A 99 30.36 -6.26 9.67
C PRO A 99 30.61 -4.83 9.21
N SER A 100 30.64 -4.63 7.89
CA SER A 100 30.87 -3.31 7.32
C SER A 100 30.23 -2.22 8.19
N SER A 101 28.91 -2.23 8.26
CA SER A 101 28.16 -1.26 9.04
C SER A 101 28.08 -1.68 10.51
N GLY A 102 27.45 -2.84 10.74
CA GLY A 102 27.31 -3.34 12.09
C GLY A 102 28.42 -4.31 12.47
N GLY A 1 -34.33 4.66 -10.10
CA GLY A 1 -33.45 3.87 -9.26
C GLY A 1 -32.05 4.43 -9.19
N SER A 2 -31.08 3.56 -8.87
CA SER A 2 -29.69 3.99 -8.77
C SER A 2 -29.08 4.17 -10.15
N SER A 3 -29.19 5.38 -10.68
CA SER A 3 -28.65 5.69 -12.01
C SER A 3 -27.30 6.38 -11.89
N GLY A 4 -26.25 5.74 -12.41
CA GLY A 4 -24.92 6.31 -12.36
C GLY A 4 -24.65 7.01 -11.05
N SER A 5 -25.06 6.38 -9.94
CA SER A 5 -24.86 6.96 -8.63
C SER A 5 -23.44 7.50 -8.48
N SER A 6 -23.31 8.60 -7.73
CA SER A 6 -22.01 9.22 -7.52
C SER A 6 -21.60 9.13 -6.05
N GLY A 7 -20.84 8.09 -5.73
CA GLY A 7 -20.38 7.90 -4.36
C GLY A 7 -19.69 6.58 -4.15
N PRO A 8 -18.37 6.54 -4.41
CA PRO A 8 -17.56 5.32 -4.25
C PRO A 8 -17.39 4.92 -2.79
N ALA A 9 -16.61 3.87 -2.56
CA ALA A 9 -16.37 3.39 -1.21
C ALA A 9 -15.48 4.34 -0.43
N HIS A 10 -15.98 4.81 0.71
CA HIS A 10 -15.23 5.73 1.55
C HIS A 10 -14.31 4.98 2.50
N PHE A 11 -13.00 5.15 2.31
CA PHE A 11 -12.01 4.49 3.15
C PHE A 11 -12.39 4.58 4.62
N ILE A 12 -12.75 3.45 5.21
CA ILE A 12 -13.14 3.41 6.61
C ILE A 12 -11.94 3.12 7.51
N GLY A 13 -10.97 2.38 6.97
CA GLY A 13 -9.78 2.05 7.74
C GLY A 13 -8.50 2.50 7.05
N ARG A 14 -8.05 3.70 7.36
CA ARG A 14 -6.84 4.24 6.76
C ARG A 14 -5.65 3.31 7.00
N LEU A 15 -4.70 3.31 6.07
CA LEU A 15 -3.53 2.46 6.17
C LEU A 15 -2.83 2.68 7.51
N ARG A 16 -1.69 2.01 7.70
CA ARG A 16 -0.93 2.13 8.93
C ARG A 16 0.57 2.04 8.65
N HIS A 17 1.29 3.11 8.95
CA HIS A 17 2.72 3.16 8.74
C HIS A 17 3.36 1.81 9.06
N GLN A 18 4.22 1.33 8.16
CA GLN A 18 4.90 0.05 8.35
C GLN A 18 6.39 0.18 8.07
N GLU A 19 7.20 -0.33 8.99
CA GLU A 19 8.65 -0.27 8.85
C GLU A 19 9.20 -1.61 8.36
N SER A 20 9.57 -1.65 7.08
CA SER A 20 10.11 -2.87 6.50
C SER A 20 11.63 -2.81 6.42
N ILE A 21 12.23 -3.83 5.80
CA ILE A 21 13.68 -3.89 5.66
C ILE A 21 14.09 -4.04 4.20
N GLU A 22 15.23 -3.46 3.85
CA GLU A 22 15.73 -3.53 2.48
C GLU A 22 15.80 -4.97 2.00
N GLY A 23 15.39 -5.20 0.75
CA GLY A 23 15.41 -6.54 0.19
C GLY A 23 14.17 -7.33 0.55
N ALA A 24 13.69 -7.16 1.78
CA ALA A 24 12.50 -7.88 2.24
C ALA A 24 11.29 -7.54 1.36
N THR A 25 10.15 -8.11 1.71
CA THR A 25 8.91 -7.87 0.97
C THR A 25 7.88 -7.15 1.83
N ALA A 26 7.53 -5.93 1.44
CA ALA A 26 6.55 -5.14 2.18
C ALA A 26 5.13 -5.55 1.80
N THR A 27 4.24 -5.54 2.79
CA THR A 27 2.85 -5.91 2.57
C THR A 27 1.90 -4.98 3.31
N LEU A 28 1.25 -4.09 2.57
CA LEU A 28 0.32 -3.14 3.17
C LEU A 28 -1.10 -3.69 3.15
N ARG A 29 -2.00 -3.01 3.86
CA ARG A 29 -3.39 -3.44 3.93
C ARG A 29 -4.29 -2.27 4.32
N CYS A 30 -5.51 -2.27 3.78
CA CYS A 30 -6.47 -1.21 4.07
C CYS A 30 -7.89 -1.74 4.03
N GLU A 31 -8.85 -0.88 4.37
CA GLU A 31 -10.26 -1.27 4.37
C GLU A 31 -11.11 -0.23 3.65
N LEU A 32 -12.18 -0.68 3.01
CA LEU A 32 -13.09 0.21 2.29
C LEU A 32 -14.52 0.00 2.74
N SER A 33 -15.33 1.05 2.61
CA SER A 33 -16.74 0.98 2.99
C SER A 33 -17.44 -0.19 2.31
N LYS A 34 -16.90 -0.61 1.18
CA LYS A 34 -17.47 -1.73 0.42
C LYS A 34 -16.52 -2.17 -0.69
N ALA A 35 -16.47 -3.48 -0.92
CA ALA A 35 -15.61 -4.02 -1.96
C ALA A 35 -15.58 -3.12 -3.19
N ALA A 36 -14.42 -2.50 -3.44
CA ALA A 36 -14.26 -1.61 -4.58
C ALA A 36 -12.81 -1.57 -5.04
N PRO A 37 -12.60 -1.28 -6.34
CA PRO A 37 -11.27 -1.21 -6.93
C PRO A 37 -10.49 0.01 -6.44
N VAL A 38 -9.18 -0.18 -6.23
CA VAL A 38 -8.32 0.90 -5.76
C VAL A 38 -7.07 1.02 -6.62
N GLU A 39 -6.23 1.99 -6.29
CA GLU A 39 -4.99 2.22 -7.04
C GLU A 39 -3.90 2.78 -6.13
N TRP A 40 -2.94 1.95 -5.77
CA TRP A 40 -1.85 2.36 -4.91
C TRP A 40 -0.93 3.35 -5.63
N ARG A 41 -0.27 4.21 -4.86
CA ARG A 41 0.62 5.21 -5.43
C ARG A 41 1.82 5.45 -4.51
N LYS A 42 3.01 5.13 -4.99
CA LYS A 42 4.23 5.31 -4.20
C LYS A 42 4.97 6.56 -4.65
N GLY A 43 4.72 7.67 -3.96
CA GLY A 43 5.39 8.93 -4.29
C GLY A 43 5.16 9.31 -5.74
N ARG A 44 4.22 10.22 -5.97
CA ARG A 44 3.91 10.69 -7.32
C ARG A 44 4.03 9.55 -8.33
N GLU A 45 3.77 8.33 -7.86
CA GLU A 45 3.86 7.15 -8.72
C GLU A 45 2.61 6.28 -8.58
N SER A 46 2.43 5.36 -9.52
CA SER A 46 1.28 4.46 -9.50
C SER A 46 1.72 3.01 -9.53
N LEU A 47 1.30 2.24 -8.52
CA LEU A 47 1.65 0.83 -8.43
C LEU A 47 0.55 -0.04 -9.06
N ARG A 48 0.97 -0.99 -9.89
CA ARG A 48 0.01 -1.89 -10.55
C ARG A 48 0.49 -3.33 -10.45
N ASP A 49 -0.46 -4.26 -10.44
CA ASP A 49 -0.15 -5.68 -10.36
C ASP A 49 0.68 -6.13 -11.55
N GLY A 50 1.75 -6.86 -11.28
CA GLY A 50 2.61 -7.34 -12.35
C GLY A 50 3.63 -8.36 -11.86
N ASP A 51 4.87 -8.21 -12.29
CA ASP A 51 5.94 -9.13 -11.89
C ASP A 51 5.72 -9.63 -10.47
N ARG A 52 5.91 -8.75 -9.50
CA ARG A 52 5.74 -9.11 -8.09
C ARG A 52 4.59 -8.32 -7.47
N HIS A 53 4.60 -7.01 -7.69
CA HIS A 53 3.56 -6.14 -7.14
C HIS A 53 2.21 -6.84 -7.13
N SER A 54 1.70 -7.11 -5.94
CA SER A 54 0.42 -7.79 -5.79
C SER A 54 -0.61 -6.87 -5.13
N LEU A 55 -1.73 -6.67 -5.81
CA LEU A 55 -2.79 -5.80 -5.30
C LEU A 55 -4.09 -6.60 -5.10
N ARG A 56 -3.96 -7.77 -4.50
CA ARG A 56 -5.12 -8.63 -4.26
C ARG A 56 -6.13 -7.92 -3.37
N GLN A 57 -7.31 -8.52 -3.24
CA GLN A 57 -8.38 -7.95 -2.42
C GLN A 57 -9.24 -9.03 -1.79
N ASP A 58 -9.73 -8.78 -0.59
CA ASP A 58 -10.57 -9.73 0.12
C ASP A 58 -11.80 -9.06 0.71
N GLY A 59 -12.78 -8.77 -0.14
CA GLY A 59 -14.00 -8.12 0.31
C GLY A 59 -13.71 -6.90 1.17
N ALA A 60 -13.71 -5.72 0.54
CA ALA A 60 -13.45 -4.48 1.25
C ALA A 60 -12.13 -4.55 2.01
N VAL A 61 -11.12 -5.15 1.38
CA VAL A 61 -9.81 -5.27 2.00
C VAL A 61 -8.71 -5.42 0.95
N CYS A 62 -7.95 -4.36 0.73
CA CYS A 62 -6.88 -4.37 -0.25
C CYS A 62 -5.53 -4.62 0.42
N GLU A 63 -4.62 -5.24 -0.32
CA GLU A 63 -3.29 -5.54 0.21
C GLU A 63 -2.23 -5.43 -0.88
N LEU A 64 -1.28 -4.52 -0.69
CA LEU A 64 -0.21 -4.31 -1.66
C LEU A 64 1.06 -5.05 -1.24
N GLN A 65 1.56 -5.90 -2.12
CA GLN A 65 2.77 -6.67 -1.83
C GLN A 65 3.92 -6.24 -2.75
N ILE A 66 4.90 -5.54 -2.19
CA ILE A 66 6.05 -5.08 -2.95
C ILE A 66 7.30 -5.86 -2.58
N CYS A 67 7.80 -6.66 -3.53
CA CYS A 67 9.00 -7.44 -3.31
C CYS A 67 10.25 -6.64 -3.61
N GLY A 68 11.41 -7.17 -3.21
CA GLY A 68 12.67 -6.47 -3.45
C GLY A 68 12.65 -5.05 -2.93
N LEU A 69 12.33 -4.89 -1.65
CA LEU A 69 12.28 -3.57 -1.03
C LEU A 69 13.61 -2.84 -1.22
N ALA A 70 13.58 -1.52 -1.05
CA ALA A 70 14.77 -0.71 -1.20
C ALA A 70 14.68 0.56 -0.34
N VAL A 71 15.73 0.82 0.43
CA VAL A 71 15.77 2.00 1.29
C VAL A 71 15.27 3.23 0.55
N ALA A 72 15.46 3.26 -0.76
CA ALA A 72 15.02 4.38 -1.58
C ALA A 72 13.51 4.37 -1.77
N ASP A 73 12.94 3.17 -1.86
CA ASP A 73 11.51 3.01 -2.04
C ASP A 73 10.74 3.70 -0.91
N ALA A 74 11.34 3.72 0.28
CA ALA A 74 10.71 4.34 1.43
C ALA A 74 10.24 5.75 1.12
N GLY A 75 9.17 6.18 1.79
CA GLY A 75 8.64 7.51 1.57
C GLY A 75 7.23 7.67 2.10
N GLU A 76 6.25 7.39 1.25
CA GLU A 76 4.84 7.50 1.65
C GLU A 76 3.93 6.94 0.57
N TYR A 77 3.25 5.84 0.89
CA TYR A 77 2.34 5.20 -0.05
C TYR A 77 0.90 5.65 0.19
N SER A 78 0.07 5.50 -0.83
CA SER A 78 -1.33 5.89 -0.74
C SER A 78 -2.22 4.95 -1.55
N CYS A 79 -3.44 4.74 -1.08
CA CYS A 79 -4.38 3.86 -1.75
C CYS A 79 -5.63 4.63 -2.19
N VAL A 80 -5.74 4.87 -3.49
CA VAL A 80 -6.88 5.60 -4.04
C VAL A 80 -8.02 4.65 -4.40
N CYS A 81 -9.22 4.97 -3.95
CA CYS A 81 -10.39 4.15 -4.23
C CYS A 81 -11.38 4.89 -5.12
N GLY A 82 -11.47 6.21 -4.92
CA GLY A 82 -12.39 7.02 -5.70
C GLY A 82 -12.29 8.50 -5.37
N GLU A 83 -13.19 8.97 -4.51
CA GLU A 83 -13.20 10.37 -4.12
C GLU A 83 -12.20 10.62 -2.99
N GLU A 84 -11.97 9.61 -2.17
CA GLU A 84 -11.04 9.71 -1.06
C GLU A 84 -9.80 8.85 -1.28
N ARG A 85 -8.85 8.94 -0.36
CA ARG A 85 -7.62 8.17 -0.47
C ARG A 85 -6.83 8.22 0.84
N THR A 86 -6.21 7.10 1.20
CA THR A 86 -5.43 7.03 2.42
C THR A 86 -3.93 6.95 2.11
N SER A 87 -3.12 7.21 3.14
CA SER A 87 -1.66 7.17 2.97
C SER A 87 -0.98 6.71 4.26
N ALA A 88 0.16 6.06 4.12
CA ALA A 88 0.91 5.57 5.27
C ALA A 88 2.41 5.62 5.00
N THR A 89 3.15 6.23 5.94
CA THR A 89 4.59 6.35 5.80
C THR A 89 5.27 4.98 5.89
N LEU A 90 6.11 4.68 4.91
CA LEU A 90 6.82 3.40 4.89
C LEU A 90 8.32 3.60 5.12
N THR A 91 8.83 3.01 6.19
CA THR A 91 10.25 3.13 6.52
C THR A 91 11.01 1.86 6.15
N VAL A 92 12.13 2.03 5.46
CA VAL A 92 12.95 0.90 5.04
C VAL A 92 14.28 0.89 5.79
N LYS A 93 14.75 -0.31 6.12
CA LYS A 93 16.01 -0.47 6.84
C LYS A 93 17.11 -0.98 5.89
N ALA A 94 18.30 -1.19 6.45
CA ALA A 94 19.43 -1.67 5.66
C ALA A 94 19.84 -3.07 6.09
N LEU A 95 19.44 -4.08 5.32
CA LEU A 95 19.76 -5.46 5.63
C LEU A 95 21.25 -5.62 5.91
N PRO A 96 21.57 -6.50 6.86
CA PRO A 96 22.97 -6.77 7.26
C PRO A 96 23.74 -7.52 6.17
N SER A 97 24.38 -6.76 5.29
CA SER A 97 25.15 -7.35 4.20
C SER A 97 26.45 -7.97 4.72
N GLY A 98 26.95 -8.97 4.01
CA GLY A 98 28.18 -9.62 4.41
C GLY A 98 28.21 -11.09 4.05
N PRO A 99 28.51 -11.38 2.77
CA PRO A 99 28.58 -12.76 2.26
C PRO A 99 29.75 -13.53 2.83
N SER A 100 29.85 -14.80 2.47
CA SER A 100 30.94 -15.66 2.94
C SER A 100 31.54 -16.46 1.79
N SER A 101 32.72 -16.05 1.34
CA SER A 101 33.40 -16.73 0.23
C SER A 101 34.13 -17.97 0.74
N GLY A 102 34.93 -17.79 1.79
CA GLY A 102 35.68 -18.91 2.34
C GLY A 102 37.17 -18.79 2.09
N GLY A 1 -31.23 10.45 2.13
CA GLY A 1 -32.48 9.75 1.83
C GLY A 1 -32.29 8.59 0.89
N SER A 2 -32.75 7.41 1.30
CA SER A 2 -32.62 6.20 0.48
C SER A 2 -31.17 5.99 0.06
N SER A 3 -30.25 6.19 1.00
CA SER A 3 -28.83 6.02 0.74
C SER A 3 -28.48 4.54 0.56
N GLY A 4 -27.28 4.29 0.04
CA GLY A 4 -26.86 2.92 -0.17
C GLY A 4 -25.84 2.79 -1.29
N SER A 5 -26.31 2.92 -2.53
CA SER A 5 -25.42 2.82 -3.69
C SER A 5 -25.45 4.11 -4.49
N SER A 6 -24.61 5.06 -4.09
CA SER A 6 -24.54 6.35 -4.77
C SER A 6 -23.09 6.67 -5.16
N GLY A 7 -22.22 6.75 -4.17
CA GLY A 7 -20.83 7.05 -4.42
C GLY A 7 -19.93 5.85 -4.21
N PRO A 8 -18.61 6.05 -4.37
CA PRO A 8 -17.61 4.99 -4.21
C PRO A 8 -17.47 4.57 -2.75
N ALA A 9 -16.56 3.62 -2.50
CA ALA A 9 -16.31 3.13 -1.15
C ALA A 9 -15.30 4.01 -0.42
N HIS A 10 -15.70 4.54 0.73
CA HIS A 10 -14.83 5.40 1.52
C HIS A 10 -13.93 4.57 2.43
N PHE A 11 -12.68 5.01 2.58
CA PHE A 11 -11.73 4.29 3.42
C PHE A 11 -12.12 4.40 4.89
N ILE A 12 -12.53 3.27 5.46
CA ILE A 12 -12.93 3.23 6.87
C ILE A 12 -11.75 2.91 7.78
N GLY A 13 -10.74 2.24 7.21
CA GLY A 13 -9.57 1.88 7.98
C GLY A 13 -8.28 2.41 7.36
N ARG A 14 -8.10 3.73 7.42
CA ARG A 14 -6.92 4.36 6.85
C ARG A 14 -5.69 3.45 7.02
N LEU A 15 -4.77 3.55 6.08
CA LEU A 15 -3.55 2.75 6.13
C LEU A 15 -2.85 2.89 7.48
N ARG A 16 -1.68 2.26 7.60
CA ARG A 16 -0.91 2.32 8.84
C ARG A 16 0.58 2.24 8.56
N HIS A 17 1.30 3.28 8.97
CA HIS A 17 2.75 3.33 8.76
C HIS A 17 3.40 2.01 9.14
N GLN A 18 4.14 1.42 8.20
CA GLN A 18 4.81 0.16 8.43
C GLN A 18 6.31 0.28 8.16
N GLU A 19 7.11 -0.31 9.05
CA GLU A 19 8.56 -0.26 8.92
C GLU A 19 9.10 -1.57 8.36
N SER A 20 9.49 -1.56 7.09
CA SER A 20 10.02 -2.75 6.44
C SER A 20 11.54 -2.75 6.45
N ILE A 21 12.14 -3.74 5.81
CA ILE A 21 13.59 -3.86 5.74
C ILE A 21 14.07 -4.12 4.32
N GLU A 22 15.20 -3.53 3.96
CA GLU A 22 15.76 -3.71 2.62
C GLU A 22 15.81 -5.18 2.25
N GLY A 23 15.42 -5.49 1.01
CA GLY A 23 15.43 -6.86 0.54
C GLY A 23 14.16 -7.60 0.91
N ALA A 24 13.65 -7.36 2.11
CA ALA A 24 12.44 -8.01 2.58
C ALA A 24 11.28 -7.76 1.62
N THR A 25 10.13 -8.36 1.91
CA THR A 25 8.95 -8.20 1.07
C THR A 25 7.86 -7.43 1.81
N ALA A 26 7.74 -6.15 1.48
CA ALA A 26 6.73 -5.30 2.11
C ALA A 26 5.32 -5.78 1.76
N THR A 27 4.35 -5.40 2.60
CA THR A 27 2.96 -5.80 2.38
C THR A 27 2.01 -4.89 3.15
N LEU A 28 1.34 -3.99 2.44
CA LEU A 28 0.39 -3.07 3.05
C LEU A 28 -1.02 -3.64 3.02
N ARG A 29 -1.91 -3.02 3.79
CA ARG A 29 -3.31 -3.47 3.84
C ARG A 29 -4.22 -2.34 4.32
N CYS A 30 -5.41 -2.27 3.75
CA CYS A 30 -6.37 -1.24 4.11
C CYS A 30 -7.80 -1.78 4.07
N GLU A 31 -8.77 -0.95 4.45
CA GLU A 31 -10.16 -1.34 4.45
C GLU A 31 -11.02 -0.33 3.68
N LEU A 32 -12.16 -0.78 3.19
CA LEU A 32 -13.07 0.08 2.46
C LEU A 32 -14.51 -0.13 2.89
N SER A 33 -15.33 0.90 2.75
CA SER A 33 -16.73 0.82 3.13
C SER A 33 -17.41 -0.38 2.49
N LYS A 34 -16.89 -0.79 1.33
CA LYS A 34 -17.44 -1.93 0.62
C LYS A 34 -16.50 -2.37 -0.51
N ALA A 35 -16.43 -3.67 -0.74
CA ALA A 35 -15.57 -4.21 -1.79
C ALA A 35 -15.57 -3.31 -3.01
N ALA A 36 -14.43 -2.69 -3.29
CA ALA A 36 -14.30 -1.80 -4.43
C ALA A 36 -12.85 -1.73 -4.91
N PRO A 37 -12.66 -1.44 -6.21
CA PRO A 37 -11.34 -1.34 -6.82
C PRO A 37 -10.57 -0.11 -6.34
N VAL A 38 -9.26 -0.26 -6.16
CA VAL A 38 -8.42 0.84 -5.71
C VAL A 38 -7.18 0.99 -6.61
N GLU A 39 -6.32 1.93 -6.24
CA GLU A 39 -5.10 2.17 -7.01
C GLU A 39 -4.02 2.80 -6.12
N TRP A 40 -3.02 1.99 -5.77
CA TRP A 40 -1.92 2.46 -4.93
C TRP A 40 -1.05 3.45 -5.68
N ARG A 41 -0.38 4.33 -4.95
CA ARG A 41 0.49 5.33 -5.55
C ARG A 41 1.70 5.61 -4.65
N LYS A 42 2.88 5.21 -5.12
CA LYS A 42 4.11 5.42 -4.37
C LYS A 42 4.59 6.86 -4.50
N GLY A 43 3.97 7.76 -3.74
CA GLY A 43 4.36 9.16 -3.78
C GLY A 43 3.66 9.92 -4.90
N ARG A 44 4.18 9.81 -6.11
CA ARG A 44 3.60 10.49 -7.26
C ARG A 44 3.51 9.55 -8.46
N GLU A 45 3.45 8.25 -8.19
CA GLU A 45 3.37 7.26 -9.25
C GLU A 45 2.14 6.37 -9.07
N SER A 46 1.80 5.62 -10.11
CA SER A 46 0.65 4.73 -10.07
C SER A 46 1.08 3.28 -9.97
N LEU A 47 0.80 2.66 -8.82
CA LEU A 47 1.16 1.27 -8.59
C LEU A 47 0.05 0.33 -9.03
N ARG A 48 0.42 -0.76 -9.70
CA ARG A 48 -0.57 -1.73 -10.17
C ARG A 48 0.07 -3.12 -10.32
N ASP A 49 -0.76 -4.14 -10.27
CA ASP A 49 -0.28 -5.52 -10.40
C ASP A 49 0.68 -5.65 -11.57
N GLY A 50 1.92 -6.04 -11.27
CA GLY A 50 2.93 -6.19 -12.30
C GLY A 50 3.92 -7.30 -11.99
N ASP A 51 5.18 -7.06 -12.33
CA ASP A 51 6.23 -8.05 -12.08
C ASP A 51 5.97 -8.81 -10.78
N ARG A 52 6.15 -8.13 -9.66
CA ARG A 52 5.92 -8.73 -8.35
C ARG A 52 4.77 -8.06 -7.62
N HIS A 53 4.69 -6.73 -7.75
CA HIS A 53 3.64 -5.96 -7.10
C HIS A 53 2.30 -6.71 -7.17
N SER A 54 1.83 -7.16 -6.02
CA SER A 54 0.56 -7.88 -5.95
C SER A 54 -0.53 -7.02 -5.31
N LEU A 55 -1.65 -6.88 -6.03
CA LEU A 55 -2.76 -6.08 -5.54
C LEU A 55 -4.00 -6.95 -5.33
N ARG A 56 -4.00 -7.70 -4.23
CA ARG A 56 -5.12 -8.58 -3.92
C ARG A 56 -6.09 -7.89 -2.96
N GLN A 57 -7.35 -8.32 -2.99
CA GLN A 57 -8.38 -7.74 -2.13
C GLN A 57 -9.19 -8.83 -1.44
N ASP A 58 -10.09 -8.43 -0.55
CA ASP A 58 -10.93 -9.38 0.17
C ASP A 58 -12.08 -8.66 0.86
N GLY A 59 -13.28 -8.80 0.31
CA GLY A 59 -14.45 -8.15 0.89
C GLY A 59 -14.12 -6.82 1.53
N ALA A 60 -14.07 -5.77 0.71
CA ALA A 60 -13.76 -4.43 1.20
C ALA A 60 -12.39 -4.39 1.86
N VAL A 61 -11.39 -4.94 1.18
CA VAL A 61 -10.03 -4.97 1.70
C VAL A 61 -9.01 -5.05 0.57
N CYS A 62 -7.88 -4.38 0.75
CA CYS A 62 -6.82 -4.38 -0.26
C CYS A 62 -5.47 -4.67 0.38
N GLU A 63 -4.54 -5.22 -0.42
CA GLU A 63 -3.22 -5.55 0.07
C GLU A 63 -2.17 -5.36 -1.03
N LEU A 64 -1.18 -4.54 -0.76
CA LEU A 64 -0.12 -4.27 -1.72
C LEU A 64 1.18 -4.95 -1.31
N GLN A 65 1.58 -5.97 -2.07
CA GLN A 65 2.81 -6.71 -1.78
C GLN A 65 3.94 -6.26 -2.69
N ILE A 66 5.07 -5.90 -2.09
CA ILE A 66 6.23 -5.44 -2.84
C ILE A 66 7.47 -6.24 -2.45
N CYS A 67 8.02 -6.97 -3.41
CA CYS A 67 9.22 -7.77 -3.18
C CYS A 67 10.47 -6.96 -3.43
N GLY A 68 11.62 -7.53 -3.09
CA GLY A 68 12.88 -6.85 -3.29
C GLY A 68 12.85 -5.41 -2.80
N LEU A 69 12.50 -5.23 -1.53
CA LEU A 69 12.43 -3.90 -0.93
C LEU A 69 13.73 -3.14 -1.14
N ALA A 70 13.68 -1.82 -0.94
CA ALA A 70 14.85 -0.98 -1.11
C ALA A 70 14.73 0.31 -0.29
N VAL A 71 15.71 0.55 0.56
CA VAL A 71 15.70 1.75 1.40
C VAL A 71 15.14 2.95 0.64
N ALA A 72 15.36 2.97 -0.66
CA ALA A 72 14.87 4.07 -1.50
C ALA A 72 13.35 4.02 -1.61
N ASP A 73 12.81 2.82 -1.83
CA ASP A 73 11.37 2.66 -1.97
C ASP A 73 10.63 3.37 -0.84
N ALA A 74 11.25 3.43 0.33
CA ALA A 74 10.66 4.10 1.49
C ALA A 74 10.17 5.49 1.12
N GLY A 75 9.01 5.87 1.66
CA GLY A 75 8.46 7.18 1.37
C GLY A 75 7.05 7.34 1.92
N GLU A 76 6.07 7.31 1.02
CA GLU A 76 4.67 7.44 1.41
C GLU A 76 3.74 6.85 0.36
N TYR A 77 3.15 5.70 0.68
CA TYR A 77 2.25 5.03 -0.24
C TYR A 77 0.80 5.42 0.04
N SER A 78 0.05 5.69 -1.03
CA SER A 78 -1.35 6.07 -0.91
C SER A 78 -2.25 5.12 -1.68
N CYS A 79 -3.42 4.83 -1.13
CA CYS A 79 -4.37 3.94 -1.77
C CYS A 79 -5.63 4.69 -2.19
N VAL A 80 -5.81 4.86 -3.50
CA VAL A 80 -6.97 5.56 -4.03
C VAL A 80 -8.09 4.59 -4.36
N CYS A 81 -9.33 5.04 -4.19
CA CYS A 81 -10.49 4.21 -4.48
C CYS A 81 -11.45 4.93 -5.42
N GLY A 82 -11.60 6.23 -5.24
CA GLY A 82 -12.49 7.01 -6.09
C GLY A 82 -12.36 8.50 -5.84
N GLU A 83 -12.96 8.98 -4.76
CA GLU A 83 -12.91 10.39 -4.41
C GLU A 83 -11.92 10.65 -3.28
N GLU A 84 -11.74 9.65 -2.43
CA GLU A 84 -10.82 9.76 -1.29
C GLU A 84 -9.49 9.07 -1.60
N ARG A 85 -8.52 9.25 -0.71
CA ARG A 85 -7.21 8.65 -0.88
C ARG A 85 -6.38 8.78 0.40
N THR A 86 -6.06 7.64 0.99
CA THR A 86 -5.27 7.61 2.22
C THR A 86 -3.78 7.43 1.93
N SER A 87 -2.95 7.69 2.93
CA SER A 87 -1.51 7.55 2.77
C SER A 87 -0.88 6.95 4.02
N ALA A 88 0.23 6.25 3.84
CA ALA A 88 0.94 5.63 4.96
C ALA A 88 2.45 5.62 4.72
N THR A 89 3.18 6.28 5.62
CA THR A 89 4.63 6.36 5.51
C THR A 89 5.26 4.96 5.58
N LEU A 90 6.25 4.72 4.73
CA LEU A 90 6.92 3.44 4.69
C LEU A 90 8.41 3.60 5.00
N THR A 91 8.82 3.13 6.17
CA THR A 91 10.22 3.23 6.59
C THR A 91 10.97 1.93 6.29
N VAL A 92 12.09 2.06 5.57
CA VAL A 92 12.89 0.89 5.21
C VAL A 92 14.24 0.92 5.95
N LYS A 93 14.72 -0.26 6.31
CA LYS A 93 16.00 -0.38 7.01
C LYS A 93 17.06 -0.98 6.10
N ALA A 94 18.25 -1.21 6.65
CA ALA A 94 19.35 -1.79 5.91
C ALA A 94 19.68 -3.19 6.42
N LEU A 95 19.34 -4.21 5.62
CA LEU A 95 19.61 -5.59 6.00
C LEU A 95 21.08 -5.79 6.34
N PRO A 96 21.35 -6.67 7.32
CA PRO A 96 22.71 -6.97 7.76
C PRO A 96 23.49 -7.75 6.72
N SER A 97 22.83 -8.70 6.07
CA SER A 97 23.46 -9.53 5.05
C SER A 97 24.38 -10.57 5.68
N GLY A 98 23.92 -11.17 6.77
CA GLY A 98 24.70 -12.18 7.46
C GLY A 98 23.88 -13.01 8.42
N PRO A 99 24.38 -14.21 8.76
CA PRO A 99 23.70 -15.12 9.68
C PRO A 99 23.70 -14.60 11.12
N SER A 100 24.25 -13.40 11.31
CA SER A 100 24.32 -12.80 12.63
C SER A 100 22.95 -12.25 13.05
N SER A 101 21.95 -13.12 13.03
CA SER A 101 20.60 -12.72 13.40
C SER A 101 20.36 -12.91 14.89
N GLY A 102 20.54 -11.84 15.66
CA GLY A 102 20.35 -11.93 17.09
C GLY A 102 20.87 -13.22 17.68
N GLY A 1 -33.63 18.52 -0.33
CA GLY A 1 -32.86 17.89 -1.39
C GLY A 1 -32.62 16.41 -1.15
N SER A 2 -32.95 15.58 -2.13
CA SER A 2 -32.78 14.14 -2.02
C SER A 2 -31.34 13.74 -2.31
N SER A 3 -30.79 14.29 -3.39
CA SER A 3 -29.42 13.99 -3.78
C SER A 3 -28.49 14.03 -2.57
N GLY A 4 -27.45 13.20 -2.62
CA GLY A 4 -26.49 13.15 -1.52
C GLY A 4 -25.06 13.32 -1.99
N SER A 5 -24.11 12.94 -1.14
CA SER A 5 -22.70 13.06 -1.46
C SER A 5 -21.98 11.74 -1.24
N SER A 6 -22.62 10.64 -1.66
CA SER A 6 -22.04 9.32 -1.51
C SER A 6 -21.68 8.71 -2.87
N GLY A 7 -20.56 8.02 -2.92
CA GLY A 7 -20.12 7.41 -4.17
C GLY A 7 -19.44 6.08 -3.95
N PRO A 8 -18.12 6.04 -4.19
CA PRO A 8 -17.32 4.82 -4.02
C PRO A 8 -17.18 4.41 -2.55
N ALA A 9 -16.44 3.34 -2.31
CA ALA A 9 -16.22 2.85 -0.96
C ALA A 9 -15.32 3.79 -0.18
N HIS A 10 -15.86 4.37 0.89
CA HIS A 10 -15.10 5.30 1.73
C HIS A 10 -14.07 4.56 2.57
N PHE A 11 -12.90 5.16 2.74
CA PHE A 11 -11.83 4.57 3.51
C PHE A 11 -12.16 4.59 5.00
N ILE A 12 -12.48 3.41 5.56
CA ILE A 12 -12.81 3.29 6.97
C ILE A 12 -11.58 2.96 7.80
N GLY A 13 -10.65 2.22 7.19
CA GLY A 13 -9.43 1.84 7.90
C GLY A 13 -8.19 2.33 7.20
N ARG A 14 -8.06 3.64 7.06
CA ARG A 14 -6.89 4.24 6.40
C ARG A 14 -5.64 3.42 6.69
N LEU A 15 -4.69 3.47 5.75
CA LEU A 15 -3.43 2.74 5.91
C LEU A 15 -2.75 3.09 7.23
N ARG A 16 -1.55 2.57 7.43
CA ARG A 16 -0.79 2.84 8.64
C ARG A 16 0.71 2.62 8.41
N HIS A 17 1.48 3.69 8.59
CA HIS A 17 2.93 3.62 8.39
C HIS A 17 3.48 2.28 8.89
N GLN A 18 4.17 1.57 8.00
CA GLN A 18 4.75 0.28 8.35
C GLN A 18 6.25 0.27 8.09
N GLU A 19 7.02 -0.16 9.08
CA GLU A 19 8.47 -0.23 8.95
C GLU A 19 8.92 -1.57 8.40
N SER A 20 9.42 -1.57 7.17
CA SER A 20 9.87 -2.79 6.51
C SER A 20 11.39 -2.85 6.48
N ILE A 21 11.92 -3.98 6.01
CA ILE A 21 13.37 -4.16 5.92
C ILE A 21 13.82 -4.23 4.46
N GLU A 22 14.99 -3.66 4.18
CA GLU A 22 15.53 -3.65 2.83
C GLU A 22 15.69 -5.08 2.31
N GLY A 23 15.41 -5.27 1.02
CA GLY A 23 15.52 -6.59 0.42
C GLY A 23 14.30 -7.46 0.70
N ALA A 24 13.58 -7.14 1.77
CA ALA A 24 12.40 -7.90 2.15
C ALA A 24 11.22 -7.56 1.24
N THR A 25 10.07 -8.19 1.49
CA THR A 25 8.87 -7.95 0.70
C THR A 25 7.82 -7.22 1.51
N ALA A 26 7.63 -5.93 1.22
CA ALA A 26 6.65 -5.13 1.92
C ALA A 26 5.22 -5.60 1.62
N THR A 27 4.34 -5.46 2.60
CA THR A 27 2.95 -5.88 2.43
C THR A 27 2.01 -4.95 3.19
N LEU A 28 1.31 -4.09 2.45
CA LEU A 28 0.37 -3.15 3.05
C LEU A 28 -1.04 -3.72 3.05
N ARG A 29 -1.90 -3.15 3.90
CA ARG A 29 -3.27 -3.60 4.00
C ARG A 29 -4.19 -2.46 4.46
N CYS A 30 -5.38 -2.41 3.89
CA CYS A 30 -6.35 -1.37 4.24
C CYS A 30 -7.77 -1.90 4.18
N GLU A 31 -8.73 -1.05 4.48
CA GLU A 31 -10.14 -1.43 4.47
C GLU A 31 -11.00 -0.41 3.73
N LEU A 32 -12.07 -0.87 3.11
CA LEU A 32 -12.97 0.02 2.36
C LEU A 32 -14.41 -0.19 2.80
N SER A 33 -15.21 0.86 2.70
CA SER A 33 -16.62 0.79 3.08
C SER A 33 -17.29 -0.44 2.47
N LYS A 34 -16.73 -0.92 1.37
CA LYS A 34 -17.26 -2.10 0.69
C LYS A 34 -16.35 -2.53 -0.45
N ALA A 35 -16.24 -3.83 -0.66
CA ALA A 35 -15.41 -4.37 -1.73
C ALA A 35 -15.41 -3.45 -2.95
N ALA A 36 -14.25 -2.85 -3.22
CA ALA A 36 -14.12 -1.94 -4.35
C ALA A 36 -12.67 -1.87 -4.82
N PRO A 37 -12.48 -1.56 -6.11
CA PRO A 37 -11.14 -1.45 -6.71
C PRO A 37 -10.39 -0.22 -6.22
N VAL A 38 -9.07 -0.34 -6.09
CA VAL A 38 -8.24 0.75 -5.63
C VAL A 38 -6.96 0.86 -6.44
N GLU A 39 -6.15 1.88 -6.16
CA GLU A 39 -4.90 2.09 -6.87
C GLU A 39 -3.83 2.65 -5.94
N TRP A 40 -2.86 1.80 -5.59
CA TRP A 40 -1.78 2.21 -4.70
C TRP A 40 -0.80 3.13 -5.43
N ARG A 41 -0.14 4.01 -4.67
CA ARG A 41 0.82 4.94 -5.25
C ARG A 41 2.01 5.13 -4.30
N LYS A 42 3.20 4.86 -4.81
CA LYS A 42 4.42 5.00 -4.02
C LYS A 42 4.92 6.44 -4.05
N GLY A 43 4.44 7.26 -3.12
CA GLY A 43 4.86 8.64 -3.05
C GLY A 43 4.26 9.47 -4.17
N ARG A 44 4.86 9.41 -5.35
CA ARG A 44 4.38 10.16 -6.51
C ARG A 44 4.34 9.28 -7.75
N GLU A 45 4.06 8.00 -7.56
CA GLU A 45 4.01 7.05 -8.67
C GLU A 45 2.69 6.29 -8.67
N SER A 46 2.56 5.33 -9.59
CA SER A 46 1.35 4.53 -9.69
C SER A 46 1.68 3.04 -9.60
N LEU A 47 1.25 2.41 -8.51
CA LEU A 47 1.49 0.99 -8.31
C LEU A 47 0.31 0.15 -8.80
N ARG A 48 0.59 -0.77 -9.71
CA ARG A 48 -0.44 -1.63 -10.27
C ARG A 48 0.01 -3.09 -10.28
N ASP A 49 -0.95 -4.01 -10.40
CA ASP A 49 -0.65 -5.43 -10.44
C ASP A 49 0.23 -5.78 -11.63
N GLY A 50 1.42 -6.32 -11.35
CA GLY A 50 2.32 -6.69 -12.42
C GLY A 50 3.29 -7.79 -12.01
N ASP A 51 4.55 -7.65 -12.40
CA ASP A 51 5.57 -8.63 -12.06
C ASP A 51 5.35 -9.20 -10.66
N ARG A 52 5.67 -8.40 -9.65
CA ARG A 52 5.50 -8.82 -8.26
C ARG A 52 4.36 -8.06 -7.60
N HIS A 53 4.32 -6.75 -7.82
CA HIS A 53 3.28 -5.90 -7.24
C HIS A 53 1.94 -6.64 -7.21
N SER A 54 1.54 -7.09 -6.03
CA SER A 54 0.29 -7.81 -5.86
C SER A 54 -0.78 -6.92 -5.21
N LEU A 55 -1.88 -6.70 -5.92
CA LEU A 55 -2.96 -5.87 -5.41
C LEU A 55 -4.21 -6.71 -5.14
N ARG A 56 -4.01 -7.87 -4.54
CA ARG A 56 -5.12 -8.77 -4.23
C ARG A 56 -6.02 -8.16 -3.15
N GLN A 57 -7.33 -8.33 -3.33
CA GLN A 57 -8.29 -7.79 -2.38
C GLN A 57 -9.06 -8.92 -1.69
N ASP A 58 -9.91 -8.55 -0.74
CA ASP A 58 -10.70 -9.53 0.00
C ASP A 58 -11.84 -8.85 0.75
N GLY A 59 -13.05 -9.01 0.23
CA GLY A 59 -14.21 -8.41 0.86
C GLY A 59 -13.90 -7.09 1.52
N ALA A 60 -13.71 -6.05 0.72
CA ALA A 60 -13.39 -4.72 1.24
C ALA A 60 -12.07 -4.73 1.99
N VAL A 61 -11.04 -5.28 1.36
CA VAL A 61 -9.71 -5.35 1.97
C VAL A 61 -8.63 -5.49 0.91
N CYS A 62 -7.91 -4.40 0.67
CA CYS A 62 -6.84 -4.40 -0.32
C CYS A 62 -5.48 -4.66 0.34
N GLU A 63 -4.58 -5.31 -0.40
CA GLU A 63 -3.26 -5.62 0.13
C GLU A 63 -2.20 -5.47 -0.96
N LEU A 64 -1.28 -4.53 -0.76
CA LEU A 64 -0.21 -4.29 -1.72
C LEU A 64 1.07 -5.02 -1.32
N GLN A 65 1.60 -5.82 -2.23
CA GLN A 65 2.82 -6.57 -1.98
C GLN A 65 3.92 -6.16 -2.94
N ILE A 66 4.98 -5.55 -2.40
CA ILE A 66 6.10 -5.12 -3.22
C ILE A 66 7.38 -5.86 -2.84
N CYS A 67 7.85 -6.72 -3.74
CA CYS A 67 9.06 -7.49 -3.50
C CYS A 67 10.31 -6.66 -3.81
N GLY A 68 11.47 -7.16 -3.39
CA GLY A 68 12.71 -6.45 -3.64
C GLY A 68 12.69 -5.04 -3.10
N LEU A 69 12.41 -4.91 -1.80
CA LEU A 69 12.35 -3.60 -1.15
C LEU A 69 13.71 -2.90 -1.25
N ALA A 70 13.71 -1.60 -0.98
CA ALA A 70 14.93 -0.80 -1.03
C ALA A 70 14.77 0.48 -0.23
N VAL A 71 15.75 0.75 0.65
CA VAL A 71 15.72 1.95 1.48
C VAL A 71 15.23 3.16 0.68
N ALA A 72 15.43 3.10 -0.64
CA ALA A 72 15.00 4.19 -1.51
C ALA A 72 13.49 4.18 -1.71
N ASP A 73 12.93 2.99 -1.91
CA ASP A 73 11.49 2.85 -2.10
C ASP A 73 10.72 3.52 -0.98
N ALA A 74 11.32 3.57 0.21
CA ALA A 74 10.68 4.19 1.36
C ALA A 74 10.27 5.62 1.05
N GLY A 75 9.23 6.09 1.74
CA GLY A 75 8.75 7.44 1.53
C GLY A 75 7.34 7.64 2.06
N GLU A 76 6.34 7.37 1.22
CA GLU A 76 4.95 7.54 1.62
C GLU A 76 4.02 7.02 0.52
N TYR A 77 3.39 5.89 0.78
CA TYR A 77 2.46 5.28 -0.18
C TYR A 77 1.03 5.76 0.06
N SER A 78 0.19 5.62 -0.95
CA SER A 78 -1.21 6.04 -0.85
C SER A 78 -2.11 5.11 -1.65
N CYS A 79 -3.37 5.02 -1.23
CA CYS A 79 -4.34 4.17 -1.91
C CYS A 79 -5.51 4.98 -2.44
N VAL A 80 -5.63 5.06 -3.76
CA VAL A 80 -6.71 5.81 -4.40
C VAL A 80 -7.82 4.89 -4.85
N CYS A 81 -9.05 5.25 -4.51
CA CYS A 81 -10.21 4.45 -4.89
C CYS A 81 -11.14 5.23 -5.82
N GLY A 82 -11.24 6.53 -5.58
CA GLY A 82 -12.09 7.37 -6.40
C GLY A 82 -12.00 8.83 -6.03
N GLU A 83 -12.69 9.22 -4.96
CA GLU A 83 -12.69 10.61 -4.50
C GLU A 83 -11.78 10.78 -3.30
N GLU A 84 -11.73 9.74 -2.46
CA GLU A 84 -10.90 9.78 -1.26
C GLU A 84 -9.67 8.91 -1.43
N ARG A 85 -8.59 9.26 -0.72
CA ARG A 85 -7.35 8.52 -0.80
C ARG A 85 -6.58 8.59 0.53
N THR A 86 -6.07 7.45 0.98
CA THR A 86 -5.33 7.38 2.23
C THR A 86 -3.84 7.22 1.97
N SER A 87 -3.03 7.69 2.91
CA SER A 87 -1.57 7.60 2.78
C SER A 87 -0.97 6.95 4.01
N ALA A 88 0.20 6.34 3.83
CA ALA A 88 0.88 5.67 4.94
C ALA A 88 2.40 5.71 4.74
N THR A 89 3.09 6.45 5.61
CA THR A 89 4.54 6.57 5.53
C THR A 89 5.22 5.22 5.73
N LEU A 90 5.91 4.76 4.70
CA LEU A 90 6.62 3.47 4.76
C LEU A 90 8.09 3.68 5.05
N THR A 91 8.57 3.11 6.15
CA THR A 91 9.98 3.23 6.53
C THR A 91 10.73 1.93 6.25
N VAL A 92 11.81 2.05 5.48
CA VAL A 92 12.63 0.89 5.13
C VAL A 92 13.88 0.82 5.98
N LYS A 93 14.28 -0.39 6.35
CA LYS A 93 15.48 -0.58 7.16
C LYS A 93 16.60 -1.22 6.34
N ALA A 94 17.80 -1.22 6.89
CA ALA A 94 18.96 -1.79 6.22
C ALA A 94 19.19 -3.23 6.67
N LEU A 95 19.02 -4.16 5.74
CA LEU A 95 19.21 -5.58 6.05
C LEU A 95 20.65 -5.85 6.47
N PRO A 96 20.83 -6.78 7.43
CA PRO A 96 22.15 -7.16 7.94
C PRO A 96 22.96 -7.94 6.91
N SER A 97 23.97 -7.28 6.34
CA SER A 97 24.82 -7.92 5.35
C SER A 97 26.20 -8.23 5.93
N GLY A 98 26.61 -9.49 5.80
CA GLY A 98 27.90 -9.90 6.31
C GLY A 98 27.79 -11.04 7.32
N PRO A 99 27.76 -10.69 8.61
CA PRO A 99 27.66 -11.67 9.69
C PRO A 99 26.28 -12.33 9.73
N SER A 100 26.22 -13.59 9.31
CA SER A 100 24.97 -14.34 9.31
C SER A 100 25.21 -15.81 8.99
N SER A 101 24.18 -16.62 9.14
CA SER A 101 24.28 -18.05 8.87
C SER A 101 24.94 -18.31 7.52
N GLY A 102 24.48 -17.60 6.50
CA GLY A 102 25.04 -17.76 5.17
C GLY A 102 25.44 -19.19 4.87
N GLY A 1 -12.32 20.29 -8.89
CA GLY A 1 -11.89 19.40 -7.83
C GLY A 1 -13.05 18.70 -7.15
N SER A 2 -13.69 19.40 -6.22
CA SER A 2 -14.83 18.85 -5.49
C SER A 2 -15.92 18.40 -6.44
N SER A 3 -16.12 17.08 -6.53
CA SER A 3 -17.14 16.52 -7.42
C SER A 3 -18.43 16.27 -6.67
N GLY A 4 -18.35 15.49 -5.60
CA GLY A 4 -19.53 15.19 -4.80
C GLY A 4 -19.23 15.19 -3.31
N SER A 5 -20.08 14.49 -2.54
CA SER A 5 -19.91 14.42 -1.10
C SER A 5 -19.79 12.98 -0.64
N SER A 6 -20.17 12.05 -1.52
CA SER A 6 -20.09 10.63 -1.20
C SER A 6 -20.41 9.78 -2.43
N GLY A 7 -20.12 8.49 -2.34
CA GLY A 7 -20.38 7.59 -3.45
C GLY A 7 -19.84 6.20 -3.20
N PRO A 8 -18.63 5.92 -3.73
CA PRO A 8 -17.98 4.61 -3.59
C PRO A 8 -17.52 4.36 -2.16
N ALA A 9 -17.00 3.16 -1.91
CA ALA A 9 -16.51 2.79 -0.58
C ALA A 9 -15.51 3.82 -0.06
N HIS A 10 -15.80 4.38 1.10
CA HIS A 10 -14.93 5.37 1.71
C HIS A 10 -13.95 4.72 2.68
N PHE A 11 -12.65 4.89 2.42
CA PHE A 11 -11.62 4.31 3.26
C PHE A 11 -12.00 4.41 4.74
N ILE A 12 -12.53 3.31 5.28
CA ILE A 12 -12.94 3.28 6.69
C ILE A 12 -11.75 3.01 7.60
N GLY A 13 -10.77 2.27 7.08
CA GLY A 13 -9.60 1.95 7.86
C GLY A 13 -8.32 2.45 7.22
N ARG A 14 -8.14 3.77 7.22
CA ARG A 14 -6.96 4.37 6.62
C ARG A 14 -5.72 3.49 6.84
N LEU A 15 -4.81 3.51 5.88
CA LEU A 15 -3.59 2.71 5.98
C LEU A 15 -2.83 3.03 7.25
N ARG A 16 -1.65 2.44 7.39
CA ARG A 16 -0.81 2.67 8.57
C ARG A 16 0.68 2.56 8.21
N HIS A 17 1.45 3.55 8.63
CA HIS A 17 2.88 3.57 8.36
C HIS A 17 3.55 2.29 8.90
N GLN A 18 4.15 1.51 8.00
CA GLN A 18 4.81 0.28 8.39
C GLN A 18 6.31 0.36 8.10
N GLU A 19 7.11 -0.16 9.02
CA GLU A 19 8.57 -0.15 8.87
C GLU A 19 9.07 -1.51 8.38
N SER A 20 9.35 -1.60 7.08
CA SER A 20 9.83 -2.84 6.48
C SER A 20 11.35 -2.92 6.58
N ILE A 21 11.91 -3.99 6.02
CA ILE A 21 13.36 -4.19 6.03
C ILE A 21 13.90 -4.38 4.62
N GLU A 22 15.12 -3.91 4.40
CA GLU A 22 15.76 -4.03 3.09
C GLU A 22 15.86 -5.50 2.67
N GLY A 23 15.57 -5.76 1.40
CA GLY A 23 15.64 -7.12 0.88
C GLY A 23 14.35 -7.89 1.12
N ALA A 24 13.68 -7.58 2.22
CA ALA A 24 12.42 -8.24 2.55
C ALA A 24 11.31 -7.83 1.59
N THR A 25 10.12 -8.39 1.81
CA THR A 25 8.98 -8.09 0.96
C THR A 25 7.89 -7.35 1.73
N ALA A 26 7.79 -6.04 1.49
CA ALA A 26 6.79 -5.22 2.16
C ALA A 26 5.37 -5.68 1.83
N THR A 27 4.44 -5.39 2.72
CA THR A 27 3.05 -5.77 2.52
C THR A 27 2.11 -4.83 3.27
N LEU A 28 1.38 -4.01 2.52
CA LEU A 28 0.43 -3.06 3.12
C LEU A 28 -0.97 -3.64 3.15
N ARG A 29 -1.81 -3.09 4.02
CA ARG A 29 -3.18 -3.56 4.15
C ARG A 29 -4.11 -2.42 4.58
N CYS A 30 -5.23 -2.28 3.87
CA CYS A 30 -6.19 -1.23 4.18
C CYS A 30 -7.61 -1.79 4.27
N GLU A 31 -8.58 -0.92 4.48
CA GLU A 31 -9.97 -1.33 4.60
C GLU A 31 -10.89 -0.37 3.86
N LEU A 32 -11.99 -0.89 3.33
CA LEU A 32 -12.95 -0.08 2.60
C LEU A 32 -14.37 -0.36 3.07
N SER A 33 -15.21 0.67 3.05
CA SER A 33 -16.59 0.55 3.48
C SER A 33 -17.25 -0.67 2.83
N LYS A 34 -16.73 -1.07 1.66
CA LYS A 34 -17.27 -2.21 0.94
C LYS A 34 -16.33 -2.62 -0.20
N ALA A 35 -16.21 -3.92 -0.42
CA ALA A 35 -15.35 -4.44 -1.47
C ALA A 35 -15.42 -3.56 -2.72
N ALA A 36 -14.32 -2.87 -3.02
CA ALA A 36 -14.27 -2.01 -4.19
C ALA A 36 -12.84 -1.89 -4.71
N PRO A 37 -12.70 -1.61 -6.01
CA PRO A 37 -11.39 -1.46 -6.66
C PRO A 37 -10.67 -0.20 -6.22
N VAL A 38 -9.35 -0.29 -6.11
CA VAL A 38 -8.53 0.85 -5.70
C VAL A 38 -7.35 1.05 -6.64
N GLU A 39 -6.49 2.00 -6.31
CA GLU A 39 -5.32 2.29 -7.13
C GLU A 39 -4.20 2.89 -6.28
N TRP A 40 -3.18 2.08 -6.00
CA TRP A 40 -2.05 2.54 -5.21
C TRP A 40 -1.20 3.54 -5.98
N ARG A 41 -0.61 4.48 -5.25
CA ARG A 41 0.23 5.52 -5.88
C ARG A 41 1.43 5.83 -5.00
N LYS A 42 2.61 5.39 -5.44
CA LYS A 42 3.85 5.62 -4.70
C LYS A 42 4.41 7.00 -5.02
N GLY A 43 3.98 7.99 -4.24
CA GLY A 43 4.46 9.35 -4.45
C GLY A 43 4.17 9.86 -5.84
N ARG A 44 3.11 10.66 -5.98
CA ARG A 44 2.73 11.22 -7.27
C ARG A 44 2.98 10.21 -8.39
N GLU A 45 2.87 8.93 -8.06
CA GLU A 45 3.08 7.87 -9.03
C GLU A 45 1.92 6.90 -9.04
N SER A 46 1.80 6.14 -10.13
CA SER A 46 0.71 5.17 -10.27
C SER A 46 1.24 3.74 -10.11
N LEU A 47 0.60 2.98 -9.23
CA LEU A 47 1.00 1.60 -8.97
C LEU A 47 -0.08 0.63 -9.45
N ARG A 48 0.35 -0.40 -10.18
CA ARG A 48 -0.58 -1.40 -10.70
C ARG A 48 0.06 -2.79 -10.68
N ASP A 49 -0.78 -3.81 -10.59
CA ASP A 49 -0.30 -5.20 -10.56
C ASP A 49 0.56 -5.49 -11.78
N GLY A 50 1.84 -5.79 -11.55
CA GLY A 50 2.75 -6.09 -12.63
C GLY A 50 3.50 -7.40 -12.43
N ASP A 51 4.79 -7.30 -12.15
CA ASP A 51 5.62 -8.47 -11.93
C ASP A 51 5.81 -8.73 -10.44
N ARG A 52 6.15 -7.68 -9.69
CA ARG A 52 6.36 -7.79 -8.26
C ARG A 52 5.21 -7.16 -7.49
N HIS A 53 4.72 -6.03 -7.99
CA HIS A 53 3.62 -5.32 -7.35
C HIS A 53 2.36 -6.19 -7.31
N SER A 54 2.01 -6.65 -6.12
CA SER A 54 0.84 -7.50 -5.94
C SER A 54 -0.32 -6.71 -5.32
N LEU A 55 -1.42 -6.62 -6.06
CA LEU A 55 -2.60 -5.90 -5.59
C LEU A 55 -3.78 -6.84 -5.41
N ARG A 56 -3.83 -7.51 -4.26
CA ARG A 56 -4.92 -8.45 -3.97
C ARG A 56 -5.88 -7.85 -2.94
N GLN A 57 -7.17 -8.07 -3.15
CA GLN A 57 -8.20 -7.57 -2.25
C GLN A 57 -9.05 -8.70 -1.70
N ASP A 58 -9.89 -8.37 -0.72
CA ASP A 58 -10.77 -9.37 -0.11
C ASP A 58 -11.71 -8.71 0.89
N GLY A 59 -12.98 -8.57 0.50
CA GLY A 59 -13.96 -7.96 1.38
C GLY A 59 -13.55 -6.57 1.81
N ALA A 60 -13.45 -5.65 0.86
CA ALA A 60 -13.06 -4.28 1.16
C ALA A 60 -11.72 -4.22 1.87
N VAL A 61 -10.85 -5.18 1.57
CA VAL A 61 -9.53 -5.25 2.17
C VAL A 61 -8.44 -5.43 1.12
N CYS A 62 -7.80 -4.32 0.75
CA CYS A 62 -6.74 -4.35 -0.25
C CYS A 62 -5.39 -4.59 0.40
N GLU A 63 -4.43 -5.08 -0.38
CA GLU A 63 -3.09 -5.35 0.11
C GLU A 63 -2.06 -5.23 -1.00
N LEU A 64 -1.01 -4.46 -0.75
CA LEU A 64 0.05 -4.26 -1.73
C LEU A 64 1.32 -5.01 -1.33
N GLN A 65 1.72 -5.98 -2.15
CA GLN A 65 2.92 -6.76 -1.88
C GLN A 65 4.08 -6.29 -2.73
N ILE A 66 5.15 -5.84 -2.07
CA ILE A 66 6.33 -5.37 -2.77
C ILE A 66 7.55 -6.21 -2.43
N CYS A 67 8.01 -7.00 -3.39
CA CYS A 67 9.18 -7.86 -3.18
C CYS A 67 10.47 -7.10 -3.42
N GLY A 68 11.59 -7.67 -2.99
CA GLY A 68 12.87 -7.02 -3.16
C GLY A 68 12.87 -5.59 -2.68
N LEU A 69 12.54 -5.39 -1.41
CA LEU A 69 12.50 -4.06 -0.82
C LEU A 69 13.82 -3.34 -1.01
N ALA A 70 13.84 -2.05 -0.71
CA ALA A 70 15.05 -1.24 -0.85
C ALA A 70 14.92 0.08 -0.10
N VAL A 71 15.89 0.35 0.77
CA VAL A 71 15.89 1.59 1.56
C VAL A 71 15.42 2.77 0.71
N ALA A 72 15.60 2.66 -0.60
CA ALA A 72 15.19 3.73 -1.51
C ALA A 72 13.68 3.69 -1.76
N ASP A 73 13.14 2.48 -1.90
CA ASP A 73 11.71 2.31 -2.14
C ASP A 73 10.89 3.09 -1.12
N ALA A 74 11.43 3.21 0.10
CA ALA A 74 10.75 3.92 1.17
C ALA A 74 10.30 5.30 0.70
N GLY A 75 9.13 5.72 1.18
CA GLY A 75 8.60 7.02 0.80
C GLY A 75 7.21 7.26 1.35
N GLU A 76 6.20 7.13 0.49
CA GLU A 76 4.82 7.34 0.90
C GLU A 76 3.85 6.72 -0.11
N TYR A 77 3.17 5.66 0.32
CA TYR A 77 2.21 4.98 -0.55
C TYR A 77 0.79 5.41 -0.23
N SER A 78 0.02 5.72 -1.28
CA SER A 78 -1.36 6.15 -1.12
C SER A 78 -2.31 5.21 -1.86
N CYS A 79 -3.51 5.06 -1.32
CA CYS A 79 -4.52 4.19 -1.94
C CYS A 79 -5.69 5.01 -2.47
N VAL A 80 -5.85 5.03 -3.78
CA VAL A 80 -6.93 5.77 -4.41
C VAL A 80 -8.06 4.85 -4.83
N CYS A 81 -9.27 5.13 -4.35
CA CYS A 81 -10.44 4.32 -4.68
C CYS A 81 -11.42 5.10 -5.55
N GLY A 82 -11.53 6.40 -5.28
CA GLY A 82 -12.43 7.23 -6.05
C GLY A 82 -12.32 8.70 -5.68
N GLU A 83 -13.11 9.13 -4.72
CA GLU A 83 -13.10 10.52 -4.28
C GLU A 83 -12.13 10.72 -3.12
N GLU A 84 -11.96 9.68 -2.31
CA GLU A 84 -11.07 9.73 -1.17
C GLU A 84 -9.74 9.04 -1.48
N ARG A 85 -8.78 9.16 -0.57
CA ARG A 85 -7.47 8.55 -0.74
C ARG A 85 -6.65 8.63 0.54
N THR A 86 -6.09 7.50 0.96
CA THR A 86 -5.28 7.45 2.17
C THR A 86 -3.80 7.30 1.83
N SER A 87 -2.95 7.43 2.84
CA SER A 87 -1.51 7.31 2.66
C SER A 87 -0.84 6.75 3.92
N ALA A 88 0.26 6.05 3.73
CA ALA A 88 1.00 5.46 4.85
C ALA A 88 2.50 5.49 4.58
N THR A 89 3.20 6.35 5.30
CA THR A 89 4.65 6.48 5.15
C THR A 89 5.34 5.13 5.34
N LEU A 90 6.12 4.73 4.35
CA LEU A 90 6.84 3.46 4.41
C LEU A 90 8.29 3.67 4.81
N THR A 91 8.70 3.04 5.90
CA THR A 91 10.06 3.16 6.39
C THR A 91 10.84 1.86 6.18
N VAL A 92 11.92 1.95 5.41
CA VAL A 92 12.75 0.78 5.13
C VAL A 92 14.02 0.80 5.98
N LYS A 93 14.35 -0.37 6.54
CA LYS A 93 15.54 -0.49 7.38
C LYS A 93 16.62 -1.31 6.68
N ALA A 94 17.83 -1.29 7.24
CA ALA A 94 18.94 -2.04 6.66
C ALA A 94 19.12 -3.38 7.35
N LEU A 95 18.87 -4.46 6.60
CA LEU A 95 19.01 -5.81 7.14
C LEU A 95 20.44 -6.07 7.62
N PRO A 96 20.56 -6.83 8.71
CA PRO A 96 21.87 -7.18 9.28
C PRO A 96 22.65 -8.14 8.40
N SER A 97 23.34 -7.59 7.40
CA SER A 97 24.12 -8.41 6.48
C SER A 97 25.45 -8.82 7.12
N GLY A 98 25.56 -10.10 7.44
CA GLY A 98 26.78 -10.61 8.05
C GLY A 98 27.33 -9.68 9.11
N PRO A 99 28.65 -9.68 9.29
CA PRO A 99 29.33 -8.84 10.28
C PRO A 99 29.28 -7.36 9.90
N SER A 100 28.36 -6.63 10.51
CA SER A 100 28.22 -5.20 10.24
C SER A 100 28.01 -4.42 11.52
N SER A 101 28.79 -3.35 11.69
CA SER A 101 28.69 -2.51 12.89
C SER A 101 27.47 -1.60 12.81
N GLY A 102 26.49 -1.86 13.67
CA GLY A 102 25.29 -1.04 13.69
C GLY A 102 25.05 -0.39 15.03
N GLY A 1 -36.27 9.74 -0.43
CA GLY A 1 -35.10 9.72 0.42
C GLY A 1 -34.43 11.07 0.54
N SER A 2 -33.10 11.08 0.59
CA SER A 2 -32.34 12.31 0.71
C SER A 2 -31.26 12.39 -0.36
N SER A 3 -31.49 13.20 -1.39
CA SER A 3 -30.54 13.36 -2.48
C SER A 3 -29.12 13.55 -1.94
N GLY A 4 -28.17 12.89 -2.57
CA GLY A 4 -26.78 13.00 -2.14
C GLY A 4 -25.94 11.80 -2.57
N SER A 5 -25.60 11.76 -3.85
CA SER A 5 -24.80 10.66 -4.38
C SER A 5 -23.59 10.39 -3.51
N SER A 6 -23.73 9.46 -2.57
CA SER A 6 -22.64 9.10 -1.67
C SER A 6 -21.32 8.98 -2.42
N GLY A 7 -21.32 8.17 -3.47
CA GLY A 7 -20.11 7.98 -4.27
C GLY A 7 -19.53 6.60 -4.09
N PRO A 8 -18.24 6.45 -4.43
CA PRO A 8 -17.53 5.16 -4.32
C PRO A 8 -17.30 4.76 -2.87
N ALA A 9 -16.70 3.59 -2.68
CA ALA A 9 -16.41 3.09 -1.34
C ALA A 9 -15.40 3.98 -0.61
N HIS A 10 -15.83 4.58 0.49
CA HIS A 10 -14.97 5.45 1.27
C HIS A 10 -13.99 4.64 2.12
N PHE A 11 -12.90 5.28 2.52
CA PHE A 11 -11.88 4.62 3.33
C PHE A 11 -12.25 4.66 4.81
N ILE A 12 -12.63 3.51 5.35
CA ILE A 12 -13.01 3.41 6.75
C ILE A 12 -11.82 3.01 7.61
N GLY A 13 -10.91 2.23 7.04
CA GLY A 13 -9.73 1.80 7.77
C GLY A 13 -8.44 2.32 7.16
N ARG A 14 -8.21 3.62 7.30
CA ARG A 14 -7.01 4.24 6.75
C ARG A 14 -5.78 3.36 6.99
N LEU A 15 -4.86 3.36 6.03
CA LEU A 15 -3.65 2.56 6.14
C LEU A 15 -2.94 2.82 7.46
N ARG A 16 -1.77 2.20 7.64
CA ARG A 16 -1.00 2.36 8.86
C ARG A 16 0.50 2.27 8.58
N HIS A 17 1.22 3.35 8.85
CA HIS A 17 2.65 3.38 8.62
C HIS A 17 3.32 2.08 9.06
N GLN A 18 4.00 1.43 8.14
CA GLN A 18 4.67 0.16 8.43
C GLN A 18 6.16 0.25 8.10
N GLU A 19 7.00 -0.14 9.06
CA GLU A 19 8.44 -0.11 8.86
C GLU A 19 8.94 -1.41 8.24
N SER A 20 9.28 -1.36 6.96
CA SER A 20 9.77 -2.54 6.25
C SER A 20 11.29 -2.58 6.24
N ILE A 21 11.85 -3.65 5.68
CA ILE A 21 13.29 -3.81 5.61
C ILE A 21 13.76 -4.00 4.17
N GLU A 22 14.92 -3.44 3.85
CA GLU A 22 15.48 -3.56 2.50
C GLU A 22 15.54 -5.02 2.06
N GLY A 23 15.13 -5.27 0.82
CA GLY A 23 15.15 -6.62 0.29
C GLY A 23 13.90 -7.39 0.63
N ALA A 24 13.33 -7.11 1.81
CA ALA A 24 12.11 -7.77 2.25
C ALA A 24 10.93 -7.43 1.35
N THR A 25 9.83 -8.16 1.52
CA THR A 25 8.64 -7.94 0.73
C THR A 25 7.59 -7.16 1.52
N ALA A 26 7.42 -5.88 1.18
CA ALA A 26 6.45 -5.04 1.86
C ALA A 26 5.03 -5.49 1.56
N THR A 27 4.21 -5.56 2.61
CA THR A 27 2.82 -5.99 2.47
C THR A 27 1.88 -5.06 3.23
N LEU A 28 1.33 -4.07 2.53
CA LEU A 28 0.41 -3.12 3.13
C LEU A 28 -1.02 -3.66 3.12
N ARG A 29 -1.88 -3.02 3.91
CA ARG A 29 -3.28 -3.43 3.99
C ARG A 29 -4.16 -2.27 4.41
N CYS A 30 -5.34 -2.19 3.81
CA CYS A 30 -6.29 -1.12 4.13
C CYS A 30 -7.72 -1.65 4.16
N GLU A 31 -8.66 -0.77 4.52
CA GLU A 31 -10.07 -1.15 4.58
C GLU A 31 -10.94 -0.11 3.91
N LEU A 32 -12.06 -0.56 3.34
CA LEU A 32 -12.98 0.33 2.66
C LEU A 32 -14.41 0.13 3.16
N SER A 33 -15.29 1.07 2.81
CA SER A 33 -16.68 0.99 3.23
C SER A 33 -17.41 -0.16 2.54
N LYS A 34 -16.83 -0.62 1.42
CA LYS A 34 -17.42 -1.71 0.66
C LYS A 34 -16.47 -2.19 -0.42
N ALA A 35 -16.43 -3.49 -0.66
CA ALA A 35 -15.56 -4.07 -1.68
C ALA A 35 -15.51 -3.18 -2.92
N ALA A 36 -14.33 -2.61 -3.17
CA ALA A 36 -14.14 -1.74 -4.33
C ALA A 36 -12.68 -1.71 -4.76
N PRO A 37 -12.45 -1.46 -6.06
CA PRO A 37 -11.10 -1.40 -6.63
C PRO A 37 -10.33 -0.17 -6.15
N VAL A 38 -9.03 -0.36 -5.91
CA VAL A 38 -8.19 0.74 -5.44
C VAL A 38 -6.94 0.86 -6.31
N GLU A 39 -6.10 1.84 -6.00
CA GLU A 39 -4.87 2.07 -6.75
C GLU A 39 -3.79 2.67 -5.85
N TRP A 40 -2.82 1.85 -5.48
CA TRP A 40 -1.72 2.30 -4.62
C TRP A 40 -0.80 3.24 -5.38
N ARG A 41 -0.14 4.13 -4.64
CA ARG A 41 0.77 5.10 -5.24
C ARG A 41 1.98 5.34 -4.33
N LYS A 42 3.14 4.87 -4.75
CA LYS A 42 4.37 5.04 -3.98
C LYS A 42 4.88 6.46 -4.08
N GLY A 43 4.32 7.34 -3.25
CA GLY A 43 4.74 8.74 -3.26
C GLY A 43 4.09 9.53 -4.38
N ARG A 44 4.66 9.44 -5.57
CA ARG A 44 4.14 10.16 -6.73
C ARG A 44 4.08 9.25 -7.95
N GLU A 45 3.86 7.96 -7.71
CA GLU A 45 3.79 6.98 -8.79
C GLU A 45 2.55 6.11 -8.65
N SER A 46 2.25 5.33 -9.69
CA SER A 46 1.08 4.46 -9.68
C SER A 46 1.51 2.99 -9.67
N LEU A 47 1.19 2.30 -8.58
CA LEU A 47 1.54 0.89 -8.45
C LEU A 47 0.46 0.00 -9.09
N ARG A 48 0.90 -0.95 -9.89
CA ARG A 48 -0.01 -1.88 -10.56
C ARG A 48 0.47 -3.31 -10.44
N ASP A 49 -0.47 -4.25 -10.53
CA ASP A 49 -0.13 -5.67 -10.43
C ASP A 49 0.70 -6.12 -11.63
N GLY A 50 1.91 -6.61 -11.35
CA GLY A 50 2.78 -7.07 -12.42
C GLY A 50 3.74 -8.15 -11.96
N ASP A 51 4.98 -8.08 -12.43
CA ASP A 51 5.99 -9.06 -12.06
C ASP A 51 5.80 -9.52 -10.63
N ARG A 52 6.12 -8.64 -9.67
CA ARG A 52 5.99 -8.96 -8.26
C ARG A 52 4.84 -8.20 -7.63
N HIS A 53 4.79 -6.89 -7.88
CA HIS A 53 3.74 -6.04 -7.35
C HIS A 53 2.39 -6.74 -7.38
N SER A 54 1.83 -6.99 -6.20
CA SER A 54 0.55 -7.68 -6.09
C SER A 54 -0.46 -6.81 -5.36
N LEU A 55 -1.61 -6.57 -6.01
CA LEU A 55 -2.66 -5.75 -5.42
C LEU A 55 -3.88 -6.59 -5.09
N ARG A 56 -3.66 -7.85 -4.75
CA ARG A 56 -4.74 -8.76 -4.41
C ARG A 56 -5.76 -8.08 -3.50
N GLN A 57 -7.01 -8.53 -3.57
CA GLN A 57 -8.07 -7.97 -2.75
C GLN A 57 -8.99 -9.07 -2.20
N ASP A 58 -9.43 -8.90 -0.97
CA ASP A 58 -10.31 -9.87 -0.34
C ASP A 58 -11.55 -9.20 0.25
N GLY A 59 -12.46 -8.79 -0.63
CA GLY A 59 -13.68 -8.13 -0.19
C GLY A 59 -13.49 -6.64 0.00
N ALA A 60 -13.59 -6.19 1.25
CA ALA A 60 -13.42 -4.77 1.57
C ALA A 60 -12.05 -4.50 2.17
N VAL A 61 -11.09 -5.37 1.86
CA VAL A 61 -9.73 -5.21 2.37
C VAL A 61 -8.71 -5.40 1.25
N CYS A 62 -7.90 -4.37 1.02
CA CYS A 62 -6.88 -4.42 -0.02
C CYS A 62 -5.51 -4.69 0.58
N GLU A 63 -4.59 -5.20 -0.24
CA GLU A 63 -3.25 -5.50 0.21
C GLU A 63 -2.24 -5.35 -0.93
N LEU A 64 -1.21 -4.54 -0.69
CA LEU A 64 -0.17 -4.30 -1.69
C LEU A 64 1.11 -5.03 -1.33
N GLN A 65 1.59 -5.88 -2.24
CA GLN A 65 2.81 -6.63 -2.01
C GLN A 65 3.92 -6.16 -2.94
N ILE A 66 5.01 -5.67 -2.35
CA ILE A 66 6.14 -5.18 -3.13
C ILE A 66 7.43 -5.87 -2.71
N CYS A 67 7.90 -6.80 -3.54
CA CYS A 67 9.13 -7.53 -3.25
C CYS A 67 10.36 -6.71 -3.65
N GLY A 68 11.53 -7.18 -3.23
CA GLY A 68 12.76 -6.48 -3.54
C GLY A 68 12.76 -5.06 -3.01
N LEU A 69 12.26 -4.88 -1.80
CA LEU A 69 12.22 -3.56 -1.17
C LEU A 69 13.57 -2.87 -1.25
N ALA A 70 13.56 -1.55 -1.12
CA ALA A 70 14.79 -0.76 -1.18
C ALA A 70 14.68 0.50 -0.33
N VAL A 71 15.69 0.74 0.49
CA VAL A 71 15.71 1.91 1.35
C VAL A 71 15.21 3.16 0.62
N ALA A 72 15.31 3.12 -0.71
CA ALA A 72 14.88 4.24 -1.53
C ALA A 72 13.35 4.25 -1.69
N ASP A 73 12.78 3.06 -1.85
CA ASP A 73 11.34 2.92 -2.00
C ASP A 73 10.60 3.62 -0.86
N ALA A 74 11.22 3.64 0.32
CA ALA A 74 10.62 4.27 1.49
C ALA A 74 10.16 5.69 1.16
N GLY A 75 9.12 6.14 1.85
CA GLY A 75 8.60 7.48 1.62
C GLY A 75 7.19 7.65 2.13
N GLU A 76 6.22 7.40 1.24
CA GLU A 76 4.81 7.54 1.60
C GLU A 76 3.92 6.96 0.52
N TYR A 77 3.21 5.88 0.85
CA TYR A 77 2.32 5.22 -0.10
C TYR A 77 0.88 5.67 0.11
N SER A 78 0.13 5.76 -0.99
CA SER A 78 -1.27 6.18 -0.92
C SER A 78 -2.16 5.22 -1.69
N CYS A 79 -3.33 4.93 -1.13
CA CYS A 79 -4.27 4.02 -1.76
C CYS A 79 -5.52 4.75 -2.24
N VAL A 80 -5.66 4.88 -3.55
CA VAL A 80 -6.80 5.57 -4.14
C VAL A 80 -7.94 4.59 -4.45
N CYS A 81 -9.14 4.96 -4.02
CA CYS A 81 -10.31 4.11 -4.25
C CYS A 81 -11.33 4.82 -5.12
N GLY A 82 -11.31 6.15 -5.09
CA GLY A 82 -12.24 6.94 -5.87
C GLY A 82 -12.18 8.41 -5.55
N GLU A 83 -13.11 8.86 -4.70
CA GLU A 83 -13.15 10.27 -4.30
C GLU A 83 -12.26 10.52 -3.09
N GLU A 84 -11.96 9.46 -2.34
CA GLU A 84 -11.12 9.57 -1.17
C GLU A 84 -9.86 8.74 -1.32
N ARG A 85 -8.78 9.15 -0.64
CA ARG A 85 -7.52 8.46 -0.70
C ARG A 85 -6.77 8.56 0.62
N THR A 86 -6.13 7.46 1.02
CA THR A 86 -5.39 7.42 2.28
C THR A 86 -3.89 7.27 2.02
N SER A 87 -3.09 7.53 3.05
CA SER A 87 -1.64 7.43 2.93
C SER A 87 -1.04 6.79 4.18
N ALA A 88 0.16 6.23 4.03
CA ALA A 88 0.85 5.60 5.16
C ALA A 88 2.36 5.56 4.92
N THR A 89 3.10 6.30 5.74
CA THR A 89 4.55 6.35 5.63
C THR A 89 5.15 4.95 5.67
N LEU A 90 6.23 4.75 4.92
CA LEU A 90 6.90 3.46 4.87
C LEU A 90 8.39 3.61 5.14
N THR A 91 8.85 3.10 6.28
CA THR A 91 10.25 3.18 6.66
C THR A 91 10.99 1.90 6.28
N VAL A 92 12.08 2.05 5.54
CA VAL A 92 12.89 0.90 5.12
C VAL A 92 14.23 0.88 5.84
N LYS A 93 14.68 -0.31 6.20
CA LYS A 93 15.95 -0.48 6.89
C LYS A 93 16.99 -1.12 5.98
N ALA A 94 18.17 -1.39 6.52
CA ALA A 94 19.24 -2.00 5.76
C ALA A 94 19.47 -3.44 6.19
N LEU A 95 19.00 -4.39 5.38
CA LEU A 95 19.15 -5.80 5.68
C LEU A 95 20.61 -6.16 5.89
N PRO A 96 20.88 -7.08 6.83
CA PRO A 96 22.24 -7.53 7.13
C PRO A 96 22.84 -8.38 6.01
N SER A 97 23.74 -7.77 5.25
CA SER A 97 24.38 -8.47 4.13
C SER A 97 25.89 -8.61 4.38
N GLY A 98 26.53 -7.50 4.70
CA GLY A 98 27.96 -7.52 4.96
C GLY A 98 28.29 -7.95 6.37
N PRO A 99 28.56 -6.98 7.25
CA PRO A 99 28.90 -7.24 8.65
C PRO A 99 27.70 -7.76 9.45
N SER A 100 27.80 -9.00 9.92
CA SER A 100 26.73 -9.61 10.68
C SER A 100 26.98 -9.46 12.18
N SER A 101 25.90 -9.41 12.96
CA SER A 101 26.00 -9.27 14.40
C SER A 101 26.62 -10.52 15.03
N GLY A 102 27.59 -10.32 15.90
CA GLY A 102 28.24 -11.45 16.56
C GLY A 102 27.62 -11.78 17.90
#